data_7P2D
#
_entry.id   7P2D
#
_cell.length_a   114.100
_cell.length_b   114.100
_cell.length_c   250.120
_cell.angle_alpha   90.000
_cell.angle_beta   90.000
_cell.angle_gamma   120.000
#
_symmetry.space_group_name_H-M   'P 31 2 1'
#
loop_
_entity.id
_entity.type
_entity.pdbx_description
1 polymer 'Isoform 2 of Integrin alpha-M'
2 polymer 'Integrin beta'
3 polymer 'hCD11bNb1 nanobody'
4 branched 2-acetamido-2-deoxy-beta-D-glucopyranose-(1-4)-2-acetamido-2-deoxy-beta-D-glucopyranose
5 non-polymer 'CALCIUM ION'
6 non-polymer 2-acetamido-2-deoxy-beta-D-glucopyranose
#
loop_
_entity_poly.entity_id
_entity_poly.type
_entity_poly.pdbx_seq_one_letter_code
_entity_poly.pdbx_strand_id
1 'polypeptide(L)'
;FNLDTENAMTFQENARGFGQSVVQLQGSRVVVGAPQEIVAANQRGSLYQCDYSTGSCEPIRLQVPVEAVNMSLGLSLAAT
TSPPQLLACGPTVHQTCSENTYVKGLCFLFGSNLRQQPQKFPEALRGCPQEDSDIAFLIDGSGSIIPHDFRRMKEFVSTV
MEQLKKSKTLFSLMQYSEEFRIHFTFKEFQNNPNPRSLVKPITQLLGRTHTATGIRKVVRELFRITNGARKNAFKILVVI
TDGEKFGDPLGYEDVIPEADREGVIRYVIGVGDAFRSEKSRQELNTIASKPPRDHVFQVNNFEALKTIQNQLREKIFAIE
GTQTGSSSSFEHEMSQEGFSAAITSNGPLLSTVGSYDWAGGVFLYTSKEKSTFINMTRVDSDMNDAYLGYAAAIILRNRV
QSLVLGAPRYQHIGLVAMFRQNTGMWESNANVKGTQIGAYFGASLCSVDVDSNGSTDLVLIGAPHYYEQTRGGQVSVCPL
PRGQRARWQCDAVLYGEQGQPWGRFGAALTVLGDVNGDKLTDVAIGAPGEEDNRGAVYLFHGTSGSGISPSHSQRIAGSK
LSPRLQYFGQSLSGGQDLTMDGLVDLTVGAQGHVLLLRSQPVLRVKAIMEFNPREVARNVFECNDQVVKGKEAGEVRVCL
HVQKSTRDRLREGQIQSVVTYDLALDSGRPHSRAVFNETKRSTRRQTQVLGLTQTCETLKLQLPNCIEDPVSPIVLRLNF
SLVGTPLSAFGNLRPVLAEDAQRLFTALFPFEKNTGGLEVLFQ
;
A
2 'polypeptide(L)'
;QECTKFKVSSCRECIESGPGCTWCQKLNFTGPGDPDSIRCDTRPQLLMRGCAADDIMDPTSLAETQEDHNGGQKQLSPQK
VTLYLRPGQAAAFNVTFRRAKGYPIDLYYLMDLSYSMLDDLRNVKKLGGDLLRALNEITESGRIGFGSFVDKTVLPFVNT
HPDKLRNPCPNKEKECQPPFAFRHVLKLTNNSNQFQTEVGKQLISGNLDAPEGGLDAMMQVAACPEEIGWRNVTRLLVFA
TDDGFHFAGDGKLGAILTPNDGRCHLEDNLYKRSNEFDYPSVGQLAHKLAENNIQPIFAVTSRMVKTYEKLTEIIPKSAV
GELSEDSSNVVHLIKNAYNKLSSRVFLDHNALPDTLKVTYDSFCSNGVTHRNQPRGDCDGVQINVPITFQVKVTATECIQ
EQSFVIRALGFTDIVTVQVLPQCECRCRDQSRDRSLCHGKGFLECGICRCDTGYIGKNCEKNCEPAALQTLFQ
;
B
3 'polypeptide(L)'
;MQVQLVETGGGLVQAGGSLRLSCAASGNINSFNAMGWFRQAPGKQRELVAAITFGGRTNYADSVKGRFTISRDNTKGSVY
LQMNSLKPEDTAVYYCAASENNLLTGVWHYWGRGTQVTVSSLEHHHHHH
;
C
#
# COMPACT_ATOMS: atom_id res chain seq x y z
N PHE A 1 7.36 -6.06 29.38
CA PHE A 1 8.61 -6.65 29.84
C PHE A 1 8.37 -8.05 30.43
N ASN A 2 7.10 -8.44 30.52
CA ASN A 2 6.69 -9.67 31.20
C ASN A 2 6.02 -10.66 30.26
N LEU A 3 6.54 -10.83 29.05
CA LEU A 3 6.09 -11.91 28.18
C LEU A 3 7.03 -13.09 28.29
N ASP A 4 6.46 -14.27 28.53
CA ASP A 4 7.25 -15.48 28.70
C ASP A 4 7.83 -15.90 27.36
N THR A 5 9.15 -15.98 27.30
CA THR A 5 9.89 -16.39 26.12
C THR A 5 10.31 -17.85 26.16
N GLU A 6 10.78 -18.33 27.32
CA GLU A 6 11.24 -19.71 27.42
C GLU A 6 10.12 -20.72 27.23
N ASN A 7 8.97 -20.50 27.85
CA ASN A 7 7.88 -21.46 27.73
C ASN A 7 6.88 -21.02 26.66
N ALA A 8 7.37 -20.75 25.45
CA ALA A 8 6.51 -20.38 24.33
C ALA A 8 5.95 -21.63 23.66
N MET A 9 4.72 -21.50 23.16
CA MET A 9 4.03 -22.60 22.49
C MET A 9 3.96 -22.33 20.99
N THR A 10 4.63 -23.18 20.21
CA THR A 10 4.77 -22.99 18.77
C THR A 10 3.87 -23.95 18.02
N PHE A 11 3.10 -23.43 17.06
CA PHE A 11 2.28 -24.23 16.17
C PHE A 11 2.96 -24.32 14.80
N GLN A 12 2.85 -25.47 14.14
CA GLN A 12 3.50 -25.66 12.85
C GLN A 12 2.69 -26.65 12.01
N GLU A 13 2.65 -26.41 10.71
CA GLU A 13 1.97 -27.30 9.76
C GLU A 13 2.58 -27.02 8.39
N ASN A 14 2.60 -28.03 7.54
CA ASN A 14 3.14 -27.87 6.19
C ASN A 14 2.04 -27.35 5.27
N ALA A 15 1.97 -26.03 5.13
CA ALA A 15 1.03 -25.35 4.25
C ALA A 15 1.64 -24.00 3.91
N ARG A 16 1.86 -23.72 2.62
CA ARG A 16 2.51 -22.46 2.23
C ARG A 16 1.66 -21.27 2.64
N GLY A 17 2.28 -20.37 3.39
CA GLY A 17 1.60 -19.19 3.88
C GLY A 17 1.13 -19.26 5.31
N PHE A 18 1.41 -20.35 6.03
CA PHE A 18 0.91 -20.45 7.39
C PHE A 18 1.76 -19.55 8.30
N GLY A 19 1.06 -18.59 8.92
CA GLY A 19 1.64 -17.50 9.68
C GLY A 19 1.48 -16.14 9.04
N GLN A 20 0.89 -16.06 7.85
CA GLN A 20 0.76 -14.78 7.16
C GLN A 20 -0.46 -13.97 7.62
N SER A 21 -1.28 -14.51 8.52
CA SER A 21 -2.41 -13.79 9.11
C SER A 21 -2.87 -14.52 10.36
N VAL A 22 -2.81 -13.88 11.52
CA VAL A 22 -3.29 -14.49 12.76
C VAL A 22 -4.38 -13.62 13.35
N VAL A 23 -5.28 -14.26 14.10
CA VAL A 23 -6.35 -13.57 14.80
C VAL A 23 -6.77 -14.38 16.03
N GLN A 24 -6.80 -13.73 17.19
CA GLN A 24 -7.22 -14.39 18.41
C GLN A 24 -8.74 -14.55 18.45
N LEU A 25 -9.22 -15.79 18.44
CA LEU A 25 -10.61 -16.01 18.84
C LEU A 25 -10.76 -15.97 20.36
N GLN A 26 -12.02 -15.88 20.77
CA GLN A 26 -12.35 -15.76 22.20
C GLN A 26 -12.05 -17.04 22.95
N GLY A 27 -12.49 -18.19 22.42
CA GLY A 27 -12.45 -19.43 23.17
C GLY A 27 -11.17 -20.23 23.02
N SER A 28 -10.04 -19.65 23.48
CA SER A 28 -8.75 -20.34 23.59
C SER A 28 -8.22 -20.83 22.25
N ARG A 29 -8.56 -20.13 21.17
CA ARG A 29 -8.24 -20.57 19.81
C ARG A 29 -7.61 -19.43 19.03
N VAL A 30 -6.68 -19.78 18.16
CA VAL A 30 -6.04 -18.83 17.25
C VAL A 30 -6.32 -19.31 15.83
N VAL A 31 -6.95 -18.46 15.03
CA VAL A 31 -7.26 -18.78 13.64
C VAL A 31 -6.16 -18.20 12.77
N VAL A 32 -5.52 -19.06 11.98
CA VAL A 32 -4.44 -18.62 11.11
C VAL A 32 -4.80 -18.97 9.67
N GLY A 33 -4.49 -18.07 8.75
CA GLY A 33 -4.68 -18.31 7.34
C GLY A 33 -3.38 -18.78 6.69
N ALA A 34 -3.51 -19.71 5.74
CA ALA A 34 -2.40 -20.20 4.93
C ALA A 34 -2.75 -19.90 3.48
N PRO A 35 -2.50 -18.66 3.01
CA PRO A 35 -3.08 -18.23 1.73
C PRO A 35 -2.52 -18.93 0.50
N GLN A 36 -1.38 -19.61 0.59
CA GLN A 36 -0.77 -20.18 -0.61
C GLN A 36 -0.80 -21.70 -0.64
N GLU A 37 -1.68 -22.32 0.14
CA GLU A 37 -1.77 -23.78 0.17
C GLU A 37 -2.70 -24.25 -0.93
N ILE A 38 -2.21 -25.16 -1.76
CA ILE A 38 -3.01 -25.74 -2.85
C ILE A 38 -3.70 -26.96 -2.26
N VAL A 39 -4.90 -26.75 -1.71
CA VAL A 39 -5.70 -27.87 -1.22
C VAL A 39 -6.23 -28.70 -2.38
N ALA A 40 -6.68 -28.04 -3.44
CA ALA A 40 -7.14 -28.71 -4.65
C ALA A 40 -6.85 -27.81 -5.83
N ALA A 41 -6.91 -28.39 -7.03
CA ALA A 41 -6.79 -27.57 -8.24
C ALA A 41 -7.97 -26.62 -8.34
N ASN A 42 -7.70 -25.42 -8.85
CA ASN A 42 -8.61 -24.28 -8.93
C ASN A 42 -9.07 -23.78 -7.55
N GLN A 43 -8.30 -24.10 -6.50
CA GLN A 43 -8.51 -23.51 -5.19
C GLN A 43 -7.15 -23.16 -4.62
N ARG A 44 -7.04 -22.03 -3.94
CA ARG A 44 -5.82 -21.76 -3.21
C ARG A 44 -6.18 -21.17 -1.86
N GLY A 45 -5.37 -21.50 -0.86
CA GLY A 45 -5.56 -20.96 0.47
C GLY A 45 -6.47 -21.81 1.32
N SER A 46 -6.13 -21.91 2.60
CA SER A 46 -6.98 -22.60 3.56
C SER A 46 -6.78 -21.93 4.92
N LEU A 47 -7.61 -22.33 5.86
CA LEU A 47 -7.62 -21.76 7.19
C LEU A 47 -7.40 -22.86 8.23
N TYR A 48 -6.71 -22.53 9.32
CA TYR A 48 -6.55 -23.53 10.36
C TYR A 48 -6.92 -22.92 11.72
N GLN A 49 -7.35 -23.81 12.61
CA GLN A 49 -7.76 -23.51 13.98
C GLN A 49 -6.76 -24.14 14.94
N CYS A 50 -6.11 -23.32 15.75
CA CYS A 50 -5.08 -23.77 16.67
C CYS A 50 -5.54 -23.51 18.09
N ASP A 51 -5.60 -24.56 18.91
CA ASP A 51 -6.04 -24.45 20.29
C ASP A 51 -4.83 -24.47 21.22
N TYR A 52 -4.98 -23.84 22.38
CA TYR A 52 -3.90 -23.81 23.35
C TYR A 52 -3.71 -25.17 24.01
N SER A 53 -4.81 -25.84 24.37
CA SER A 53 -4.72 -27.15 25.01
C SER A 53 -4.18 -28.20 24.05
N THR A 54 -4.90 -28.44 22.96
CA THR A 54 -4.43 -29.34 21.91
C THR A 54 -3.41 -28.59 21.08
N GLY A 55 -2.12 -28.90 21.25
CA GLY A 55 -1.04 -28.14 20.64
C GLY A 55 -0.90 -28.25 19.13
N SER A 56 -1.85 -28.92 18.48
CA SER A 56 -1.88 -29.06 17.03
C SER A 56 -2.99 -28.19 16.45
N CYS A 57 -2.88 -27.92 15.17
CA CYS A 57 -3.87 -27.13 14.44
C CYS A 57 -4.73 -28.04 13.57
N GLU A 58 -5.96 -27.63 13.34
CA GLU A 58 -6.88 -28.43 12.54
C GLU A 58 -7.38 -27.60 11.37
N PRO A 59 -7.55 -28.20 10.19
CA PRO A 59 -8.06 -27.44 9.03
C PRO A 59 -9.50 -27.01 9.23
N ILE A 60 -9.92 -26.05 8.41
CA ILE A 60 -11.25 -25.48 8.49
C ILE A 60 -11.97 -25.77 7.17
N ARG A 61 -13.23 -26.17 7.29
CA ARG A 61 -14.06 -26.58 6.16
C ARG A 61 -14.23 -25.45 5.16
N LEU A 62 -14.08 -25.76 3.86
CA LEU A 62 -14.00 -24.76 2.81
C LEU A 62 -15.16 -24.92 1.84
N GLN A 63 -16.13 -24.01 1.95
CA GLN A 63 -17.36 -23.98 1.14
C GLN A 63 -17.17 -23.05 -0.07
N VAL A 64 -16.10 -23.35 -0.80
CA VAL A 64 -15.62 -22.44 -1.85
C VAL A 64 -16.47 -22.58 -3.10
N PRO A 65 -16.96 -21.49 -3.67
CA PRO A 65 -17.67 -21.56 -4.95
C PRO A 65 -16.75 -22.01 -6.08
N VAL A 66 -17.38 -22.51 -7.15
CA VAL A 66 -16.64 -23.12 -8.26
C VAL A 66 -15.75 -22.09 -8.94
N GLU A 67 -16.26 -20.88 -9.16
CA GLU A 67 -15.50 -19.84 -9.83
C GLU A 67 -14.83 -18.88 -8.83
N ALA A 68 -14.63 -19.35 -7.59
CA ALA A 68 -13.64 -18.74 -6.70
C ALA A 68 -12.32 -19.49 -6.90
N VAL A 69 -11.74 -19.27 -8.08
CA VAL A 69 -10.59 -20.03 -8.55
C VAL A 69 -9.30 -19.31 -8.15
N ASN A 70 -8.35 -20.08 -7.61
CA ASN A 70 -7.06 -19.60 -7.11
C ASN A 70 -7.24 -18.46 -6.11
N MET A 71 -8.05 -18.75 -5.09
CA MET A 71 -8.65 -17.73 -4.24
C MET A 71 -7.63 -17.04 -3.33
N SER A 72 -6.61 -17.78 -2.86
CA SER A 72 -5.72 -17.36 -1.78
C SER A 72 -6.49 -16.96 -0.53
N LEU A 73 -7.36 -17.87 -0.08
CA LEU A 73 -8.15 -17.65 1.12
C LEU A 73 -7.27 -17.65 2.36
N GLY A 74 -7.51 -16.68 3.25
CA GLY A 74 -6.76 -16.55 4.48
C GLY A 74 -5.77 -15.41 4.49
N LEU A 75 -5.75 -14.57 3.46
CA LEU A 75 -4.81 -13.45 3.44
C LEU A 75 -5.22 -12.36 4.42
N SER A 76 -6.52 -12.21 4.67
CA SER A 76 -7.04 -11.18 5.56
C SER A 76 -7.99 -11.80 6.57
N LEU A 77 -7.88 -11.38 7.83
CA LEU A 77 -8.67 -11.93 8.93
C LEU A 77 -9.10 -10.82 9.88
N ALA A 78 -10.22 -11.05 10.56
CA ALA A 78 -10.78 -10.15 11.56
C ALA A 78 -11.81 -10.91 12.38
N ALA A 79 -11.90 -10.58 13.67
CA ALA A 79 -12.86 -11.23 14.55
C ALA A 79 -13.33 -10.25 15.62
N THR A 80 -14.53 -10.50 16.15
CA THR A 80 -15.09 -9.75 17.25
C THR A 80 -15.21 -10.64 18.47
N THR A 81 -14.75 -10.15 19.62
CA THR A 81 -14.78 -10.97 20.82
C THR A 81 -16.17 -11.05 21.43
N SER A 82 -16.91 -9.92 21.48
CA SER A 82 -18.16 -9.94 22.23
C SER A 82 -19.27 -10.68 21.47
N PRO A 83 -19.56 -10.41 20.18
CA PRO A 83 -20.26 -11.44 19.40
C PRO A 83 -19.26 -12.36 18.69
N PRO A 84 -19.25 -13.66 18.99
CA PRO A 84 -18.27 -14.57 18.36
C PRO A 84 -18.45 -14.69 16.86
N GLN A 85 -17.47 -14.17 16.11
CA GLN A 85 -17.52 -14.06 14.66
C GLN A 85 -16.11 -14.20 14.11
N LEU A 86 -16.02 -14.56 12.82
CA LEU A 86 -14.75 -14.68 12.14
C LEU A 86 -14.92 -14.24 10.70
N LEU A 87 -14.10 -13.29 10.25
CA LEU A 87 -14.18 -12.75 8.89
C LEU A 87 -12.92 -13.14 8.14
N ALA A 88 -13.05 -14.11 7.24
CA ALA A 88 -11.93 -14.64 6.46
C ALA A 88 -12.14 -14.33 4.99
N CYS A 89 -11.14 -13.70 4.37
CA CYS A 89 -11.24 -13.23 3.00
C CYS A 89 -10.12 -13.81 2.15
N GLY A 90 -10.47 -14.23 0.93
CA GLY A 90 -9.47 -14.45 -0.08
C GLY A 90 -9.62 -13.47 -1.22
N PRO A 91 -8.76 -12.45 -1.25
CA PRO A 91 -8.91 -11.41 -2.27
C PRO A 91 -8.17 -11.65 -3.57
N THR A 92 -8.13 -12.87 -4.11
CA THR A 92 -7.55 -13.08 -5.45
C THR A 92 -8.36 -14.07 -6.26
N VAL A 93 -9.70 -13.98 -6.25
CA VAL A 93 -10.47 -14.90 -7.09
C VAL A 93 -10.32 -14.50 -8.55
N HIS A 94 -10.00 -15.49 -9.38
CA HIS A 94 -9.73 -15.28 -10.80
C HIS A 94 -10.98 -15.64 -11.59
N GLN A 95 -11.52 -14.66 -12.33
CA GLN A 95 -12.62 -14.89 -13.25
C GLN A 95 -12.07 -14.76 -14.66
N THR A 96 -11.85 -15.89 -15.31
CA THR A 96 -11.30 -15.91 -16.66
C THR A 96 -12.44 -15.87 -17.67
N CYS A 97 -13.00 -14.68 -17.84
CA CYS A 97 -13.93 -14.42 -18.93
C CYS A 97 -13.22 -14.53 -20.27
N SER A 98 -14.01 -14.58 -21.34
CA SER A 98 -13.44 -14.48 -22.68
C SER A 98 -12.83 -13.10 -22.85
N GLU A 99 -11.58 -13.07 -23.33
CA GLU A 99 -10.66 -11.96 -23.65
C GLU A 99 -10.19 -11.14 -22.44
N ASN A 100 -10.64 -11.42 -21.22
CA ASN A 100 -10.11 -10.75 -20.03
C ASN A 100 -10.27 -11.63 -18.80
N THR A 101 -9.29 -11.52 -17.89
CA THR A 101 -9.43 -12.04 -16.55
C THR A 101 -9.49 -10.89 -15.56
N TYR A 102 -10.10 -11.16 -14.41
CA TYR A 102 -10.33 -10.16 -13.38
C TYR A 102 -9.97 -10.75 -12.02
N VAL A 103 -9.37 -9.92 -11.16
CA VAL A 103 -9.05 -10.35 -9.81
C VAL A 103 -10.01 -9.63 -8.86
N LYS A 104 -10.78 -10.41 -8.10
CA LYS A 104 -11.79 -9.88 -7.21
C LYS A 104 -11.59 -10.54 -5.85
N GLY A 105 -12.51 -10.26 -4.92
CA GLY A 105 -12.38 -10.77 -3.58
C GLY A 105 -13.66 -11.40 -3.07
N LEU A 106 -13.49 -12.27 -2.09
CA LEU A 106 -14.61 -12.99 -1.50
C LEU A 106 -14.30 -13.26 -0.04
N CYS A 107 -15.29 -13.08 0.82
CA CYS A 107 -15.11 -13.18 2.26
C CYS A 107 -16.12 -14.14 2.85
N PHE A 108 -15.94 -14.48 4.13
CA PHE A 108 -16.78 -15.44 4.82
C PHE A 108 -16.90 -15.02 6.28
N LEU A 109 -18.14 -14.85 6.76
CA LEU A 109 -18.43 -14.36 8.11
C LEU A 109 -18.89 -15.54 8.98
N PHE A 110 -17.93 -16.23 9.59
CA PHE A 110 -18.25 -17.36 10.46
C PHE A 110 -18.86 -16.85 11.77
N GLY A 111 -19.42 -17.78 12.54
CA GLY A 111 -20.01 -17.42 13.81
C GLY A 111 -19.28 -17.98 15.00
N SER A 112 -20.02 -18.63 15.91
CA SER A 112 -19.41 -19.25 17.07
C SER A 112 -18.66 -20.54 16.72
N ASN A 113 -19.00 -21.18 15.60
CA ASN A 113 -18.54 -22.52 15.29
C ASN A 113 -18.21 -22.57 13.80
N LEU A 114 -17.63 -23.69 13.34
CA LEU A 114 -17.08 -23.71 12.00
C LEU A 114 -17.71 -24.69 11.02
N ARG A 115 -18.49 -25.67 11.47
CA ARG A 115 -19.14 -26.51 10.47
C ARG A 115 -20.38 -25.84 9.89
N GLN A 116 -20.93 -24.84 10.59
CA GLN A 116 -21.95 -23.98 10.00
C GLN A 116 -21.33 -23.09 8.93
N GLN A 117 -21.80 -23.27 7.69
CA GLN A 117 -21.30 -22.50 6.57
C GLN A 117 -21.72 -21.03 6.73
N PRO A 118 -20.81 -20.10 6.47
CA PRO A 118 -21.05 -18.71 6.84
C PRO A 118 -21.84 -17.89 5.83
N GLN A 119 -21.95 -16.60 6.13
CA GLN A 119 -22.56 -15.64 5.24
C GLN A 119 -21.52 -15.17 4.23
N LYS A 120 -21.78 -15.43 2.95
CA LYS A 120 -20.85 -15.06 1.90
C LYS A 120 -20.90 -13.55 1.66
N PHE A 121 -19.72 -12.92 1.61
CA PHE A 121 -19.62 -11.48 1.34
C PHE A 121 -18.62 -11.26 0.21
N PRO A 122 -19.05 -10.79 -0.96
CA PRO A 122 -20.45 -10.59 -1.35
C PRO A 122 -21.13 -11.91 -1.70
N GLU A 123 -22.46 -11.97 -1.47
CA GLU A 123 -23.24 -13.16 -1.81
C GLU A 123 -23.12 -13.50 -3.28
N ALA A 124 -23.20 -12.50 -4.14
CA ALA A 124 -22.98 -12.67 -5.57
C ALA A 124 -21.67 -12.00 -5.95
N LEU A 125 -20.80 -12.75 -6.61
CA LEU A 125 -19.64 -12.15 -7.26
C LEU A 125 -20.13 -11.22 -8.36
N ARG A 126 -19.34 -10.15 -8.60
CA ARG A 126 -19.80 -9.04 -9.44
C ARG A 126 -20.08 -9.50 -10.87
N GLY A 127 -19.25 -10.40 -11.38
CA GLY A 127 -19.60 -11.17 -12.55
C GLY A 127 -18.87 -10.70 -13.79
N CYS A 128 -19.07 -11.47 -14.84
CA CYS A 128 -18.47 -11.15 -16.12
C CYS A 128 -19.19 -9.93 -16.70
N PRO A 129 -18.46 -8.90 -17.14
CA PRO A 129 -19.12 -7.85 -17.92
C PRO A 129 -19.63 -8.43 -19.22
N GLN A 130 -20.83 -8.00 -19.62
CA GLN A 130 -21.41 -8.48 -20.86
C GLN A 130 -20.59 -7.99 -22.05
N GLU A 131 -20.59 -8.79 -23.11
CA GLU A 131 -19.74 -8.54 -24.25
C GLU A 131 -20.61 -8.21 -25.45
N ASP A 132 -20.30 -7.10 -26.12
CA ASP A 132 -20.98 -6.53 -27.29
C ASP A 132 -22.39 -6.03 -26.96
N SER A 133 -22.94 -5.16 -27.81
CA SER A 133 -24.19 -4.48 -27.52
C SER A 133 -25.14 -4.57 -28.70
N ASP A 134 -26.41 -4.87 -28.41
CA ASP A 134 -27.48 -4.89 -29.40
C ASP A 134 -28.40 -3.71 -29.10
N ILE A 135 -28.41 -2.71 -29.98
CA ILE A 135 -29.14 -1.48 -29.77
C ILE A 135 -30.28 -1.42 -30.78
N ALA A 136 -31.51 -1.33 -30.26
CA ALA A 136 -32.70 -1.26 -31.09
C ALA A 136 -33.30 0.14 -31.02
N PHE A 137 -33.91 0.59 -32.11
CA PHE A 137 -34.64 1.85 -32.06
C PHE A 137 -36.12 1.61 -32.33
N LEU A 138 -36.94 2.44 -31.71
CA LEU A 138 -38.39 2.41 -31.85
C LEU A 138 -38.85 3.86 -32.06
N ILE A 139 -39.23 4.21 -33.28
CA ILE A 139 -39.49 5.61 -33.63
C ILE A 139 -40.96 5.81 -33.96
N ASP A 140 -41.52 6.91 -33.47
CA ASP A 140 -42.93 7.23 -33.67
C ASP A 140 -43.16 7.64 -35.12
N GLY A 141 -44.16 7.03 -35.75
CA GLY A 141 -44.56 7.42 -37.09
C GLY A 141 -46.01 7.86 -37.13
N SER A 142 -46.46 8.56 -36.09
CA SER A 142 -47.82 9.07 -36.10
C SER A 142 -47.97 10.23 -37.08
N GLY A 143 -49.21 10.54 -37.43
CA GLY A 143 -49.49 11.68 -38.29
C GLY A 143 -49.18 13.02 -37.64
N SER A 144 -49.00 13.03 -36.32
CA SER A 144 -48.55 14.23 -35.61
C SER A 144 -47.15 14.65 -36.05
N ILE A 145 -46.33 13.71 -36.52
CA ILE A 145 -44.97 14.00 -36.90
C ILE A 145 -44.99 14.58 -38.31
N ILE A 146 -44.55 15.84 -38.45
CA ILE A 146 -44.60 16.54 -39.73
C ILE A 146 -43.46 16.02 -40.59
N PRO A 147 -43.56 16.06 -41.93
CA PRO A 147 -42.54 15.40 -42.78
C PRO A 147 -41.11 15.93 -42.65
N HIS A 148 -40.94 17.24 -42.44
CA HIS A 148 -39.59 17.78 -42.28
C HIS A 148 -38.97 17.30 -40.99
N ASP A 149 -39.76 17.24 -39.91
CA ASP A 149 -39.26 16.73 -38.64
C ASP A 149 -39.02 15.23 -38.68
N PHE A 150 -39.78 14.51 -39.50
CA PHE A 150 -39.58 13.07 -39.61
C PHE A 150 -38.21 12.75 -40.17
N ARG A 151 -37.74 13.53 -41.13
CA ARG A 151 -36.39 13.35 -41.64
C ARG A 151 -35.33 13.83 -40.66
N ARG A 152 -35.70 14.79 -39.79
CA ARG A 152 -34.81 15.17 -38.69
C ARG A 152 -34.63 14.02 -37.72
N MET A 153 -35.71 13.29 -37.44
CA MET A 153 -35.61 12.12 -36.57
C MET A 153 -34.81 11.01 -37.22
N LYS A 154 -34.96 10.82 -38.54
CA LYS A 154 -34.14 9.85 -39.26
C LYS A 154 -32.67 10.24 -39.25
N GLU A 155 -32.38 11.54 -39.35
CA GLU A 155 -31.00 12.01 -39.32
C GLU A 155 -30.41 11.87 -37.92
N PHE A 156 -31.25 12.06 -36.90
CA PHE A 156 -30.86 11.82 -35.51
C PHE A 156 -30.42 10.37 -35.31
N VAL A 157 -31.21 9.42 -35.81
CA VAL A 157 -30.90 8.01 -35.68
C VAL A 157 -29.63 7.66 -36.43
N SER A 158 -29.47 8.20 -37.64
CA SER A 158 -28.31 7.90 -38.48
C SER A 158 -27.01 8.40 -37.84
N THR A 159 -27.03 9.63 -37.32
CA THR A 159 -25.81 10.19 -36.71
C THR A 159 -25.45 9.48 -35.42
N VAL A 160 -26.45 9.15 -34.59
CA VAL A 160 -26.21 8.41 -33.35
C VAL A 160 -25.66 7.02 -33.64
N MET A 161 -26.21 6.34 -34.67
CA MET A 161 -25.65 5.06 -35.10
C MET A 161 -24.23 5.21 -35.63
N GLU A 162 -23.96 6.30 -36.35
CA GLU A 162 -22.59 6.61 -36.76
C GLU A 162 -21.70 6.89 -35.56
N GLN A 163 -22.24 7.54 -34.52
CA GLN A 163 -21.46 7.84 -33.33
C GLN A 163 -21.28 6.64 -32.41
N LEU A 164 -22.28 5.75 -32.32
CA LEU A 164 -22.20 4.64 -31.38
C LEU A 164 -21.47 3.43 -31.94
N LYS A 165 -21.16 3.39 -33.23
CA LYS A 165 -20.49 2.22 -33.79
C LYS A 165 -18.98 2.37 -33.61
N LYS A 166 -18.54 2.17 -32.36
CA LYS A 166 -17.10 2.15 -32.10
C LYS A 166 -16.48 0.86 -32.61
N SER A 167 -17.03 -0.28 -32.18
CA SER A 167 -16.63 -1.61 -32.65
C SER A 167 -17.67 -2.62 -32.17
N LYS A 168 -17.98 -3.59 -33.04
CA LYS A 168 -18.80 -4.77 -32.71
C LYS A 168 -20.20 -4.40 -32.23
N THR A 169 -20.84 -3.44 -32.88
CA THR A 169 -22.19 -3.01 -32.49
C THR A 169 -23.18 -3.38 -33.58
N LEU A 170 -24.32 -3.93 -33.18
CA LEU A 170 -25.42 -4.23 -34.08
C LEU A 170 -26.60 -3.32 -33.79
N PHE A 171 -27.28 -2.88 -34.85
CA PHE A 171 -28.37 -1.91 -34.73
C PHE A 171 -29.64 -2.43 -35.41
N SER A 172 -30.78 -1.96 -34.92
CA SER A 172 -32.09 -2.27 -35.49
C SER A 172 -33.03 -1.10 -35.28
N LEU A 173 -34.04 -1.02 -36.15
CA LEU A 173 -35.01 0.06 -36.13
C LEU A 173 -36.38 -0.45 -36.54
N MET A 174 -37.40 0.04 -35.84
CA MET A 174 -38.80 -0.30 -36.10
C MET A 174 -39.64 0.95 -35.97
N GLN A 175 -40.24 1.41 -37.06
CA GLN A 175 -41.26 2.43 -36.86
C GLN A 175 -42.51 1.81 -36.26
N TYR A 176 -43.37 2.69 -35.80
CA TYR A 176 -44.42 2.34 -34.88
C TYR A 176 -45.52 3.31 -35.29
N SER A 177 -46.70 2.78 -35.55
CA SER A 177 -47.86 3.60 -35.83
C SER A 177 -49.03 2.75 -35.39
N GLU A 178 -50.20 2.96 -35.99
CA GLU A 178 -51.24 1.95 -36.04
C GLU A 178 -50.68 0.54 -36.27
N GLU A 179 -49.78 0.39 -37.24
CA GLU A 179 -49.04 -0.84 -37.47
C GLU A 179 -47.55 -0.59 -37.36
N PHE A 180 -46.80 -1.68 -37.23
CA PHE A 180 -45.41 -1.63 -36.81
C PHE A 180 -44.55 -2.25 -37.88
N ARG A 181 -43.37 -1.67 -38.09
CA ARG A 181 -42.73 -1.72 -39.39
C ARG A 181 -41.24 -2.01 -39.21
N ILE A 182 -40.84 -3.26 -39.43
CA ILE A 182 -39.46 -3.67 -39.25
C ILE A 182 -38.67 -3.21 -40.48
N HIS A 183 -37.86 -2.17 -40.32
CA HIS A 183 -37.10 -1.68 -41.47
C HIS A 183 -35.77 -2.39 -41.65
N PHE A 184 -35.01 -2.60 -40.58
CA PHE A 184 -33.84 -3.46 -40.67
C PHE A 184 -33.56 -4.13 -39.34
N THR A 185 -33.12 -5.39 -39.41
CA THR A 185 -32.79 -6.20 -38.25
C THR A 185 -31.32 -6.02 -37.89
N PHE A 186 -30.92 -6.64 -36.77
CA PHE A 186 -29.51 -6.66 -36.39
C PHE A 186 -28.68 -7.43 -37.42
N LYS A 187 -29.24 -8.51 -37.95
CA LYS A 187 -28.59 -9.30 -38.99
C LYS A 187 -28.41 -8.49 -40.28
N GLU A 188 -29.45 -7.74 -40.66
CA GLU A 188 -29.37 -6.90 -41.86
C GLU A 188 -28.40 -5.74 -41.68
N PHE A 189 -28.26 -5.22 -40.46
CA PHE A 189 -27.24 -4.21 -40.22
C PHE A 189 -25.84 -4.81 -40.30
N GLN A 190 -25.67 -6.06 -39.85
CA GLN A 190 -24.37 -6.71 -39.91
C GLN A 190 -23.91 -6.95 -41.34
N ASN A 191 -24.86 -7.21 -42.24
CA ASN A 191 -24.51 -7.44 -43.64
C ASN A 191 -24.30 -6.14 -44.40
N ASN A 192 -24.94 -5.05 -43.98
CA ASN A 192 -24.80 -3.75 -44.61
C ASN A 192 -24.64 -2.69 -43.52
N PRO A 193 -23.42 -2.50 -43.00
CA PRO A 193 -23.24 -1.61 -41.86
C PRO A 193 -23.12 -0.13 -42.25
N ASN A 194 -24.11 0.35 -42.99
CA ASN A 194 -24.21 1.75 -43.39
C ASN A 194 -25.54 2.25 -42.85
N PRO A 195 -25.52 3.05 -41.78
CA PRO A 195 -26.80 3.52 -41.20
C PRO A 195 -27.62 4.37 -42.15
N ARG A 196 -27.00 5.26 -42.90
CA ARG A 196 -27.75 6.14 -43.79
C ARG A 196 -28.36 5.38 -44.96
N SER A 197 -27.65 4.36 -45.46
CA SER A 197 -28.20 3.52 -46.53
C SER A 197 -29.46 2.78 -46.06
N LEU A 198 -29.50 2.39 -44.79
CA LEU A 198 -30.66 1.69 -44.26
C LEU A 198 -31.78 2.66 -43.85
N VAL A 199 -31.42 3.90 -43.50
CA VAL A 199 -32.40 4.82 -42.92
C VAL A 199 -33.01 5.76 -43.97
N LYS A 200 -32.21 6.25 -44.92
CA LYS A 200 -32.70 7.21 -45.93
C LYS A 200 -33.92 6.77 -46.75
N PRO A 201 -34.05 5.54 -47.28
CA PRO A 201 -35.23 5.25 -48.10
C PRO A 201 -36.52 5.03 -47.32
N ILE A 202 -36.47 5.08 -45.99
CA ILE A 202 -37.65 4.82 -45.16
C ILE A 202 -38.66 5.97 -45.31
N THR A 203 -39.92 5.61 -45.52
CA THR A 203 -41.00 6.58 -45.62
C THR A 203 -41.85 6.56 -44.36
N GLN A 204 -42.50 7.70 -44.12
CA GLN A 204 -43.21 7.91 -42.87
C GLN A 204 -44.56 7.20 -42.87
N LEU A 205 -44.83 6.43 -41.81
CA LEU A 205 -46.16 5.90 -41.57
C LEU A 205 -47.08 7.03 -41.12
N LEU A 206 -48.38 6.75 -41.03
CA LEU A 206 -49.31 7.76 -40.54
C LEU A 206 -50.42 7.08 -39.73
N GLY A 207 -50.78 7.68 -38.60
CA GLY A 207 -51.98 7.25 -37.89
C GLY A 207 -51.84 7.40 -36.38
N ARG A 208 -52.51 6.48 -35.67
CA ARG A 208 -52.63 6.46 -34.21
C ARG A 208 -51.38 5.90 -33.55
N THR A 209 -51.04 6.49 -32.40
CA THR A 209 -49.79 6.23 -31.68
C THR A 209 -49.96 5.03 -30.76
N HIS A 210 -49.60 3.84 -31.26
CA HIS A 210 -49.71 2.60 -30.48
C HIS A 210 -48.35 2.27 -29.87
N THR A 211 -48.02 2.97 -28.78
CA THR A 211 -46.68 2.88 -28.22
C THR A 211 -46.46 1.56 -27.49
N ALA A 212 -47.47 1.05 -26.79
CA ALA A 212 -47.30 -0.12 -25.94
C ALA A 212 -47.06 -1.39 -26.77
N THR A 213 -47.89 -1.61 -27.80
CA THR A 213 -47.73 -2.79 -28.64
C THR A 213 -46.44 -2.74 -29.44
N GLY A 214 -45.97 -1.53 -29.79
CA GLY A 214 -44.69 -1.38 -30.46
C GLY A 214 -43.52 -1.81 -29.59
N ILE A 215 -43.59 -1.52 -28.28
CA ILE A 215 -42.58 -2.00 -27.34
C ILE A 215 -42.60 -3.51 -27.27
N ARG A 216 -43.79 -4.11 -27.32
CA ARG A 216 -43.92 -5.57 -27.27
C ARG A 216 -43.31 -6.24 -28.50
N LYS A 217 -43.52 -5.67 -29.69
CA LYS A 217 -42.94 -6.27 -30.89
C LYS A 217 -41.43 -6.07 -30.97
N VAL A 218 -40.90 -5.02 -30.32
CA VAL A 218 -39.45 -4.88 -30.20
C VAL A 218 -38.86 -5.99 -29.36
N VAL A 219 -39.50 -6.27 -28.21
CA VAL A 219 -39.03 -7.32 -27.32
C VAL A 219 -39.17 -8.70 -27.97
N ARG A 220 -40.28 -8.95 -28.65
CA ARG A 220 -40.50 -10.27 -29.24
C ARG A 220 -39.81 -10.39 -30.60
N GLU A 221 -40.24 -9.59 -31.59
CA GLU A 221 -39.81 -9.83 -32.96
C GLU A 221 -38.44 -9.23 -33.23
N LEU A 222 -38.16 -8.05 -32.70
CA LEU A 222 -36.93 -7.35 -33.05
C LEU A 222 -35.73 -7.88 -32.25
N PHE A 223 -35.92 -8.13 -30.95
CA PHE A 223 -34.91 -8.81 -30.12
C PHE A 223 -35.09 -10.32 -30.22
N ARG A 224 -34.71 -10.85 -31.36
CA ARG A 224 -34.87 -12.27 -31.57
C ARG A 224 -33.64 -12.78 -32.32
N ILE A 225 -33.10 -13.92 -31.86
CA ILE A 225 -31.83 -14.45 -32.36
C ILE A 225 -31.92 -14.88 -33.82
N THR A 226 -33.13 -15.15 -34.31
CA THR A 226 -33.35 -15.36 -35.73
C THR A 226 -33.17 -14.08 -36.53
N ASN A 227 -33.30 -12.91 -35.90
CA ASN A 227 -33.10 -11.63 -36.54
C ASN A 227 -31.76 -10.99 -36.19
N GLY A 228 -30.83 -11.74 -35.57
CA GLY A 228 -29.48 -11.29 -35.40
C GLY A 228 -29.08 -10.77 -34.04
N ALA A 229 -30.00 -10.79 -33.06
CA ALA A 229 -29.63 -10.43 -31.70
C ALA A 229 -28.73 -11.51 -31.10
N ARG A 230 -27.73 -11.07 -30.35
CA ARG A 230 -26.70 -11.96 -29.81
C ARG A 230 -26.98 -12.20 -28.33
N LYS A 231 -26.83 -13.45 -27.91
CA LYS A 231 -27.10 -13.81 -26.52
C LYS A 231 -26.03 -13.22 -25.61
N ASN A 232 -26.46 -12.85 -24.39
CA ASN A 232 -25.69 -12.19 -23.33
C ASN A 232 -25.18 -10.81 -23.76
N ALA A 233 -25.68 -10.25 -24.86
CA ALA A 233 -25.30 -8.91 -25.23
C ALA A 233 -26.11 -7.89 -24.44
N PHE A 234 -25.63 -6.66 -24.42
CA PHE A 234 -26.42 -5.56 -23.90
C PHE A 234 -27.61 -5.32 -24.82
N LYS A 235 -28.81 -5.24 -24.23
CA LYS A 235 -30.03 -5.00 -24.98
C LYS A 235 -30.53 -3.60 -24.61
N ILE A 236 -30.44 -2.68 -25.57
CA ILE A 236 -30.80 -1.28 -25.37
C ILE A 236 -31.87 -0.92 -26.39
N LEU A 237 -32.95 -0.30 -25.92
CA LEU A 237 -33.99 0.24 -26.79
C LEU A 237 -34.09 1.74 -26.57
N VAL A 238 -34.03 2.49 -27.66
CA VAL A 238 -34.24 3.93 -27.65
C VAL A 238 -35.58 4.21 -28.32
N VAL A 239 -36.53 4.74 -27.55
CA VAL A 239 -37.85 5.07 -28.06
C VAL A 239 -37.91 6.58 -28.27
N ILE A 240 -38.26 6.98 -29.49
CA ILE A 240 -38.50 8.38 -29.82
C ILE A 240 -39.99 8.51 -30.08
N THR A 241 -40.69 9.22 -29.20
CA THR A 241 -42.14 9.28 -29.25
C THR A 241 -42.61 10.72 -29.11
N ASP A 242 -43.79 10.98 -29.69
CA ASP A 242 -44.50 12.22 -29.41
C ASP A 242 -45.15 12.19 -28.03
N GLY A 243 -45.17 11.01 -27.39
CA GLY A 243 -45.49 10.86 -25.99
C GLY A 243 -46.95 10.79 -25.63
N GLU A 244 -47.83 10.61 -26.62
CA GLU A 244 -49.27 10.53 -26.37
C GLU A 244 -49.77 9.24 -27.00
N LYS A 245 -49.76 8.16 -26.21
CA LYS A 245 -50.30 6.88 -26.62
C LYS A 245 -51.80 7.02 -26.88
N PHE A 246 -52.24 6.65 -28.08
CA PHE A 246 -53.65 6.70 -28.43
C PHE A 246 -54.06 5.44 -29.18
N GLY A 247 -55.21 4.88 -28.80
CA GLY A 247 -55.85 3.82 -29.57
C GLY A 247 -55.22 2.45 -29.45
N ASP A 248 -54.23 2.27 -28.60
CA ASP A 248 -53.55 0.99 -28.46
C ASP A 248 -54.36 0.10 -27.52
N PRO A 249 -54.70 -1.13 -27.93
CA PRO A 249 -55.45 -2.03 -27.04
C PRO A 249 -54.69 -2.45 -25.78
N LEU A 250 -53.38 -2.26 -25.72
CA LEU A 250 -52.59 -2.66 -24.56
C LEU A 250 -52.13 -1.43 -23.80
N GLY A 251 -52.11 -1.55 -22.47
CA GLY A 251 -51.58 -0.50 -21.63
C GLY A 251 -50.11 -0.69 -21.32
N TYR A 252 -49.52 0.30 -20.65
CA TYR A 252 -48.12 0.21 -20.24
C TYR A 252 -47.89 -0.87 -19.19
N GLU A 253 -48.94 -1.27 -18.45
CA GLU A 253 -48.82 -2.30 -17.42
C GLU A 253 -48.44 -3.66 -17.99
N ASP A 254 -48.67 -3.90 -19.27
CA ASP A 254 -48.45 -5.20 -19.89
C ASP A 254 -47.06 -5.35 -20.47
N VAL A 255 -46.62 -4.38 -21.27
CA VAL A 255 -45.44 -4.59 -22.10
C VAL A 255 -44.14 -4.21 -21.39
N ILE A 256 -44.19 -3.31 -20.42
CA ILE A 256 -43.02 -2.90 -19.63
C ILE A 256 -42.49 -4.04 -18.74
N PRO A 257 -43.31 -4.83 -18.00
CA PRO A 257 -42.72 -5.98 -17.28
C PRO A 257 -42.08 -7.03 -18.18
N GLU A 258 -42.63 -7.29 -19.36
CA GLU A 258 -41.98 -8.23 -20.28
C GLU A 258 -40.71 -7.62 -20.89
N ALA A 259 -40.67 -6.29 -21.01
CA ALA A 259 -39.43 -5.64 -21.43
C ALA A 259 -38.34 -5.80 -20.38
N ASP A 260 -38.71 -5.79 -19.10
CA ASP A 260 -37.72 -5.91 -18.04
C ASP A 260 -37.25 -7.34 -17.80
N ARG A 261 -38.08 -8.35 -18.09
CA ARG A 261 -37.62 -9.73 -17.91
C ARG A 261 -36.55 -10.10 -18.94
N GLU A 262 -36.59 -9.48 -20.12
CA GLU A 262 -35.56 -9.69 -21.13
C GLU A 262 -34.35 -8.78 -20.92
N GLY A 263 -34.39 -7.91 -19.92
CA GLY A 263 -33.24 -7.07 -19.61
C GLY A 263 -33.04 -5.89 -20.54
N VAL A 264 -34.11 -5.41 -21.16
CA VAL A 264 -34.00 -4.34 -22.16
C VAL A 264 -33.96 -3.00 -21.44
N ILE A 265 -32.83 -2.30 -21.53
CA ILE A 265 -32.69 -0.98 -20.93
C ILE A 265 -33.27 0.05 -21.90
N ARG A 266 -34.19 0.89 -21.39
CA ARG A 266 -35.05 1.71 -22.21
C ARG A 266 -34.68 3.18 -22.03
N TYR A 267 -34.36 3.84 -23.14
CA TYR A 267 -34.16 5.28 -23.18
C TYR A 267 -35.31 5.92 -23.93
N VAL A 268 -35.75 7.08 -23.47
CA VAL A 268 -36.85 7.81 -24.09
C VAL A 268 -36.37 9.22 -24.43
N ILE A 269 -36.57 9.62 -25.67
CA ILE A 269 -36.36 11.00 -26.10
C ILE A 269 -37.75 11.61 -26.34
N GLY A 270 -38.15 12.52 -25.52
CA GLY A 270 -39.46 13.15 -25.62
C GLY A 270 -39.37 14.46 -26.38
N VAL A 271 -40.10 14.53 -27.48
CA VAL A 271 -39.92 15.61 -28.47
C VAL A 271 -41.19 16.44 -28.59
N GLY A 272 -41.02 17.75 -28.68
CA GLY A 272 -42.08 18.67 -29.01
C GLY A 272 -42.68 19.37 -27.80
N ASP A 273 -43.71 20.17 -28.09
CA ASP A 273 -44.43 20.94 -27.06
C ASP A 273 -45.33 20.06 -26.20
N ALA A 274 -45.43 18.76 -26.49
CA ALA A 274 -46.32 17.87 -25.76
C ALA A 274 -45.93 17.72 -24.29
N PHE A 275 -44.68 17.99 -23.92
CA PHE A 275 -44.18 17.68 -22.59
C PHE A 275 -43.87 18.93 -21.77
N ARG A 276 -44.42 20.07 -22.17
CA ARG A 276 -44.29 21.25 -21.31
C ARG A 276 -45.13 21.09 -20.05
N SER A 277 -46.21 20.30 -20.13
CA SER A 277 -46.95 19.87 -18.96
C SER A 277 -46.20 18.76 -18.23
N GLU A 278 -46.32 18.75 -16.90
CA GLU A 278 -45.60 17.77 -16.10
C GLU A 278 -46.26 16.39 -16.19
N LYS A 279 -47.56 16.33 -16.45
CA LYS A 279 -48.27 15.07 -16.56
C LYS A 279 -47.77 14.24 -17.74
N SER A 280 -47.53 14.88 -18.88
CA SER A 280 -47.02 14.17 -20.05
C SER A 280 -45.59 13.71 -19.84
N ARG A 281 -44.80 14.46 -19.05
CA ARG A 281 -43.42 14.09 -18.80
C ARG A 281 -43.33 12.90 -17.85
N GLN A 282 -44.34 12.73 -16.98
CA GLN A 282 -44.40 11.56 -16.12
C GLN A 282 -44.72 10.29 -16.92
N GLU A 283 -45.46 10.43 -18.03
CA GLU A 283 -45.69 9.29 -18.92
C GLU A 283 -44.41 8.86 -19.62
N LEU A 284 -43.50 9.81 -19.90
CA LEU A 284 -42.18 9.45 -20.40
C LEU A 284 -41.39 8.68 -19.36
N ASN A 285 -41.53 9.05 -18.09
CA ASN A 285 -40.84 8.35 -17.01
C ASN A 285 -41.35 6.93 -16.86
N THR A 286 -42.62 6.69 -17.21
CA THR A 286 -43.20 5.35 -17.15
C THR A 286 -42.56 4.42 -18.17
N ILE A 287 -42.24 4.93 -19.37
CA ILE A 287 -41.69 4.09 -20.42
C ILE A 287 -40.26 3.67 -20.08
N ALA A 288 -39.44 4.60 -19.60
CA ALA A 288 -38.02 4.37 -19.48
C ALA A 288 -37.66 3.62 -18.21
N SER A 289 -36.43 3.10 -18.17
CA SER A 289 -35.89 2.47 -16.99
C SER A 289 -35.61 3.51 -15.90
N LYS A 290 -35.56 3.04 -14.67
CA LYS A 290 -35.38 3.84 -13.45
C LYS A 290 -33.89 4.02 -13.15
N PRO A 291 -33.43 5.22 -12.76
CA PRO A 291 -34.16 6.48 -12.60
C PRO A 291 -34.47 7.18 -13.91
N PRO A 292 -35.63 7.83 -13.97
CA PRO A 292 -36.03 8.52 -15.21
C PRO A 292 -35.12 9.65 -15.64
N ARG A 293 -34.46 10.34 -14.69
CA ARG A 293 -33.65 11.51 -15.02
C ARG A 293 -32.48 11.15 -15.93
N ASP A 294 -31.90 9.97 -15.72
CA ASP A 294 -30.83 9.51 -16.60
C ASP A 294 -31.38 9.08 -17.96
N HIS A 295 -32.58 8.49 -17.98
CA HIS A 295 -33.11 7.85 -19.17
C HIS A 295 -34.12 8.71 -19.94
N VAL A 296 -34.56 9.85 -19.40
CA VAL A 296 -35.55 10.71 -20.05
C VAL A 296 -34.99 12.13 -20.15
N PHE A 297 -35.09 12.72 -21.34
CA PHE A 297 -34.82 14.14 -21.54
C PHE A 297 -35.86 14.68 -22.52
N GLN A 298 -36.12 15.98 -22.42
CA GLN A 298 -37.17 16.66 -23.18
C GLN A 298 -36.54 17.68 -24.12
N VAL A 299 -36.93 17.62 -25.39
CA VAL A 299 -36.48 18.57 -26.41
C VAL A 299 -37.71 19.30 -26.96
N ASN A 300 -37.56 20.60 -27.22
CA ASN A 300 -38.73 21.42 -27.54
C ASN A 300 -39.24 21.21 -28.97
N ASN A 301 -38.40 20.70 -29.87
CA ASN A 301 -38.74 20.51 -31.28
C ASN A 301 -37.77 19.48 -31.85
N PHE A 302 -38.05 18.98 -33.07
CA PHE A 302 -37.15 17.96 -33.60
C PHE A 302 -35.80 18.50 -34.00
N GLU A 303 -35.67 19.81 -34.22
CA GLU A 303 -34.35 20.38 -34.46
C GLU A 303 -33.48 20.31 -33.22
N ALA A 304 -34.10 20.26 -32.03
CA ALA A 304 -33.38 20.13 -30.77
C ALA A 304 -33.03 18.68 -30.44
N LEU A 305 -33.37 17.71 -31.31
CA LEU A 305 -32.83 16.36 -31.17
C LEU A 305 -31.31 16.33 -31.27
N LYS A 306 -30.73 17.32 -31.95
CA LYS A 306 -29.28 17.45 -32.06
C LYS A 306 -28.63 17.71 -30.71
N THR A 307 -29.35 18.35 -29.78
CA THR A 307 -28.75 18.70 -28.50
C THR A 307 -28.61 17.48 -27.60
N ILE A 308 -29.60 16.59 -27.58
CA ILE A 308 -29.53 15.42 -26.70
C ILE A 308 -28.50 14.40 -27.20
N GLN A 309 -28.29 14.31 -28.54
CA GLN A 309 -27.42 13.26 -29.08
C GLN A 309 -25.96 13.43 -28.65
N ASN A 310 -25.58 14.64 -28.27
CA ASN A 310 -24.24 14.87 -27.76
C ASN A 310 -24.09 14.24 -26.37
N GLN A 311 -25.08 14.46 -25.50
CA GLN A 311 -25.01 13.88 -24.16
C GLN A 311 -25.45 12.42 -24.16
N LEU A 312 -26.40 12.03 -25.04
CA LEU A 312 -26.88 10.66 -25.09
C LEU A 312 -25.78 9.67 -25.49
N ARG A 313 -24.84 10.12 -26.31
CA ARG A 313 -23.64 9.34 -26.62
C ARG A 313 -22.87 9.00 -25.35
N GLU A 314 -22.67 10.00 -24.49
CA GLU A 314 -21.99 9.79 -23.21
C GLU A 314 -22.81 8.88 -22.28
N LYS A 315 -24.14 9.05 -22.30
CA LYS A 315 -25.00 8.26 -21.41
C LYS A 315 -25.07 6.80 -21.84
N ILE A 316 -25.09 6.53 -23.14
CA ILE A 316 -25.11 5.14 -23.61
C ILE A 316 -23.71 4.52 -23.54
N PHE A 317 -22.65 5.32 -23.78
CA PHE A 317 -21.29 4.85 -23.53
C PHE A 317 -21.07 4.43 -22.08
N ALA A 318 -21.79 5.08 -21.15
CA ALA A 318 -21.57 4.92 -19.72
C ALA A 318 -21.79 3.49 -19.23
N ILE A 319 -22.66 2.74 -19.92
CA ILE A 319 -22.91 1.35 -19.55
C ILE A 319 -21.65 0.51 -19.78
N GLU A 320 -21.02 0.70 -20.95
CA GLU A 320 -19.73 0.09 -21.20
C GLU A 320 -18.63 0.76 -20.38
N GLY A 321 -18.63 2.10 -20.35
CA GLY A 321 -17.67 2.84 -19.56
C GLY A 321 -17.87 4.35 -19.55
N THR A 322 -17.71 4.97 -18.40
CA THR A 322 -18.01 6.40 -18.22
C THR A 322 -16.72 7.21 -18.33
N GLN A 323 -16.64 8.06 -19.36
CA GLN A 323 -15.48 8.92 -19.65
C GLN A 323 -14.18 8.12 -19.72
N THR A 324 -14.27 6.93 -20.32
CA THR A 324 -13.17 5.98 -20.30
C THR A 324 -12.23 6.13 -21.48
N GLY A 325 -12.78 6.18 -22.70
CA GLY A 325 -11.94 6.26 -23.88
C GLY A 325 -11.11 4.99 -24.03
N SER A 326 -9.80 5.18 -24.15
CA SER A 326 -8.84 4.09 -24.05
C SER A 326 -8.16 4.14 -22.69
N SER A 327 -7.48 3.04 -22.35
CA SER A 327 -6.84 2.83 -21.04
C SER A 327 -7.86 3.00 -19.91
N SER A 328 -8.83 2.08 -19.91
CA SER A 328 -10.06 2.25 -19.14
C SER A 328 -9.80 2.24 -17.64
N SER A 329 -10.45 3.18 -16.94
CA SER A 329 -10.36 3.28 -15.49
C SER A 329 -11.34 2.29 -14.88
N PHE A 330 -10.82 1.13 -14.49
CA PHE A 330 -11.66 0.04 -14.00
C PHE A 330 -12.24 0.40 -12.64
N GLU A 331 -13.55 0.21 -12.48
CA GLU A 331 -14.24 0.65 -11.27
C GLU A 331 -15.10 -0.49 -10.74
N HIS A 332 -14.86 -0.87 -9.48
CA HIS A 332 -15.48 -1.97 -8.74
C HIS A 332 -15.16 -3.35 -9.31
N GLU A 333 -14.41 -3.37 -10.39
CA GLU A 333 -13.74 -4.51 -10.97
C GLU A 333 -12.25 -4.31 -10.76
N MET A 334 -11.50 -5.43 -10.79
CA MET A 334 -10.11 -5.52 -10.37
C MET A 334 -9.92 -5.12 -8.92
N SER A 335 -10.98 -5.21 -8.11
CA SER A 335 -11.07 -4.51 -6.85
C SER A 335 -10.30 -5.22 -5.73
N GLN A 336 -10.26 -6.55 -5.77
CA GLN A 336 -9.71 -7.42 -4.73
C GLN A 336 -10.35 -7.11 -3.37
N GLU A 337 -11.64 -7.42 -3.30
CA GLU A 337 -12.43 -7.15 -2.11
C GLU A 337 -11.92 -7.95 -0.92
N GLY A 338 -11.97 -7.34 0.26
CA GLY A 338 -11.43 -8.03 1.42
C GLY A 338 -9.93 -8.15 1.44
N PHE A 339 -9.23 -7.25 0.74
CA PHE A 339 -7.78 -7.19 0.86
C PHE A 339 -7.38 -6.83 2.28
N SER A 340 -8.06 -5.85 2.87
CA SER A 340 -8.02 -5.61 4.31
C SER A 340 -9.45 -5.68 4.82
N ALA A 341 -9.65 -6.35 5.95
CA ALA A 341 -10.98 -6.60 6.48
C ALA A 341 -11.05 -6.13 7.93
N ALA A 342 -12.26 -5.76 8.34
CA ALA A 342 -12.58 -5.41 9.71
C ALA A 342 -14.08 -5.57 9.89
N ILE A 343 -14.51 -5.79 11.12
CA ILE A 343 -15.91 -6.01 11.42
C ILE A 343 -16.41 -4.83 12.24
N THR A 344 -17.10 -3.91 11.57
CA THR A 344 -17.85 -2.86 12.24
C THR A 344 -19.07 -3.48 12.93
N SER A 345 -19.50 -2.86 14.03
CA SER A 345 -20.68 -3.28 14.77
C SER A 345 -21.92 -3.36 13.87
N ASN A 346 -22.05 -2.45 12.91
CA ASN A 346 -23.22 -2.46 12.04
C ASN A 346 -23.14 -3.60 11.03
N GLY A 347 -21.96 -3.78 10.41
CA GLY A 347 -21.77 -4.83 9.45
C GLY A 347 -20.30 -5.01 9.10
N PRO A 348 -19.96 -6.11 8.44
CA PRO A 348 -18.56 -6.34 8.06
C PRO A 348 -18.13 -5.40 6.94
N LEU A 349 -16.92 -4.87 7.06
CA LEU A 349 -16.34 -4.04 6.01
C LEU A 349 -15.20 -4.79 5.35
N LEU A 350 -14.90 -4.38 4.12
CA LEU A 350 -13.86 -5.00 3.32
C LEU A 350 -13.45 -4.02 2.24
N SER A 351 -12.14 -3.90 2.03
CA SER A 351 -11.60 -2.86 1.17
C SER A 351 -11.46 -3.34 -0.26
N THR A 352 -11.72 -2.43 -1.20
CA THR A 352 -11.51 -2.64 -2.63
C THR A 352 -10.31 -1.78 -3.01
N VAL A 353 -9.11 -2.38 -2.89
CA VAL A 353 -7.87 -1.66 -3.18
C VAL A 353 -7.79 -1.32 -4.67
N GLY A 354 -8.26 -2.22 -5.53
CA GLY A 354 -8.19 -1.97 -6.96
C GLY A 354 -9.40 -1.29 -7.57
N SER A 355 -10.00 -0.34 -6.86
CA SER A 355 -11.14 0.40 -7.38
C SER A 355 -10.71 1.75 -7.91
N TYR A 356 -11.26 2.11 -9.08
CA TYR A 356 -10.99 3.36 -9.80
C TYR A 356 -9.51 3.50 -10.15
N ASP A 357 -9.03 2.52 -10.94
CA ASP A 357 -7.62 2.30 -11.25
C ASP A 357 -6.74 2.31 -10.01
N TRP A 358 -7.06 1.39 -9.10
CA TRP A 358 -6.29 1.11 -7.89
C TRP A 358 -6.16 2.34 -6.98
N ALA A 359 -7.10 3.28 -7.08
CA ALA A 359 -7.13 4.43 -6.19
C ALA A 359 -7.59 4.05 -4.79
N GLY A 360 -8.27 2.92 -4.66
CA GLY A 360 -8.66 2.40 -3.37
C GLY A 360 -10.07 2.79 -2.98
N GLY A 361 -10.70 1.92 -2.19
CA GLY A 361 -12.06 2.13 -1.75
C GLY A 361 -12.44 1.05 -0.75
N VAL A 362 -13.50 1.32 -0.01
CA VAL A 362 -13.93 0.43 1.07
C VAL A 362 -15.42 0.17 0.96
N PHE A 363 -15.79 -1.10 0.90
CA PHE A 363 -17.17 -1.55 1.05
C PHE A 363 -17.58 -1.60 2.51
N LEU A 364 -18.89 -1.47 2.73
CA LEU A 364 -19.47 -1.59 4.07
C LEU A 364 -20.80 -2.31 3.91
N TYR A 365 -20.78 -3.64 4.06
CA TYR A 365 -21.98 -4.47 3.96
C TYR A 365 -22.66 -4.54 5.32
N THR A 366 -23.38 -3.47 5.65
CA THR A 366 -24.14 -3.43 6.90
C THR A 366 -25.30 -4.41 6.91
N SER A 367 -26.06 -4.51 5.81
CA SER A 367 -27.10 -5.54 5.69
C SER A 367 -26.91 -6.40 4.46
N LYS A 368 -25.86 -6.15 3.68
CA LYS A 368 -25.45 -6.75 2.41
C LYS A 368 -26.37 -6.37 1.24
N GLU A 369 -27.61 -5.97 1.53
CA GLU A 369 -28.49 -5.56 0.44
C GLU A 369 -28.16 -4.15 -0.01
N LYS A 370 -27.76 -3.31 0.94
CA LYS A 370 -27.16 -2.01 0.67
C LYS A 370 -25.66 -2.12 0.91
N SER A 371 -24.88 -1.57 -0.03
CA SER A 371 -23.43 -1.60 0.02
C SER A 371 -22.96 -0.16 0.10
N THR A 372 -22.24 0.19 1.16
CA THR A 372 -21.86 1.57 1.41
C THR A 372 -20.42 1.74 0.95
N PHE A 373 -20.23 2.14 -0.30
CA PHE A 373 -18.90 2.25 -0.87
C PHE A 373 -18.29 3.60 -0.58
N ILE A 374 -17.03 3.58 -0.10
CA ILE A 374 -16.42 4.79 0.46
C ILE A 374 -14.99 4.98 -0.05
N ASN A 375 -14.79 5.85 -1.02
CA ASN A 375 -13.52 6.53 -1.21
C ASN A 375 -13.70 8.04 -1.00
N MET A 376 -12.63 8.79 -1.30
CA MET A 376 -12.52 10.19 -0.96
C MET A 376 -13.23 11.08 -1.98
N THR A 377 -13.20 12.39 -1.71
CA THR A 377 -14.02 13.36 -2.44
C THR A 377 -13.43 13.69 -3.80
N ARG A 378 -12.17 14.10 -3.85
CA ARG A 378 -11.54 14.55 -5.09
C ARG A 378 -11.36 13.40 -6.07
N VAL A 379 -11.78 13.62 -7.31
CA VAL A 379 -11.58 12.67 -8.39
C VAL A 379 -10.55 13.28 -9.34
N ASP A 380 -9.33 12.75 -9.32
CA ASP A 380 -8.25 13.29 -10.14
C ASP A 380 -7.23 12.18 -10.35
N SER A 381 -6.28 12.45 -11.25
CA SER A 381 -5.15 11.54 -11.47
C SER A 381 -4.22 11.44 -10.26
N ASP A 382 -4.29 12.41 -9.33
CA ASP A 382 -3.47 12.35 -8.12
C ASP A 382 -3.85 11.16 -7.26
N MET A 383 -5.14 10.82 -7.21
CA MET A 383 -5.61 9.76 -6.34
C MET A 383 -5.38 8.38 -6.94
N ASN A 384 -5.14 8.31 -8.25
CA ASN A 384 -4.89 7.04 -8.93
C ASN A 384 -3.64 6.36 -8.41
N ASP A 385 -3.71 5.02 -8.33
CA ASP A 385 -2.62 4.14 -7.90
C ASP A 385 -2.17 4.45 -6.48
N ALA A 386 -3.14 4.62 -5.58
CA ALA A 386 -2.84 4.92 -4.19
C ALA A 386 -2.94 3.70 -3.28
N TYR A 387 -3.64 2.65 -3.71
CA TYR A 387 -3.91 1.43 -2.94
C TYR A 387 -4.56 1.76 -1.58
N LEU A 388 -5.55 2.67 -1.60
CA LEU A 388 -6.26 3.01 -0.37
C LEU A 388 -7.05 1.81 0.13
N GLY A 389 -7.17 1.73 1.45
CA GLY A 389 -7.77 0.58 2.09
C GLY A 389 -6.82 -0.56 2.34
N TYR A 390 -5.52 -0.34 2.23
CA TYR A 390 -4.59 -1.44 2.43
C TYR A 390 -4.41 -1.74 3.92
N ALA A 391 -4.53 -0.74 4.78
CA ALA A 391 -4.79 -1.00 6.19
C ALA A 391 -6.09 -0.28 6.56
N ALA A 392 -7.06 -1.04 7.07
CA ALA A 392 -8.34 -0.49 7.49
C ALA A 392 -8.52 -0.78 8.98
N ALA A 393 -8.82 0.25 9.75
CA ALA A 393 -9.05 0.12 11.18
C ALA A 393 -10.20 1.02 11.58
N ILE A 394 -10.81 0.71 12.72
CA ILE A 394 -11.93 1.48 13.23
C ILE A 394 -11.49 2.20 14.50
N ILE A 395 -12.04 3.40 14.69
CA ILE A 395 -11.78 4.16 15.91
C ILE A 395 -13.12 4.34 16.62
N LEU A 396 -13.03 4.62 17.92
CA LEU A 396 -14.20 4.81 18.77
C LEU A 396 -14.18 6.25 19.27
N ARG A 397 -15.21 7.01 18.93
CA ARG A 397 -15.39 8.36 19.46
C ARG A 397 -16.63 8.35 20.34
N ASN A 398 -16.41 8.21 21.65
CA ASN A 398 -17.46 8.02 22.66
C ASN A 398 -18.38 6.86 22.31
N ARG A 399 -17.75 5.73 21.97
CA ARG A 399 -18.36 4.45 21.61
C ARG A 399 -19.24 4.54 20.35
N VAL A 400 -19.14 5.63 19.59
CA VAL A 400 -19.64 5.73 18.23
C VAL A 400 -18.44 5.51 17.30
N GLN A 401 -18.63 4.73 16.25
CA GLN A 401 -17.53 4.19 15.47
C GLN A 401 -17.29 5.01 14.21
N SER A 402 -16.02 5.22 13.89
CA SER A 402 -15.61 5.88 12.66
C SER A 402 -14.55 5.02 11.98
N LEU A 403 -13.99 5.51 10.87
CA LEU A 403 -13.16 4.67 10.03
C LEU A 403 -11.89 5.40 9.61
N VAL A 404 -10.78 4.66 9.53
CA VAL A 404 -9.51 5.21 9.10
C VAL A 404 -8.96 4.31 7.99
N LEU A 405 -8.29 4.93 7.02
CA LEU A 405 -7.85 4.19 5.84
C LEU A 405 -6.39 4.51 5.51
N GLY A 406 -5.71 3.54 4.92
CA GLY A 406 -4.33 3.74 4.51
C GLY A 406 -4.11 3.64 3.02
N ALA A 407 -3.51 4.67 2.42
CA ALA A 407 -3.12 4.67 1.01
C ALA A 407 -1.61 4.82 0.95
N PRO A 408 -0.86 3.71 0.95
CA PRO A 408 0.60 3.80 1.02
C PRO A 408 1.28 4.30 -0.25
N ARG A 409 0.54 4.53 -1.33
CA ARG A 409 1.11 4.90 -2.62
C ARG A 409 0.55 6.21 -3.18
N TYR A 410 0.20 7.17 -2.35
CA TYR A 410 -0.31 8.44 -2.85
C TYR A 410 0.86 9.27 -3.38
N GLN A 411 1.02 9.27 -4.71
CA GLN A 411 2.14 9.90 -5.41
C GLN A 411 3.47 9.35 -4.90
N HIS A 412 3.49 8.03 -4.69
CA HIS A 412 4.62 7.25 -4.15
C HIS A 412 5.02 7.67 -2.74
N ILE A 413 4.11 8.34 -2.02
CA ILE A 413 4.27 8.71 -0.62
C ILE A 413 3.02 8.21 0.09
N GLY A 414 3.16 7.79 1.34
CA GLY A 414 2.00 7.25 2.04
C GLY A 414 0.97 8.30 2.40
N LEU A 415 -0.24 7.83 2.69
CA LEU A 415 -1.37 8.69 3.01
C LEU A 415 -2.37 7.93 3.87
N VAL A 416 -2.82 8.58 4.94
CA VAL A 416 -3.83 8.02 5.84
C VAL A 416 -4.93 9.06 6.06
N ALA A 417 -6.18 8.65 5.84
CA ALA A 417 -7.33 9.53 5.99
C ALA A 417 -8.38 8.92 6.91
N MET A 418 -9.08 9.78 7.64
CA MET A 418 -10.18 9.39 8.53
C MET A 418 -11.52 9.64 7.88
N PHE A 419 -12.51 8.79 8.21
CA PHE A 419 -13.86 9.02 7.73
C PHE A 419 -14.84 8.87 8.89
N ARG A 420 -15.88 9.71 8.90
CA ARG A 420 -16.98 9.66 9.86
C ARG A 420 -18.28 9.79 9.08
N GLN A 421 -19.38 9.31 9.65
CA GLN A 421 -20.62 9.46 8.91
C GLN A 421 -21.48 10.59 9.49
N ASN A 422 -22.15 11.29 8.58
CA ASN A 422 -23.02 12.43 8.83
C ASN A 422 -24.38 12.07 8.26
N THR A 423 -25.28 11.55 9.10
CA THR A 423 -26.65 11.19 8.74
C THR A 423 -26.71 10.28 7.52
N GLY A 424 -25.83 9.27 7.53
CA GLY A 424 -25.73 8.32 6.44
C GLY A 424 -24.73 8.68 5.35
N MET A 425 -23.98 9.77 5.50
CA MET A 425 -23.02 10.23 4.49
C MET A 425 -21.62 10.15 5.08
N TRP A 426 -20.78 9.29 4.50
CA TRP A 426 -19.42 9.09 4.98
C TRP A 426 -18.50 10.10 4.28
N GLU A 427 -17.96 11.04 5.05
CA GLU A 427 -17.12 12.11 4.56
C GLU A 427 -15.74 12.00 5.18
N SER A 428 -14.73 12.59 4.53
CA SER A 428 -13.36 12.52 5.02
C SER A 428 -13.18 13.57 6.11
N ASN A 429 -12.95 13.11 7.35
CA ASN A 429 -12.76 14.04 8.45
C ASN A 429 -11.42 14.75 8.35
N ALA A 430 -10.35 14.00 8.09
CA ALA A 430 -9.00 14.56 8.06
C ALA A 430 -8.10 13.61 7.27
N ASN A 431 -6.85 14.04 7.08
CA ASN A 431 -5.86 13.23 6.40
C ASN A 431 -4.46 13.54 6.92
N VAL A 432 -3.58 12.53 6.86
CA VAL A 432 -2.16 12.64 7.21
C VAL A 432 -1.34 12.00 6.10
N LYS A 433 -0.33 12.72 5.61
CA LYS A 433 0.57 12.23 4.58
C LYS A 433 1.93 11.90 5.17
N GLY A 434 2.63 10.98 4.52
CA GLY A 434 4.01 10.69 4.88
C GLY A 434 4.97 11.69 4.29
N THR A 435 6.27 11.46 4.55
CA THR A 435 7.29 12.35 4.03
C THR A 435 8.43 11.60 3.34
N GLN A 436 8.67 10.36 3.75
CA GLN A 436 9.73 9.56 3.18
C GLN A 436 9.19 8.83 1.96
N ILE A 437 9.80 9.05 0.78
CA ILE A 437 9.29 8.43 -0.43
C ILE A 437 9.56 6.94 -0.40
N GLY A 438 8.52 6.15 -0.71
CA GLY A 438 8.65 4.72 -0.66
C GLY A 438 8.67 4.11 0.72
N ALA A 439 8.30 4.88 1.75
CA ALA A 439 8.27 4.38 3.11
C ALA A 439 7.07 3.49 3.40
N TYR A 440 6.08 3.50 2.50
CA TYR A 440 4.85 2.71 2.60
C TYR A 440 4.09 3.10 3.86
N PHE A 441 4.02 4.42 4.08
CA PHE A 441 3.34 5.03 5.22
C PHE A 441 1.85 4.69 5.16
N GLY A 442 1.34 4.06 6.21
CA GLY A 442 -0.03 3.62 6.21
C GLY A 442 -0.27 2.21 5.74
N ALA A 443 0.78 1.40 5.62
CA ALA A 443 0.61 -0.03 5.33
C ALA A 443 -0.02 -0.77 6.50
N SER A 444 0.16 -0.27 7.72
CA SER A 444 -0.41 -0.87 8.92
C SER A 444 -1.04 0.23 9.75
N LEU A 445 -2.27 0.00 10.20
CA LEU A 445 -2.98 0.96 11.06
C LEU A 445 -3.43 0.27 12.33
N CYS A 446 -3.48 1.05 13.41
CA CYS A 446 -3.80 0.51 14.72
C CYS A 446 -4.36 1.63 15.59
N SER A 447 -5.62 1.50 16.00
CA SER A 447 -6.26 2.47 16.86
C SER A 447 -6.11 2.03 18.32
N VAL A 448 -5.70 2.97 19.17
CA VAL A 448 -5.34 2.68 20.55
C VAL A 448 -6.20 3.54 21.47
N ASP A 449 -6.96 2.88 22.35
CA ASP A 449 -7.66 3.53 23.45
C ASP A 449 -6.82 3.27 24.71
N VAL A 450 -6.08 4.30 25.14
CA VAL A 450 -5.11 4.12 26.22
C VAL A 450 -5.81 3.93 27.55
N ASP A 451 -6.71 4.84 27.90
CA ASP A 451 -7.38 4.81 29.19
C ASP A 451 -8.59 3.89 29.20
N SER A 452 -8.90 3.25 28.06
CA SER A 452 -10.12 2.47 27.84
C SER A 452 -11.37 3.32 28.11
N ASN A 453 -11.36 4.56 27.61
CA ASN A 453 -12.47 5.48 27.79
C ASN A 453 -13.70 5.10 26.98
N GLY A 454 -13.56 4.18 26.02
CA GLY A 454 -14.49 4.12 24.92
C GLY A 454 -14.22 5.17 23.86
N SER A 455 -13.19 5.98 24.05
CA SER A 455 -12.81 7.06 23.14
C SER A 455 -11.40 6.77 22.66
N THR A 456 -11.26 6.49 21.36
CA THR A 456 -9.95 6.19 20.79
C THR A 456 -9.10 7.45 20.82
N ASP A 457 -7.93 7.35 21.46
CA ASP A 457 -7.09 8.50 21.70
C ASP A 457 -5.96 8.63 20.68
N LEU A 458 -5.77 7.63 19.84
CA LEU A 458 -4.50 7.49 19.14
C LEU A 458 -4.62 6.49 18.01
N VAL A 459 -4.05 6.85 16.86
CA VAL A 459 -3.95 5.97 15.70
C VAL A 459 -2.48 5.78 15.38
N LEU A 460 -2.04 4.53 15.36
CA LEU A 460 -0.66 4.19 15.05
C LEU A 460 -0.54 3.92 13.56
N ILE A 461 0.27 4.72 12.87
CA ILE A 461 0.50 4.58 11.44
C ILE A 461 1.91 4.02 11.24
N GLY A 462 1.99 2.92 10.49
CA GLY A 462 3.26 2.25 10.25
C GLY A 462 3.80 2.56 8.86
N ALA A 463 5.10 2.86 8.81
CA ALA A 463 5.83 3.06 7.56
C ALA A 463 6.99 2.06 7.58
N PRO A 464 6.72 0.79 7.21
CA PRO A 464 7.73 -0.25 7.40
C PRO A 464 8.92 -0.14 6.45
N HIS A 465 8.79 0.51 5.30
CA HIS A 465 9.91 0.61 4.38
C HIS A 465 10.64 1.95 4.49
N TYR A 466 10.51 2.64 5.62
CA TYR A 466 11.29 3.85 5.81
C TYR A 466 12.71 3.47 6.19
N TYR A 467 13.65 4.03 5.42
CA TYR A 467 15.06 3.71 5.45
C TYR A 467 15.78 4.92 6.03
N GLU A 468 16.35 4.76 7.22
CA GLU A 468 17.06 5.83 7.91
C GLU A 468 18.31 5.19 8.50
N GLN A 469 19.39 5.16 7.70
CA GLN A 469 20.68 4.50 7.97
C GLN A 469 20.53 3.13 8.64
N THR A 470 20.89 3.02 9.92
CA THR A 470 20.77 1.76 10.66
C THR A 470 19.32 1.33 10.86
N ARG A 471 18.38 2.28 10.87
CA ARG A 471 16.99 1.97 11.15
C ARG A 471 16.28 1.51 9.88
N GLY A 472 15.28 0.65 10.06
CA GLY A 472 14.60 0.05 8.93
C GLY A 472 13.09 0.06 8.96
N GLY A 473 12.51 1.04 9.65
CA GLY A 473 11.07 1.18 9.69
C GLY A 473 10.71 2.30 10.64
N GLN A 474 9.43 2.65 10.63
CA GLN A 474 8.97 3.73 11.49
C GLN A 474 7.50 3.53 11.82
N VAL A 475 7.11 3.95 13.01
CA VAL A 475 5.72 3.98 13.44
C VAL A 475 5.41 5.39 13.91
N SER A 476 4.41 6.02 13.30
CA SER A 476 4.06 7.40 13.62
C SER A 476 2.94 7.44 14.67
N VAL A 477 3.15 8.22 15.71
CA VAL A 477 2.18 8.40 16.80
C VAL A 477 1.30 9.58 16.43
N CYS A 478 0.03 9.29 16.11
CA CYS A 478 -0.88 10.30 15.56
C CYS A 478 -2.17 10.34 16.38
N PRO A 479 -2.27 11.25 17.34
CA PRO A 479 -3.50 11.33 18.15
C PRO A 479 -4.65 11.93 17.36
N LEU A 480 -5.86 11.48 17.68
CA LEU A 480 -7.04 12.00 17.02
C LEU A 480 -7.29 13.45 17.44
N PRO A 481 -7.74 14.30 16.53
CA PRO A 481 -8.05 15.69 16.92
C PRO A 481 -9.21 15.75 17.90
N ARG A 482 -9.09 16.68 18.86
CA ARG A 482 -10.11 16.82 19.89
C ARG A 482 -11.43 17.33 19.30
N GLY A 483 -11.36 18.10 18.22
CA GLY A 483 -12.55 18.68 17.64
C GLY A 483 -12.49 20.19 17.56
N GLN A 484 -11.28 20.73 17.45
CA GLN A 484 -11.08 22.16 17.26
C GLN A 484 -10.93 22.50 15.77
N ARG A 485 -11.25 21.55 14.90
CA ARG A 485 -11.08 21.57 13.45
C ARG A 485 -9.61 21.68 13.01
N ALA A 486 -8.65 21.41 13.90
CA ALA A 486 -7.23 21.43 13.57
C ALA A 486 -6.94 20.25 12.65
N ARG A 487 -6.07 20.39 11.64
CA ARG A 487 -5.84 19.18 10.81
C ARG A 487 -5.12 18.13 11.64
N TRP A 488 -5.34 16.88 11.28
CA TRP A 488 -4.82 15.77 12.05
C TRP A 488 -3.30 15.77 12.00
N GLN A 489 -2.68 15.85 13.18
CA GLN A 489 -1.26 16.14 13.32
C GLN A 489 -0.62 15.12 14.25
N CYS A 490 0.47 14.50 13.78
CA CYS A 490 1.10 13.39 14.49
C CYS A 490 2.12 13.93 15.49
N ASP A 491 1.89 13.65 16.78
CA ASP A 491 2.70 14.26 17.83
C ASP A 491 4.07 13.60 17.94
N ALA A 492 4.14 12.28 17.84
CA ALA A 492 5.41 11.59 18.04
C ALA A 492 5.67 10.52 17.00
N VAL A 493 6.76 9.77 17.20
CA VAL A 493 7.30 8.79 16.26
C VAL A 493 8.04 7.71 17.05
N LEU A 494 7.84 6.45 16.66
CA LEU A 494 8.48 5.30 17.30
C LEU A 494 9.41 4.61 16.31
N TYR A 495 10.66 4.43 16.69
CA TYR A 495 11.61 3.68 15.88
C TYR A 495 11.85 2.30 16.51
N GLY A 496 12.51 1.44 15.73
CA GLY A 496 13.01 0.18 16.24
C GLY A 496 14.46 0.30 16.71
N GLU A 497 15.03 -0.84 17.08
CA GLU A 497 16.44 -0.89 17.47
C GLU A 497 17.31 -0.63 16.26
N GLN A 498 18.38 0.12 16.47
CA GLN A 498 19.32 0.39 15.38
C GLN A 498 20.16 -0.85 15.09
N GLY A 499 20.47 -1.05 13.80
CA GLY A 499 21.28 -2.17 13.37
C GLY A 499 20.64 -3.05 12.33
N GLN A 500 19.36 -2.85 12.01
CA GLN A 500 18.67 -3.63 10.98
C GLN A 500 18.03 -2.65 9.99
N PRO A 501 18.77 -2.25 8.96
CA PRO A 501 18.25 -1.26 8.01
C PRO A 501 17.14 -1.78 7.12
N TRP A 502 16.97 -3.09 7.03
CA TRP A 502 15.92 -3.70 6.22
C TRP A 502 14.96 -4.47 7.12
N GLY A 503 14.78 -3.98 8.35
CA GLY A 503 14.06 -4.72 9.37
C GLY A 503 12.56 -4.67 9.28
N ARG A 504 12.02 -3.72 8.52
CA ARG A 504 10.58 -3.54 8.28
C ARG A 504 9.82 -3.33 9.60
N PHE A 505 10.28 -2.38 10.40
CA PHE A 505 9.64 -2.05 11.66
C PHE A 505 8.30 -1.37 11.39
N GLY A 506 7.22 -1.98 11.86
CA GLY A 506 5.89 -1.45 11.65
C GLY A 506 5.05 -2.18 10.62
N ALA A 507 5.49 -3.35 10.15
CA ALA A 507 4.74 -4.08 9.15
C ALA A 507 3.46 -4.69 9.69
N ALA A 508 3.37 -4.91 10.99
CA ALA A 508 2.16 -5.47 11.60
C ALA A 508 2.03 -4.94 13.02
N LEU A 509 0.86 -4.41 13.33
CA LEU A 509 0.57 -3.74 14.59
C LEU A 509 -0.67 -4.35 15.23
N THR A 510 -0.69 -4.39 16.56
CA THR A 510 -1.87 -4.88 17.25
C THR A 510 -1.96 -4.20 18.62
N VAL A 511 -3.16 -4.25 19.19
CA VAL A 511 -3.42 -3.81 20.55
C VAL A 511 -3.55 -5.05 21.43
N LEU A 512 -2.66 -5.18 22.41
CA LEU A 512 -2.70 -6.27 23.36
C LEU A 512 -3.32 -5.86 24.69
N GLY A 513 -3.75 -4.62 24.84
CA GLY A 513 -4.33 -4.25 26.12
C GLY A 513 -3.30 -4.05 27.21
N ASP A 514 -3.76 -4.13 28.46
CA ASP A 514 -2.87 -3.95 29.60
C ASP A 514 -2.19 -5.26 29.94
N VAL A 515 -0.86 -5.29 29.84
CA VAL A 515 -0.07 -6.45 30.18
C VAL A 515 0.63 -6.31 31.53
N ASN A 516 1.07 -5.10 31.91
CA ASN A 516 1.80 -4.88 33.14
C ASN A 516 0.93 -4.39 34.29
N GLY A 517 -0.39 -4.27 34.08
CA GLY A 517 -1.28 -3.78 35.12
C GLY A 517 -1.07 -2.34 35.52
N ASP A 518 -0.88 -1.45 34.56
CA ASP A 518 -0.73 -0.02 34.83
C ASP A 518 -1.99 0.76 34.47
N LYS A 519 -3.09 0.07 34.18
CA LYS A 519 -4.40 0.56 33.71
C LYS A 519 -4.33 1.23 32.34
N LEU A 520 -3.19 1.22 31.67
CA LEU A 520 -2.98 1.87 30.39
C LEU A 520 -2.72 0.81 29.34
N THR A 521 -3.31 0.99 28.16
CA THR A 521 -3.21 0.00 27.10
C THR A 521 -1.80 -0.02 26.51
N ASP A 522 -1.23 -1.22 26.37
CA ASP A 522 0.07 -1.43 25.78
C ASP A 522 -0.08 -1.92 24.34
N VAL A 523 0.97 -1.70 23.54
CA VAL A 523 0.94 -2.04 22.12
C VAL A 523 2.19 -2.85 21.75
N ALA A 524 2.07 -3.63 20.69
CA ALA A 524 3.18 -4.37 20.12
C ALA A 524 3.33 -4.04 18.64
N ILE A 525 4.58 -3.97 18.20
CA ILE A 525 4.91 -3.65 16.81
C ILE A 525 5.90 -4.69 16.30
N GLY A 526 5.58 -5.31 15.17
CA GLY A 526 6.43 -6.34 14.61
C GLY A 526 7.41 -5.78 13.58
N ALA A 527 8.62 -6.37 13.57
CA ALA A 527 9.65 -6.05 12.59
C ALA A 527 10.13 -7.37 11.99
N PRO A 528 9.41 -7.91 10.99
CA PRO A 528 9.70 -9.26 10.51
C PRO A 528 10.84 -9.35 9.52
N GLY A 529 11.65 -8.30 9.40
CA GLY A 529 12.79 -8.33 8.51
C GLY A 529 14.13 -8.17 9.23
N GLU A 530 14.08 -8.02 10.55
CA GLU A 530 15.29 -7.82 11.33
C GLU A 530 16.11 -9.11 11.38
N GLU A 531 17.42 -8.93 11.66
CA GLU A 531 18.40 -10.01 11.77
C GLU A 531 18.42 -10.92 10.54
N ASP A 532 18.38 -10.27 9.37
CA ASP A 532 18.22 -10.91 8.05
C ASP A 532 16.99 -11.82 8.02
N ASN A 533 15.84 -11.16 8.15
CA ASN A 533 14.48 -11.71 8.05
C ASN A 533 14.16 -12.74 9.13
N ARG A 534 14.98 -12.85 10.17
CA ARG A 534 14.63 -13.56 11.39
C ARG A 534 14.06 -12.54 12.36
N GLY A 535 12.76 -12.27 12.21
CA GLY A 535 12.14 -11.07 12.72
C GLY A 535 12.07 -10.90 14.23
N ALA A 536 11.57 -9.74 14.65
CA ALA A 536 11.47 -9.42 16.08
C ALA A 536 10.20 -8.63 16.33
N VAL A 537 9.76 -8.65 17.59
CA VAL A 537 8.55 -7.99 18.04
C VAL A 537 8.93 -7.08 19.20
N TYR A 538 8.46 -5.84 19.19
CA TYR A 538 8.78 -4.93 20.27
C TYR A 538 7.50 -4.62 21.04
N LEU A 539 7.64 -4.30 22.31
CA LEU A 539 6.52 -4.02 23.20
C LEU A 539 6.69 -2.61 23.75
N PHE A 540 5.66 -1.77 23.60
CA PHE A 540 5.77 -0.40 24.09
C PHE A 540 4.67 -0.16 25.12
N HIS A 541 5.03 0.39 26.29
CA HIS A 541 4.00 0.64 27.27
C HIS A 541 3.22 1.91 26.94
N GLY A 542 1.99 1.95 27.41
CA GLY A 542 1.21 3.17 27.36
C GLY A 542 1.68 4.19 28.39
N THR A 543 1.40 5.46 28.10
CA THR A 543 1.78 6.55 28.99
C THR A 543 0.54 7.32 29.41
N SER A 544 0.53 7.77 30.66
CA SER A 544 -0.45 8.73 31.10
C SER A 544 -0.29 10.03 30.32
N GLY A 545 -1.42 10.56 29.85
CA GLY A 545 -1.41 11.59 28.84
C GLY A 545 -1.73 11.09 27.44
N SER A 546 -2.10 9.82 27.30
CA SER A 546 -2.60 9.22 26.05
C SER A 546 -1.57 9.25 24.93
N GLY A 547 -0.34 8.86 25.28
CA GLY A 547 0.71 8.64 24.30
C GLY A 547 1.29 7.25 24.44
N ILE A 548 2.32 7.00 23.65
CA ILE A 548 3.08 5.74 23.69
C ILE A 548 4.51 6.09 24.06
N SER A 549 5.10 5.27 24.93
CA SER A 549 6.47 5.48 25.41
C SER A 549 7.45 5.43 24.24
N PRO A 550 8.36 6.41 24.13
CA PRO A 550 9.25 6.44 22.94
C PRO A 550 10.26 5.30 22.90
N SER A 551 10.61 4.73 24.04
CA SER A 551 11.51 3.59 24.12
C SER A 551 10.73 2.33 24.48
N HIS A 552 11.01 1.25 23.77
CA HIS A 552 10.34 -0.02 24.04
C HIS A 552 10.82 -0.63 25.36
N SER A 553 10.02 -1.57 25.87
CA SER A 553 10.30 -2.22 27.14
C SER A 553 10.81 -3.64 27.00
N GLN A 554 10.40 -4.36 25.95
CA GLN A 554 10.85 -5.74 25.75
C GLN A 554 10.97 -5.98 24.25
N ARG A 555 12.15 -6.40 23.81
CA ARG A 555 12.38 -6.80 22.43
C ARG A 555 12.51 -8.32 22.38
N ILE A 556 11.62 -8.96 21.65
CA ILE A 556 11.57 -10.42 21.56
C ILE A 556 12.10 -10.79 20.18
N ALA A 557 13.34 -11.26 20.13
CA ALA A 557 13.94 -11.64 18.85
C ALA A 557 13.55 -13.06 18.47
N GLY A 558 13.27 -13.27 17.19
CA GLY A 558 12.90 -14.57 16.71
C GLY A 558 14.04 -15.56 16.58
N SER A 559 15.29 -15.09 16.65
CA SER A 559 16.43 -15.99 16.63
C SER A 559 16.53 -16.78 17.93
N LYS A 560 16.20 -16.15 19.06
CA LYS A 560 16.40 -16.77 20.35
C LYS A 560 15.36 -17.86 20.63
N LEU A 561 14.14 -17.67 20.12
CA LEU A 561 13.05 -18.62 20.34
C LEU A 561 13.29 -19.95 19.64
N SER A 562 13.63 -19.90 18.35
CA SER A 562 13.90 -21.09 17.55
C SER A 562 14.88 -20.67 16.48
N PRO A 563 15.90 -21.48 16.22
CA PRO A 563 16.83 -21.16 15.11
C PRO A 563 16.16 -21.17 13.76
N ARG A 564 15.19 -22.04 13.54
CA ARG A 564 14.47 -22.11 12.26
C ARG A 564 13.17 -21.30 12.32
N LEU A 565 13.27 -20.05 12.73
CA LEU A 565 12.19 -19.09 12.59
C LEU A 565 12.54 -18.06 11.54
N GLN A 566 11.53 -17.59 10.82
CA GLN A 566 11.74 -16.57 9.80
C GLN A 566 10.47 -15.74 9.69
N TYR A 567 10.66 -14.43 9.50
CA TYR A 567 9.61 -13.41 9.49
C TYR A 567 8.79 -13.43 10.77
N PHE A 568 9.48 -13.51 11.90
CA PHE A 568 8.85 -13.48 13.22
C PHE A 568 8.27 -12.09 13.48
N GLY A 569 6.96 -11.97 13.42
CA GLY A 569 6.30 -10.70 13.60
C GLY A 569 5.60 -10.15 12.37
N GLN A 570 5.34 -10.99 11.37
CA GLN A 570 4.59 -10.54 10.20
C GLN A 570 3.10 -10.45 10.45
N SER A 571 2.61 -11.05 11.53
CA SER A 571 1.19 -11.02 11.87
C SER A 571 1.03 -11.03 13.38
N LEU A 572 0.23 -10.09 13.89
CA LEU A 572 0.07 -9.89 15.31
C LEU A 572 -1.41 -9.86 15.67
N SER A 573 -1.73 -10.41 16.85
CA SER A 573 -3.09 -10.41 17.35
C SER A 573 -3.05 -10.57 18.86
N GLY A 574 -3.56 -9.57 19.58
CA GLY A 574 -3.59 -9.60 21.03
C GLY A 574 -4.86 -9.00 21.59
N GLY A 575 -5.00 -9.09 22.91
CA GLY A 575 -6.13 -8.50 23.61
C GLY A 575 -7.04 -9.51 24.32
N GLN A 576 -6.75 -10.80 24.27
CA GLN A 576 -7.66 -11.81 24.81
C GLN A 576 -6.85 -12.81 25.63
N ASP A 577 -7.51 -13.44 26.60
CA ASP A 577 -6.91 -14.53 27.36
C ASP A 577 -7.22 -15.84 26.67
N LEU A 578 -6.16 -16.61 26.39
CA LEU A 578 -6.29 -17.89 25.71
C LEU A 578 -5.99 -19.08 26.59
N THR A 579 -5.32 -18.87 27.72
CA THR A 579 -4.91 -19.94 28.61
C THR A 579 -5.81 -20.08 29.83
N MET A 580 -6.80 -19.18 29.97
CA MET A 580 -7.74 -19.08 31.09
C MET A 580 -7.02 -18.86 32.43
N ASP A 581 -5.80 -18.36 32.39
CA ASP A 581 -5.02 -18.00 33.57
C ASP A 581 -5.23 -16.55 33.99
N GLY A 582 -6.13 -15.82 33.33
CA GLY A 582 -6.23 -14.40 33.58
C GLY A 582 -5.15 -13.54 33.10
N LEU A 583 -4.33 -14.07 32.25
CA LEU A 583 -3.15 -13.40 31.77
C LEU A 583 -3.34 -13.09 30.29
N VAL A 584 -3.09 -11.84 29.92
CA VAL A 584 -3.38 -11.39 28.56
C VAL A 584 -2.34 -11.99 27.62
N ASP A 585 -2.78 -12.89 26.76
CA ASP A 585 -1.86 -13.61 25.90
C ASP A 585 -1.63 -12.82 24.61
N LEU A 586 -0.64 -13.25 23.84
CA LEU A 586 -0.24 -12.55 22.63
C LEU A 586 0.29 -13.55 21.62
N THR A 587 -0.29 -13.56 20.43
CA THR A 587 0.08 -14.48 19.38
C THR A 587 0.90 -13.77 18.32
N VAL A 588 1.93 -14.45 17.81
CA VAL A 588 2.82 -13.90 16.79
C VAL A 588 2.84 -14.87 15.62
N GLY A 589 2.84 -14.35 14.40
CA GLY A 589 2.95 -15.16 13.20
C GLY A 589 4.33 -15.09 12.59
N ALA A 590 4.79 -16.22 12.04
CA ALA A 590 6.06 -16.32 11.34
C ALA A 590 5.86 -17.22 10.12
N GLN A 591 6.92 -17.38 9.32
CA GLN A 591 6.86 -18.29 8.18
C GLN A 591 6.82 -19.74 8.65
N GLY A 592 5.70 -20.41 8.37
CA GLY A 592 5.50 -21.80 8.73
C GLY A 592 5.17 -22.05 10.18
N HIS A 593 5.28 -21.03 11.05
CA HIS A 593 5.18 -21.20 12.48
C HIS A 593 4.34 -20.08 13.07
N VAL A 594 3.46 -20.43 14.01
CA VAL A 594 2.67 -19.46 14.77
C VAL A 594 2.86 -19.79 16.25
N LEU A 595 3.24 -18.78 17.04
CA LEU A 595 3.61 -19.02 18.42
C LEU A 595 2.98 -17.96 19.30
N LEU A 596 2.56 -18.36 20.50
CA LEU A 596 1.85 -17.48 21.40
C LEU A 596 2.69 -17.24 22.65
N LEU A 597 2.72 -16.00 23.11
CA LEU A 597 3.56 -15.57 24.22
C LEU A 597 2.66 -15.19 25.38
N ARG A 598 2.88 -15.81 26.53
CA ARG A 598 2.00 -15.64 27.66
C ARG A 598 2.53 -14.52 28.56
N SER A 599 1.60 -13.77 29.15
CA SER A 599 1.99 -12.68 30.04
C SER A 599 2.16 -13.17 31.46
N GLN A 600 3.21 -12.73 32.09
CA GLN A 600 3.63 -13.05 33.44
C GLN A 600 3.07 -12.04 34.44
N PRO A 601 2.60 -12.50 35.60
CA PRO A 601 2.11 -11.56 36.61
C PRO A 601 3.25 -10.76 37.21
N VAL A 602 3.00 -9.47 37.42
CA VAL A 602 4.01 -8.53 37.88
C VAL A 602 3.90 -8.40 39.39
N LEU A 603 5.04 -8.37 40.07
CA LEU A 603 5.10 -8.18 41.50
C LEU A 603 5.97 -6.97 41.83
N ARG A 604 5.66 -6.32 42.93
CA ARG A 604 6.46 -5.21 43.45
C ARG A 604 6.76 -5.44 44.92
N VAL A 605 7.91 -4.92 45.37
CA VAL A 605 8.42 -5.19 46.70
C VAL A 605 8.45 -3.89 47.49
N LYS A 606 7.98 -3.94 48.73
CA LYS A 606 7.94 -2.81 49.64
C LYS A 606 8.82 -3.13 50.84
N ALA A 607 9.80 -2.28 51.12
CA ALA A 607 10.78 -2.49 52.17
C ALA A 607 10.62 -1.45 53.26
N ILE A 608 10.48 -1.91 54.50
CA ILE A 608 10.35 -1.03 55.66
C ILE A 608 11.41 -1.44 56.67
N MET A 609 12.27 -0.49 57.04
CA MET A 609 13.39 -0.73 57.95
C MET A 609 13.19 0.17 59.16
N GLU A 610 12.71 -0.39 60.27
CA GLU A 610 12.35 0.38 61.45
C GLU A 610 13.11 -0.13 62.67
N PHE A 611 13.68 0.80 63.44
CA PHE A 611 14.39 0.49 64.68
C PHE A 611 13.65 1.15 65.82
N ASN A 612 13.27 0.38 66.85
CA ASN A 612 12.86 1.05 68.09
C ASN A 612 14.01 1.81 68.74
N PRO A 613 15.27 1.25 68.86
CA PRO A 613 16.36 2.14 69.31
C PRO A 613 16.94 2.99 68.17
N ARG A 614 16.09 3.81 67.57
CA ARG A 614 16.54 4.84 66.64
C ARG A 614 17.19 6.01 67.35
N GLU A 615 17.08 6.08 68.67
CA GLU A 615 17.68 7.14 69.43
C GLU A 615 19.19 6.91 69.52
N VAL A 616 19.95 8.00 69.41
CA VAL A 616 21.40 7.92 69.45
C VAL A 616 21.87 7.41 70.80
N ALA A 617 21.36 8.05 71.86
CA ALA A 617 21.51 7.80 73.31
C ALA A 617 22.92 8.08 73.82
N ARG A 618 23.90 8.04 72.92
CA ARG A 618 25.25 8.57 73.05
C ARG A 618 25.94 8.15 74.36
N ASN A 619 25.55 7.01 74.93
CA ASN A 619 26.18 6.48 76.13
C ASN A 619 27.60 6.02 75.85
N VAL A 620 27.84 5.58 74.62
CA VAL A 620 29.09 4.91 74.25
C VAL A 620 30.27 5.87 74.27
N PHE A 621 30.04 7.17 74.10
CA PHE A 621 31.16 8.13 74.12
C PHE A 621 31.56 8.52 75.53
N GLU A 622 31.69 7.56 76.45
CA GLU A 622 32.25 7.76 77.77
C GLU A 622 33.04 6.51 78.17
N CYS A 623 33.83 6.00 77.24
CA CYS A 623 34.53 4.74 77.46
C CYS A 623 35.60 4.89 78.54
N ASN A 624 35.63 3.92 79.46
CA ASN A 624 36.49 3.95 80.62
C ASN A 624 37.87 3.35 80.35
N ASP A 625 38.29 3.36 79.08
CA ASP A 625 39.61 2.98 78.59
C ASP A 625 39.90 1.48 78.78
N GLN A 626 38.85 0.67 78.96
CA GLN A 626 38.97 -0.77 78.97
C GLN A 626 39.04 -1.26 77.52
N VAL A 627 39.20 -2.58 77.32
CA VAL A 627 39.23 -3.14 75.97
C VAL A 627 37.87 -2.95 75.29
N VAL A 628 37.88 -2.24 74.17
CA VAL A 628 36.65 -1.77 73.53
C VAL A 628 36.14 -2.85 72.59
N LYS A 629 34.91 -3.29 72.82
CA LYS A 629 34.22 -4.27 72.00
C LYS A 629 32.83 -3.71 71.69
N GLY A 630 32.19 -4.26 70.67
CA GLY A 630 30.80 -3.94 70.40
C GLY A 630 29.88 -4.38 71.53
N LYS A 631 29.24 -3.41 72.17
CA LYS A 631 28.39 -3.62 73.34
C LYS A 631 26.98 -3.10 73.04
N GLU A 632 26.01 -3.57 73.82
CA GLU A 632 24.63 -3.12 74.01
C GLU A 632 23.69 -3.72 72.96
N ALA A 633 22.39 -3.69 73.26
CA ALA A 633 21.40 -4.36 72.44
C ALA A 633 21.22 -3.64 71.11
N GLY A 634 20.77 -4.41 70.13
CA GLY A 634 20.75 -4.00 68.74
C GLY A 634 19.44 -4.23 68.01
N GLU A 635 18.30 -3.92 68.66
CA GLU A 635 16.98 -4.20 68.10
C GLU A 635 16.79 -3.57 66.72
N VAL A 636 16.31 -4.39 65.79
CA VAL A 636 16.23 -4.11 64.36
C VAL A 636 14.90 -4.68 63.88
N ARG A 637 14.23 -4.00 62.96
CA ARG A 637 13.10 -4.69 62.34
C ARG A 637 13.10 -4.42 60.84
N VAL A 638 13.07 -5.49 60.05
CA VAL A 638 13.18 -5.45 58.59
C VAL A 638 12.00 -6.24 58.04
N CYS A 639 10.97 -5.54 57.56
CA CYS A 639 9.78 -6.17 57.01
C CYS A 639 9.77 -5.98 55.50
N LEU A 640 9.52 -7.06 54.76
CA LEU A 640 9.34 -6.96 53.31
C LEU A 640 7.96 -7.46 52.92
N HIS A 641 7.22 -6.62 52.20
CA HIS A 641 5.91 -6.97 51.67
C HIS A 641 5.99 -7.00 50.15
N VAL A 642 5.51 -8.08 49.54
CA VAL A 642 5.45 -8.22 48.09
C VAL A 642 3.98 -8.36 47.71
N GLN A 643 3.53 -7.55 46.76
CA GLN A 643 2.13 -7.49 46.39
C GLN A 643 2.02 -7.57 44.86
N LYS A 644 0.82 -7.84 44.37
CA LYS A 644 0.56 -8.00 42.96
C LYS A 644 0.23 -6.66 42.33
N SER A 645 0.94 -6.31 41.26
CA SER A 645 0.60 -5.15 40.45
C SER A 645 -0.31 -5.50 39.30
N THR A 646 -0.75 -6.77 39.21
CA THR A 646 -1.58 -7.26 38.12
C THR A 646 -2.76 -8.03 38.73
N ARG A 647 -3.92 -7.92 38.10
CA ARG A 647 -5.11 -8.67 38.48
C ARG A 647 -5.27 -9.82 37.49
N ASP A 648 -5.37 -11.04 38.00
CA ASP A 648 -5.55 -12.22 37.15
C ASP A 648 -6.77 -12.95 37.71
N ARG A 649 -7.39 -13.91 36.99
CA ARG A 649 -8.34 -14.86 37.62
C ARG A 649 -7.80 -16.12 38.24
N LEU A 650 -6.48 -16.28 38.37
CA LEU A 650 -5.85 -17.21 39.27
C LEU A 650 -6.51 -17.20 40.65
N ARG A 651 -6.22 -18.22 41.47
CA ARG A 651 -6.66 -18.22 42.84
C ARG A 651 -5.88 -17.24 43.73
N GLU A 652 -4.67 -16.85 43.31
CA GLU A 652 -3.70 -15.95 43.92
C GLU A 652 -3.12 -16.45 45.24
N GLY A 653 -3.58 -17.58 45.77
CA GLY A 653 -2.93 -18.19 46.90
C GLY A 653 -1.64 -18.92 46.55
N GLN A 654 -1.49 -19.36 45.31
CA GLN A 654 -0.23 -19.95 44.88
C GLN A 654 0.59 -18.93 44.09
N ILE A 655 1.15 -17.97 44.82
CA ILE A 655 2.14 -17.05 44.25
C ILE A 655 3.33 -17.07 45.20
N GLN A 656 4.27 -17.96 44.93
CA GLN A 656 5.49 -18.09 45.71
C GLN A 656 6.63 -17.37 44.99
N SER A 657 7.60 -16.92 45.77
CA SER A 657 8.70 -16.14 45.23
C SER A 657 9.88 -16.20 46.19
N VAL A 658 11.08 -16.16 45.62
CA VAL A 658 12.32 -16.25 46.38
C VAL A 658 13.07 -14.92 46.23
N VAL A 659 13.46 -14.32 47.35
CA VAL A 659 14.10 -13.01 47.39
C VAL A 659 15.41 -13.16 48.15
N THR A 660 16.44 -12.41 47.75
CA THR A 660 17.76 -12.45 48.36
C THR A 660 18.10 -11.08 48.95
N TYR A 661 18.27 -11.02 50.27
CA TYR A 661 18.64 -9.80 51.01
C TYR A 661 20.14 -9.59 50.95
N ASP A 662 20.60 -8.36 50.66
CA ASP A 662 21.99 -7.98 50.93
C ASP A 662 22.00 -6.71 51.77
N LEU A 663 22.63 -6.78 52.94
CA LEU A 663 22.65 -5.67 53.91
C LEU A 663 24.07 -5.14 54.10
N ALA A 664 24.20 -3.81 54.18
CA ALA A 664 25.48 -3.15 54.38
C ALA A 664 25.35 -1.98 55.34
N LEU A 665 26.30 -1.85 56.26
CA LEU A 665 26.31 -0.82 57.28
C LEU A 665 27.48 0.13 57.09
N ASP A 666 27.19 1.43 57.05
CA ASP A 666 28.17 2.52 56.85
C ASP A 666 29.04 2.28 55.62
N SER A 667 28.37 1.97 54.52
CA SER A 667 29.05 1.80 53.24
C SER A 667 29.63 3.13 52.75
N GLY A 668 30.74 3.05 52.03
CA GLY A 668 31.40 4.23 51.52
C GLY A 668 32.49 4.80 52.40
N ARG A 669 32.82 4.15 53.52
CA ARG A 669 33.92 4.54 54.38
C ARG A 669 34.86 3.36 54.55
N PRO A 670 36.16 3.61 54.81
CA PRO A 670 37.15 2.50 54.82
C PRO A 670 36.90 1.44 55.86
N HIS A 671 36.54 1.82 57.08
CA HIS A 671 36.08 0.88 58.10
C HIS A 671 34.74 1.37 58.62
N SER A 672 33.81 0.44 58.83
CA SER A 672 32.48 0.82 59.24
C SER A 672 32.43 1.14 60.73
N ARG A 673 31.32 1.72 61.15
CA ARG A 673 31.06 2.00 62.56
C ARG A 673 30.11 0.97 63.17
N ALA A 674 29.85 -0.13 62.47
CA ALA A 674 28.93 -1.14 62.94
C ALA A 674 29.23 -2.46 62.25
N VAL A 675 28.96 -3.57 62.95
CA VAL A 675 29.09 -4.92 62.44
C VAL A 675 27.88 -5.72 62.91
N PHE A 676 27.67 -6.89 62.30
CA PHE A 676 26.47 -7.62 62.67
C PHE A 676 26.82 -8.62 63.77
N ASN A 677 25.81 -9.39 64.21
CA ASN A 677 25.95 -10.34 65.31
C ASN A 677 26.90 -11.48 64.96
N GLU A 678 26.86 -11.95 63.72
CA GLU A 678 27.49 -13.21 63.32
C GLU A 678 28.72 -13.04 62.45
N THR A 679 28.65 -12.18 61.44
CA THR A 679 29.70 -12.14 60.41
C THR A 679 30.98 -11.46 60.90
N LYS A 680 30.87 -10.54 61.86
CA LYS A 680 31.97 -9.71 62.39
C LYS A 680 32.62 -8.84 61.32
N ARG A 681 31.94 -8.62 60.21
CA ARG A 681 32.30 -7.63 59.19
C ARG A 681 31.04 -6.88 58.80
N SER A 682 31.16 -5.94 57.87
CA SER A 682 30.02 -5.14 57.45
C SER A 682 29.43 -5.68 56.15
N THR A 683 28.83 -6.87 56.25
CA THR A 683 28.22 -7.54 55.10
C THR A 683 27.23 -8.58 55.61
N ARG A 684 26.10 -8.69 54.91
CA ARG A 684 25.06 -9.66 55.25
C ARG A 684 24.37 -10.09 53.97
N ARG A 685 24.10 -11.39 53.84
CA ARG A 685 23.30 -11.91 52.74
C ARG A 685 22.36 -12.99 53.25
N GLN A 686 21.05 -12.81 52.99
CA GLN A 686 20.02 -13.74 53.42
C GLN A 686 19.14 -14.09 52.24
N THR A 687 18.75 -15.35 52.13
CA THR A 687 17.73 -15.79 51.19
C THR A 687 16.51 -16.24 51.97
N GLN A 688 15.32 -15.96 51.43
CA GLN A 688 14.09 -16.32 52.13
C GLN A 688 12.93 -16.38 51.14
N VAL A 689 12.20 -17.48 51.15
CA VAL A 689 11.01 -17.62 50.30
C VAL A 689 9.85 -16.86 50.93
N LEU A 690 9.16 -16.06 50.12
CA LEU A 690 8.15 -15.15 50.62
C LEU A 690 6.86 -15.30 49.83
N GLY A 691 5.74 -15.27 50.54
CA GLY A 691 4.43 -15.16 49.92
C GLY A 691 4.07 -13.71 49.67
N LEU A 692 2.77 -13.46 49.57
CA LEU A 692 2.30 -12.10 49.37
C LEU A 692 1.96 -11.39 50.66
N THR A 693 2.19 -12.02 51.81
CA THR A 693 1.99 -11.40 53.11
C THR A 693 3.33 -10.97 53.68
N GLN A 694 3.29 -9.97 54.56
CA GLN A 694 4.52 -9.33 55.03
C GLN A 694 5.25 -10.27 55.98
N THR A 695 6.51 -10.57 55.67
CA THR A 695 7.34 -11.40 56.53
C THR A 695 8.45 -10.52 57.10
N CYS A 696 8.50 -10.43 58.42
CA CYS A 696 9.37 -9.48 59.07
C CYS A 696 10.32 -10.21 60.01
N GLU A 697 11.56 -9.74 60.06
CA GLU A 697 12.64 -10.42 60.76
C GLU A 697 13.45 -9.43 61.58
N THR A 698 13.60 -9.72 62.87
CA THR A 698 14.42 -8.89 63.75
C THR A 698 15.87 -9.35 63.72
N LEU A 699 16.79 -8.39 63.77
CA LEU A 699 18.22 -8.67 63.66
C LEU A 699 18.97 -8.01 64.82
N LYS A 700 20.27 -8.30 64.90
CA LYS A 700 21.14 -7.78 65.95
C LYS A 700 22.33 -7.08 65.31
N LEU A 701 22.46 -5.77 65.53
CA LEU A 701 23.64 -5.03 65.13
C LEU A 701 24.57 -4.87 66.32
N GLN A 702 25.84 -4.58 66.03
CA GLN A 702 26.85 -4.38 67.06
C GLN A 702 27.60 -3.09 66.79
N LEU A 703 27.66 -2.22 67.81
CA LEU A 703 28.31 -0.92 67.72
C LEU A 703 29.50 -0.88 68.66
N PRO A 704 30.74 -0.68 68.17
CA PRO A 704 31.86 -0.43 69.08
C PRO A 704 31.67 0.88 69.83
N ASN A 705 32.07 0.90 71.11
CA ASN A 705 31.76 2.03 71.98
C ASN A 705 32.40 3.36 71.58
N CYS A 706 33.72 3.47 71.72
CA CYS A 706 34.42 4.72 71.40
C CYS A 706 34.86 4.71 69.95
N ILE A 707 34.27 5.59 69.17
CA ILE A 707 34.49 5.76 67.74
C ILE A 707 34.64 7.25 67.49
N GLU A 708 34.68 7.65 66.22
CA GLU A 708 34.81 9.06 65.84
C GLU A 708 33.63 9.86 66.38
N ASP A 709 33.85 11.17 66.59
CA ASP A 709 32.83 12.02 67.17
C ASP A 709 31.62 12.10 66.25
N PRO A 710 30.38 12.10 66.79
CA PRO A 710 29.20 11.87 65.95
C PRO A 710 28.89 13.00 64.99
N VAL A 711 29.20 12.76 63.72
CA VAL A 711 28.88 13.68 62.63
C VAL A 711 27.86 13.07 61.68
N SER A 712 28.18 11.91 61.10
CA SER A 712 27.36 11.28 60.06
C SER A 712 26.49 10.18 60.65
N PRO A 713 25.19 10.20 60.37
CA PRO A 713 24.31 9.09 60.78
C PRO A 713 24.67 7.78 60.09
N ILE A 714 24.39 6.68 60.78
CA ILE A 714 24.64 5.34 60.24
C ILE A 714 23.54 4.98 59.25
N VAL A 715 23.93 4.47 58.08
CA VAL A 715 22.97 4.01 57.08
C VAL A 715 23.04 2.49 56.97
N LEU A 716 21.90 1.90 56.64
CA LEU A 716 21.80 0.46 56.39
C LEU A 716 21.14 0.26 55.03
N ARG A 717 21.95 -0.06 54.03
CA ARG A 717 21.46 -0.22 52.67
C ARG A 717 21.01 -1.66 52.42
N LEU A 718 20.08 -1.81 51.48
CA LEU A 718 19.50 -3.11 51.17
C LEU A 718 19.25 -3.18 49.66
N ASN A 719 20.03 -4.00 48.95
CA ASN A 719 19.67 -4.39 47.60
C ASN A 719 19.30 -5.86 47.55
N PHE A 720 18.45 -6.20 46.57
CA PHE A 720 17.67 -7.42 46.67
C PHE A 720 17.53 -7.98 45.26
N SER A 721 17.04 -9.20 45.12
CA SER A 721 16.78 -9.74 43.79
C SER A 721 15.68 -10.78 43.90
N LEU A 722 14.64 -10.62 43.08
CA LEU A 722 13.44 -11.43 43.19
C LEU A 722 13.34 -12.39 42.02
N VAL A 723 13.14 -13.67 42.33
CA VAL A 723 12.88 -14.71 41.33
C VAL A 723 11.59 -15.40 41.76
N GLY A 724 10.51 -15.19 41.00
CA GLY A 724 9.25 -15.83 41.34
C GLY A 724 9.28 -17.31 41.01
N THR A 725 8.85 -18.12 41.95
CA THR A 725 8.75 -19.56 41.71
C THR A 725 7.60 -19.83 40.72
N PRO A 726 7.81 -20.68 39.72
CA PRO A 726 6.75 -20.96 38.74
C PRO A 726 5.58 -21.71 39.36
N LEU A 727 4.41 -21.51 38.75
CA LEU A 727 3.19 -22.08 39.26
C LEU A 727 3.14 -23.57 38.93
N SER A 728 2.56 -24.36 39.84
CA SER A 728 2.45 -25.79 39.60
C SER A 728 1.51 -26.08 38.43
N ALA A 729 0.35 -25.43 38.42
CA ALA A 729 -0.49 -25.42 37.23
C ALA A 729 -0.03 -24.27 36.33
N PHE A 730 -0.82 -23.99 35.29
CA PHE A 730 -0.68 -22.83 34.40
C PHE A 730 0.65 -22.85 33.62
N GLY A 731 1.19 -24.05 33.39
CA GLY A 731 2.36 -24.23 32.56
C GLY A 731 3.67 -23.66 33.07
N ASN A 732 3.90 -23.74 34.38
CA ASN A 732 5.12 -23.29 35.05
C ASN A 732 5.42 -21.81 34.75
N LEU A 733 4.42 -20.97 34.92
CA LEU A 733 4.53 -19.58 34.51
C LEU A 733 5.03 -18.74 35.68
N ARG A 734 6.10 -17.98 35.43
CA ARG A 734 6.92 -17.38 36.47
C ARG A 734 6.54 -15.94 36.71
N PRO A 735 6.17 -15.55 37.94
CA PRO A 735 6.00 -14.12 38.24
C PRO A 735 7.34 -13.39 38.17
N VAL A 736 7.27 -12.13 37.73
CA VAL A 736 8.45 -11.32 37.45
C VAL A 736 8.31 -9.98 38.18
N LEU A 737 9.38 -9.55 38.85
CA LEU A 737 9.45 -8.24 39.45
C LEU A 737 9.37 -7.14 38.38
N ALA A 738 8.78 -6.01 38.75
CA ALA A 738 8.59 -4.90 37.82
C ALA A 738 9.92 -4.32 37.36
N GLU A 739 9.93 -3.81 36.13
CA GLU A 739 11.15 -3.25 35.54
C GLU A 739 11.58 -1.98 36.28
N ASP A 740 10.63 -1.16 36.69
CA ASP A 740 10.88 0.12 37.35
C ASP A 740 10.84 0.01 38.85
N ALA A 741 10.86 -1.21 39.39
CA ALA A 741 10.85 -1.41 40.83
C ALA A 741 12.14 -0.90 41.45
N GLN A 742 12.01 -0.16 42.54
CA GLN A 742 13.18 0.29 43.27
C GLN A 742 13.83 -0.91 43.95
N ARG A 743 15.14 -1.03 43.78
CA ARG A 743 15.86 -2.21 44.25
C ARG A 743 16.93 -1.81 45.29
N LEU A 744 16.96 -0.56 45.73
CA LEU A 744 17.83 -0.10 46.81
C LEU A 744 17.00 0.60 47.87
N PHE A 745 17.30 0.33 49.15
CA PHE A 745 16.59 0.94 50.28
C PHE A 745 17.58 1.28 51.38
N THR A 746 17.57 2.53 51.82
CA THR A 746 18.48 3.03 52.84
C THR A 746 17.71 3.27 54.14
N ALA A 747 18.31 2.87 55.27
CA ALA A 747 17.74 3.10 56.60
C ALA A 747 18.50 4.23 57.29
N LEU A 748 17.81 4.94 58.17
CA LEU A 748 18.38 6.07 58.89
C LEU A 748 18.59 5.70 60.34
N PHE A 749 19.80 5.94 60.85
CA PHE A 749 20.11 5.76 62.26
C PHE A 749 21.07 6.89 62.64
N PRO A 750 20.57 7.89 63.36
CA PRO A 750 21.34 9.11 63.62
C PRO A 750 22.48 8.90 64.62
N PHE A 751 23.48 9.76 64.48
CA PHE A 751 24.54 9.97 65.46
C PHE A 751 24.56 11.41 65.98
N GLN B 1 40.13 26.73 30.48
CA GLN B 1 38.79 26.20 30.25
C GLN B 1 38.09 25.87 31.56
N GLU B 2 37.38 24.74 31.58
CA GLU B 2 36.62 24.31 32.74
C GLU B 2 37.06 22.90 33.12
N CYS B 3 37.12 22.63 34.43
CA CYS B 3 37.39 21.29 34.94
C CYS B 3 36.60 21.08 36.22
N THR B 4 35.96 19.92 36.33
CA THR B 4 35.27 19.51 37.55
C THR B 4 35.86 18.20 38.03
N LYS B 5 36.13 18.12 39.32
CA LYS B 5 36.77 16.97 39.93
C LYS B 5 35.93 16.45 41.10
N PHE B 6 35.79 15.14 41.17
CA PHE B 6 35.19 14.52 42.35
C PHE B 6 35.70 13.10 42.48
N LYS B 7 36.19 12.78 43.69
CA LYS B 7 36.61 11.43 44.10
C LYS B 7 37.68 10.88 43.15
N VAL B 8 38.66 11.74 42.85
CA VAL B 8 39.69 11.41 41.88
C VAL B 8 40.83 10.72 42.62
N SER B 9 41.14 9.50 42.21
CA SER B 9 42.17 8.69 42.85
C SER B 9 43.35 8.40 41.93
N SER B 10 43.37 8.95 40.73
CA SER B 10 44.42 8.60 39.77
C SER B 10 44.56 9.72 38.74
N CYS B 11 45.68 9.67 38.02
CA CYS B 11 45.86 10.59 36.89
C CYS B 11 44.89 10.28 35.78
N ARG B 12 44.60 8.99 35.56
CA ARG B 12 43.65 8.58 34.53
C ARG B 12 42.24 9.10 34.86
N GLU B 13 41.82 8.94 36.12
CA GLU B 13 40.52 9.44 36.54
C GLU B 13 40.44 10.96 36.49
N CYS B 14 41.58 11.64 36.61
CA CYS B 14 41.61 13.09 36.45
C CYS B 14 41.33 13.51 35.01
N ILE B 15 42.00 12.86 34.04
CA ILE B 15 41.81 13.18 32.64
C ILE B 15 40.41 12.80 32.16
N GLU B 16 39.84 11.72 32.73
CA GLU B 16 38.47 11.33 32.40
C GLU B 16 37.45 12.34 32.88
N SER B 17 37.77 13.12 33.92
CA SER B 17 36.81 14.03 34.55
C SER B 17 36.46 15.23 33.67
N GLY B 18 37.21 15.49 32.61
CA GLY B 18 36.92 16.58 31.72
C GLY B 18 38.07 16.86 30.77
N PRO B 19 37.79 17.56 29.67
CA PRO B 19 38.86 17.89 28.72
C PRO B 19 39.77 19.03 29.18
N GLY B 20 39.38 19.78 30.20
CA GLY B 20 40.20 20.85 30.74
C GLY B 20 40.99 20.49 31.98
N CYS B 21 40.97 19.23 32.40
CA CYS B 21 41.63 18.81 33.63
C CYS B 21 43.06 18.37 33.34
N THR B 22 43.99 18.79 34.22
CA THR B 22 45.39 18.43 34.12
C THR B 22 45.87 17.91 35.47
N TRP B 23 47.03 17.26 35.46
CA TRP B 23 47.56 16.57 36.62
C TRP B 23 49.03 16.90 36.80
N CYS B 24 49.39 17.40 37.98
CA CYS B 24 50.78 17.53 38.38
C CYS B 24 51.21 16.32 39.18
N GLN B 25 52.41 15.79 38.88
CA GLN B 25 52.95 14.61 39.54
C GLN B 25 54.16 14.97 40.43
N LYS B 26 54.10 16.13 41.07
CA LYS B 26 55.19 16.60 41.93
C LYS B 26 55.15 15.84 43.26
N LEU B 27 56.33 15.41 43.71
CA LEU B 27 56.44 14.65 44.96
C LEU B 27 56.27 15.56 46.16
N ASN B 28 55.42 15.12 47.11
CA ASN B 28 55.06 15.88 48.32
C ASN B 28 54.48 17.25 47.98
N PHE B 29 53.66 17.31 46.94
CA PHE B 29 52.93 18.53 46.67
C PHE B 29 51.78 18.72 47.66
N THR B 30 51.23 17.62 48.19
CA THR B 30 50.22 17.68 49.23
C THR B 30 50.91 18.05 50.54
N GLY B 31 51.21 19.34 50.67
CA GLY B 31 51.75 19.93 51.88
C GLY B 31 50.90 19.84 53.14
N PRO B 32 49.59 20.18 53.07
CA PRO B 32 48.76 20.02 54.28
C PRO B 32 48.61 18.59 54.79
N GLY B 33 48.75 17.58 53.94
CA GLY B 33 48.44 16.22 54.32
C GLY B 33 47.00 15.82 54.08
N ASP B 34 46.24 16.68 53.42
CA ASP B 34 44.84 16.50 53.11
C ASP B 34 44.71 15.51 51.94
N PRO B 35 43.44 15.09 51.53
CA PRO B 35 43.28 14.22 50.35
C PRO B 35 44.05 14.58 49.08
N ASP B 36 44.42 13.54 48.33
CA ASP B 36 45.23 13.69 47.13
C ASP B 36 44.41 13.99 45.88
N SER B 37 43.10 14.17 46.03
CA SER B 37 42.24 14.65 44.95
C SER B 37 42.48 16.12 44.63
N ILE B 38 43.19 16.86 45.49
CA ILE B 38 43.53 18.25 45.22
C ILE B 38 44.52 18.38 44.07
N ARG B 39 45.25 17.31 43.72
CA ARG B 39 46.27 17.36 42.69
C ARG B 39 45.70 17.58 41.30
N CYS B 40 44.47 17.12 41.06
CA CYS B 40 43.82 17.27 39.77
C CYS B 40 43.16 18.64 39.73
N ASP B 41 43.50 19.46 38.74
CA ASP B 41 42.84 20.77 38.55
C ASP B 41 43.16 21.26 37.14
N THR B 42 42.77 22.48 36.84
CA THR B 42 43.14 23.12 35.59
C THR B 42 44.63 23.41 35.55
N ARG B 43 45.13 23.68 34.34
CA ARG B 43 46.52 24.10 34.20
C ARG B 43 46.86 25.39 34.95
N PRO B 44 46.14 26.52 34.82
CA PRO B 44 46.63 27.77 35.47
C PRO B 44 46.60 27.74 36.99
N GLN B 45 45.64 27.04 37.60
CA GLN B 45 45.66 26.89 39.05
C GLN B 45 46.86 26.07 39.51
N LEU B 46 47.20 25.01 38.78
CA LEU B 46 48.38 24.22 39.13
C LEU B 46 49.68 24.88 38.66
N LEU B 47 49.65 25.62 37.54
CA LEU B 47 50.89 26.20 37.02
C LEU B 47 51.40 27.32 37.92
N MET B 48 50.49 28.12 38.49
CA MET B 48 50.92 29.12 39.46
C MET B 48 51.42 28.46 40.74
N ARG B 49 50.90 27.28 41.07
CA ARG B 49 51.31 26.54 42.26
C ARG B 49 52.41 25.53 41.95
N GLY B 50 53.50 26.02 41.37
CA GLY B 50 54.75 25.27 41.35
C GLY B 50 54.94 24.26 40.24
N CYS B 51 54.07 24.23 39.23
CA CYS B 51 54.31 23.41 38.05
C CYS B 51 54.72 24.27 36.86
N ALA B 52 55.57 23.71 36.01
CA ALA B 52 56.19 24.43 34.89
C ALA B 52 56.08 23.63 33.59
N ALA B 53 54.90 23.03 33.38
CA ALA B 53 54.40 22.42 32.14
C ALA B 53 55.08 21.12 31.74
N ASP B 54 56.23 20.79 32.34
CA ASP B 54 56.78 19.45 32.19
C ASP B 54 56.22 18.53 33.25
N ASP B 55 56.02 19.06 34.45
CA ASP B 55 55.41 18.29 35.52
C ASP B 55 53.92 18.12 35.28
N ILE B 56 53.29 19.09 34.60
CA ILE B 56 51.88 18.97 34.21
C ILE B 56 51.71 17.86 33.18
N MET B 57 50.72 17.01 33.40
CA MET B 57 50.33 15.98 32.44
C MET B 57 49.11 16.50 31.68
N ASP B 58 49.26 16.72 30.37
CA ASP B 58 48.16 17.20 29.54
C ASP B 58 48.19 16.48 28.19
N PRO B 59 47.58 15.29 28.10
CA PRO B 59 47.47 14.63 26.80
C PRO B 59 46.44 15.34 25.92
N THR B 60 46.80 15.59 24.67
CA THR B 60 45.96 16.33 23.75
C THR B 60 45.67 15.45 22.54
N SER B 61 44.47 15.59 21.98
CA SER B 61 44.06 14.81 20.82
C SER B 61 44.91 15.14 19.60
N LEU B 62 45.16 14.13 18.77
CA LEU B 62 46.15 14.24 17.72
C LEU B 62 45.62 13.64 16.42
N ALA B 63 46.09 14.18 15.30
CA ALA B 63 45.86 13.61 13.97
C ALA B 63 47.21 13.37 13.30
N GLU B 64 47.36 12.18 12.72
CA GLU B 64 48.58 11.77 12.03
C GLU B 64 48.27 11.48 10.56
N THR B 65 49.13 11.95 9.67
CA THR B 65 48.99 11.70 8.24
C THR B 65 50.09 10.76 7.77
N GLN B 66 49.70 9.69 7.10
CA GLN B 66 50.62 8.68 6.56
C GLN B 66 50.30 8.40 5.10
N GLU B 67 50.25 9.46 4.29
CA GLU B 67 49.78 9.37 2.90
C GLU B 67 50.72 8.48 2.08
N ASP B 68 50.14 7.63 1.24
CA ASP B 68 50.94 6.76 0.39
C ASP B 68 51.68 7.61 -0.65
N HIS B 69 52.95 7.29 -0.87
CA HIS B 69 53.77 8.03 -1.80
C HIS B 69 53.85 7.26 -3.13
N ASN B 70 53.37 7.90 -4.20
CA ASN B 70 53.36 7.28 -5.51
C ASN B 70 53.39 8.38 -6.55
N GLY B 71 53.79 8.01 -7.76
CA GLY B 71 53.81 8.96 -8.86
C GLY B 71 52.40 9.38 -9.24
N GLY B 72 52.24 10.67 -9.54
CA GLY B 72 50.92 11.22 -9.74
C GLY B 72 50.25 11.56 -8.43
N GLN B 73 48.98 11.95 -8.54
CA GLN B 73 48.22 12.48 -7.42
C GLN B 73 46.79 11.98 -7.51
N LYS B 74 46.39 11.17 -6.54
CA LYS B 74 45.05 10.60 -6.52
C LYS B 74 44.02 11.70 -6.20
N GLN B 75 42.77 11.41 -6.55
CA GLN B 75 41.74 12.45 -6.46
C GLN B 75 41.23 12.67 -5.04
N LEU B 76 41.73 11.95 -4.04
CA LEU B 76 41.30 12.19 -2.66
C LEU B 76 42.46 11.87 -1.74
N SER B 77 42.94 12.86 -1.00
CA SER B 77 44.08 12.73 -0.10
C SER B 77 43.78 13.43 1.22
N PRO B 78 44.35 12.95 2.34
CA PRO B 78 45.19 11.79 2.63
C PRO B 78 44.44 10.48 2.53
N GLN B 79 45.17 9.38 2.46
CA GLN B 79 44.56 8.07 2.29
C GLN B 79 44.42 7.32 3.60
N LYS B 80 45.33 7.54 4.55
CA LYS B 80 45.31 6.93 5.88
C LYS B 80 45.53 8.01 6.93
N VAL B 81 44.66 8.01 7.96
CA VAL B 81 44.74 8.95 9.08
C VAL B 81 44.62 8.15 10.38
N THR B 82 45.48 8.48 11.36
CA THR B 82 45.42 7.89 12.69
C THR B 82 45.05 8.96 13.71
N LEU B 83 44.03 8.69 14.54
CA LEU B 83 43.53 9.63 15.53
C LEU B 83 43.73 9.07 16.92
N TYR B 84 44.28 9.88 17.82
CA TYR B 84 44.32 9.60 19.25
C TYR B 84 43.30 10.53 19.92
N LEU B 85 42.15 10.01 20.32
CA LEU B 85 41.07 10.85 20.84
C LEU B 85 41.03 10.83 22.36
N ARG B 86 41.15 12.04 22.96
CA ARG B 86 40.81 12.32 24.36
C ARG B 86 39.34 12.67 24.47
N PRO B 87 38.63 12.15 25.47
CA PRO B 87 37.21 12.48 25.66
C PRO B 87 36.97 13.97 25.91
N GLY B 88 36.13 14.57 25.06
CA GLY B 88 35.84 15.97 25.13
C GLY B 88 36.68 16.86 24.24
N GLN B 89 37.73 16.32 23.63
CA GLN B 89 38.61 17.09 22.74
C GLN B 89 38.50 16.55 21.32
N ALA B 90 38.30 17.46 20.37
CA ALA B 90 38.14 17.11 18.97
C ALA B 90 39.48 16.98 18.28
N ALA B 91 39.58 16.03 17.36
CA ALA B 91 40.70 15.95 16.43
C ALA B 91 40.26 16.47 15.07
N ALA B 92 41.11 17.27 14.45
CA ALA B 92 40.84 17.82 13.14
C ALA B 92 41.92 17.38 12.16
N PHE B 93 41.48 16.94 10.99
CA PHE B 93 42.38 16.63 9.88
C PHE B 93 41.65 17.00 8.60
N ASN B 94 42.40 17.40 7.59
CA ASN B 94 41.79 18.09 6.46
C ASN B 94 42.06 17.31 5.18
N VAL B 95 41.01 17.10 4.39
CA VAL B 95 40.99 16.16 3.28
C VAL B 95 40.73 16.93 1.98
N THR B 96 41.55 16.66 0.96
CA THR B 96 41.49 17.38 -0.31
C THR B 96 40.99 16.47 -1.44
N PHE B 97 40.09 17.02 -2.26
CA PHE B 97 39.49 16.32 -3.40
C PHE B 97 39.81 17.05 -4.68
N ARG B 98 40.27 16.32 -5.71
CA ARG B 98 40.71 16.90 -6.98
C ARG B 98 40.12 16.11 -8.14
N ARG B 99 39.07 16.65 -8.78
CA ARG B 99 38.36 15.95 -9.86
C ARG B 99 39.26 15.60 -11.04
N ALA B 100 39.26 14.32 -11.41
CA ALA B 100 40.09 13.81 -12.49
C ALA B 100 39.44 14.12 -13.84
N LYS B 101 40.01 13.58 -14.92
CA LYS B 101 39.54 13.84 -16.28
C LYS B 101 38.28 13.03 -16.63
N GLY B 102 37.67 12.36 -15.66
CA GLY B 102 36.59 11.45 -15.95
C GLY B 102 37.14 10.13 -16.43
N TYR B 103 36.23 9.18 -16.60
CA TYR B 103 36.64 7.81 -16.83
C TYR B 103 35.77 7.29 -17.96
N PRO B 104 36.15 6.18 -18.61
CA PRO B 104 35.29 5.61 -19.67
C PRO B 104 33.89 5.29 -19.17
N ILE B 105 32.91 6.00 -19.75
CA ILE B 105 31.54 5.97 -19.25
C ILE B 105 30.85 4.71 -19.73
N ASP B 106 30.31 3.94 -18.79
CA ASP B 106 29.41 2.84 -19.10
C ASP B 106 27.99 3.30 -18.89
N LEU B 107 27.20 3.32 -19.95
CA LEU B 107 25.80 3.72 -19.90
C LEU B 107 24.96 2.51 -20.26
N TYR B 108 24.18 2.01 -19.30
CA TYR B 108 23.21 0.97 -19.53
C TYR B 108 21.85 1.64 -19.60
N TYR B 109 21.17 1.51 -20.71
CA TYR B 109 19.92 2.21 -20.91
C TYR B 109 18.77 1.21 -20.74
N LEU B 110 18.09 1.37 -19.62
CA LEU B 110 17.01 0.50 -19.15
C LEU B 110 15.70 1.20 -19.45
N MET B 111 14.95 0.66 -20.40
CA MET B 111 13.84 1.36 -21.02
C MET B 111 12.50 0.68 -20.74
N ASP B 112 11.50 1.50 -20.42
CA ASP B 112 10.12 1.04 -20.42
C ASP B 112 9.69 0.62 -21.82
N LEU B 113 9.09 -0.57 -21.93
CA LEU B 113 8.49 -1.00 -23.19
C LEU B 113 6.98 -1.18 -23.07
N SER B 114 6.33 -0.40 -22.21
CA SER B 114 4.88 -0.36 -22.23
C SER B 114 4.40 0.35 -23.50
N TYR B 115 3.10 0.21 -23.80
CA TYR B 115 2.58 0.63 -25.09
C TYR B 115 2.62 2.14 -25.27
N SER B 116 2.63 2.90 -24.17
CA SER B 116 2.81 4.34 -24.21
C SER B 116 4.21 4.75 -24.63
N MET B 117 5.16 3.81 -24.67
CA MET B 117 6.53 4.06 -25.09
C MET B 117 6.80 3.55 -26.50
N LEU B 118 5.76 3.38 -27.31
CA LEU B 118 5.92 2.80 -28.65
C LEU B 118 6.70 3.73 -29.57
N ASP B 119 6.31 5.00 -29.63
CA ASP B 119 7.10 5.96 -30.41
C ASP B 119 8.44 6.26 -29.77
N ASP B 120 8.62 5.99 -28.47
CA ASP B 120 9.95 6.14 -27.90
C ASP B 120 10.86 5.00 -28.37
N LEU B 121 10.29 3.82 -28.57
CA LEU B 121 11.10 2.65 -28.92
C LEU B 121 11.68 2.76 -30.32
N ARG B 122 10.91 3.36 -31.25
CA ARG B 122 11.42 3.53 -32.62
C ARG B 122 12.64 4.43 -32.65
N ASN B 123 12.65 5.49 -31.84
CA ASN B 123 13.77 6.43 -31.86
C ASN B 123 15.01 5.88 -31.17
N VAL B 124 14.82 5.15 -30.06
CA VAL B 124 15.96 4.61 -29.31
C VAL B 124 16.67 3.53 -30.11
N LYS B 125 15.91 2.73 -30.88
CA LYS B 125 16.51 1.78 -31.81
C LYS B 125 17.45 2.45 -32.80
N LYS B 126 17.09 3.64 -33.27
CA LYS B 126 17.86 4.35 -34.27
C LYS B 126 18.90 5.29 -33.69
N LEU B 127 18.92 5.49 -32.36
CA LEU B 127 19.89 6.39 -31.75
C LEU B 127 21.32 5.91 -31.98
N GLY B 128 21.60 4.64 -31.62
CA GLY B 128 22.84 3.98 -31.92
C GLY B 128 24.11 4.68 -31.50
N GLY B 129 24.88 5.13 -32.50
CA GLY B 129 26.15 5.80 -32.25
C GLY B 129 26.01 7.19 -31.65
N ASP B 130 24.84 7.81 -31.76
CA ASP B 130 24.60 9.13 -31.17
C ASP B 130 24.75 9.08 -29.66
N LEU B 131 24.28 8.00 -29.04
CA LEU B 131 24.52 7.77 -27.62
C LEU B 131 26.00 7.63 -27.32
N LEU B 132 26.72 6.89 -28.17
CA LEU B 132 28.15 6.68 -27.97
C LEU B 132 28.93 7.97 -28.25
N ARG B 133 28.48 8.73 -29.25
CA ARG B 133 29.14 9.99 -29.64
C ARG B 133 29.08 11.02 -28.52
N ALA B 134 27.93 11.10 -27.83
CA ALA B 134 27.82 11.99 -26.68
C ALA B 134 28.72 11.52 -25.54
N LEU B 135 28.83 10.21 -25.33
CA LEU B 135 29.75 9.70 -24.32
C LEU B 135 31.20 9.97 -24.72
N ASN B 136 31.53 9.82 -26.00
CA ASN B 136 32.89 10.07 -26.48
C ASN B 136 33.22 11.55 -26.54
N GLU B 137 32.24 12.43 -26.37
CA GLU B 137 32.52 13.86 -26.33
C GLU B 137 33.13 14.28 -24.99
N ILE B 138 32.68 13.68 -23.89
CA ILE B 138 33.20 14.04 -22.57
C ILE B 138 34.49 13.27 -22.28
N THR B 139 34.41 11.93 -22.31
CA THR B 139 35.55 11.07 -22.02
C THR B 139 35.72 10.03 -23.13
N GLU B 140 36.93 9.52 -23.27
CA GLU B 140 37.21 8.54 -24.31
C GLU B 140 36.76 7.15 -23.89
N SER B 141 36.65 6.26 -24.89
CA SER B 141 36.36 4.83 -24.72
C SER B 141 35.02 4.58 -24.03
N GLY B 142 33.98 5.32 -24.45
CA GLY B 142 32.65 5.06 -23.95
C GLY B 142 32.08 3.77 -24.50
N ARG B 143 31.07 3.25 -23.79
CA ARG B 143 30.58 1.90 -24.03
C ARG B 143 29.12 1.83 -23.54
N ILE B 144 28.25 1.23 -24.36
CA ILE B 144 26.80 1.35 -24.20
C ILE B 144 26.14 -0.01 -24.09
N GLY B 145 25.00 -0.05 -23.38
CA GLY B 145 24.22 -1.27 -23.24
C GLY B 145 22.74 -0.95 -23.16
N PHE B 146 21.92 -2.01 -23.18
CA PHE B 146 20.48 -1.84 -23.21
C PHE B 146 19.77 -2.91 -22.39
N GLY B 147 18.69 -2.50 -21.73
CA GLY B 147 17.78 -3.40 -21.05
C GLY B 147 16.37 -2.87 -21.14
N SER B 148 15.41 -3.74 -20.81
CA SER B 148 14.00 -3.41 -20.98
C SER B 148 13.17 -4.06 -19.89
N PHE B 149 11.97 -3.51 -19.66
CA PHE B 149 11.26 -3.81 -18.43
C PHE B 149 9.77 -3.60 -18.69
N VAL B 150 8.93 -4.48 -18.15
CA VAL B 150 7.50 -4.23 -17.97
C VAL B 150 7.30 -4.76 -16.55
N ASP B 151 6.06 -4.81 -16.05
CA ASP B 151 5.78 -5.18 -14.66
C ASP B 151 5.83 -6.71 -14.51
N LYS B 152 5.62 -7.18 -13.27
CA LYS B 152 5.55 -8.61 -12.97
C LYS B 152 4.34 -9.25 -13.65
N THR B 153 4.48 -10.53 -13.98
CA THR B 153 3.47 -11.22 -14.77
C THR B 153 2.44 -11.97 -13.92
N VAL B 154 1.84 -11.30 -12.93
CA VAL B 154 0.69 -11.83 -12.22
C VAL B 154 -0.36 -10.71 -12.12
N LEU B 155 -1.59 -11.11 -11.84
CA LEU B 155 -2.63 -10.12 -11.50
C LEU B 155 -2.29 -9.46 -10.18
N PRO B 156 -2.59 -8.15 -10.01
CA PRO B 156 -3.20 -7.26 -11.01
C PRO B 156 -2.18 -6.47 -11.80
N PHE B 157 -0.92 -6.93 -11.81
CA PHE B 157 0.12 -6.13 -12.44
C PHE B 157 0.08 -6.27 -13.96
N VAL B 158 -0.24 -7.47 -14.47
CA VAL B 158 -0.62 -7.65 -15.86
C VAL B 158 -1.89 -8.48 -15.89
N ASN B 159 -2.54 -8.47 -17.06
CA ASN B 159 -3.72 -9.30 -17.31
C ASN B 159 -3.23 -10.72 -17.60
N THR B 160 -3.56 -11.68 -16.73
CA THR B 160 -3.04 -13.03 -16.86
C THR B 160 -3.90 -13.94 -17.72
N HIS B 161 -4.88 -13.39 -18.43
CA HIS B 161 -5.65 -14.18 -19.37
C HIS B 161 -4.75 -14.57 -20.55
N PRO B 162 -4.81 -15.83 -21.00
CA PRO B 162 -3.86 -16.30 -22.04
C PRO B 162 -3.95 -15.58 -23.37
N ASP B 163 -5.14 -15.07 -23.73
CA ASP B 163 -5.26 -14.26 -24.94
C ASP B 163 -4.48 -12.96 -24.81
N LYS B 164 -4.55 -12.33 -23.64
CA LYS B 164 -3.87 -11.06 -23.42
C LYS B 164 -2.44 -11.22 -22.93
N LEU B 165 -2.05 -12.41 -22.45
CA LEU B 165 -0.64 -12.66 -22.23
C LEU B 165 0.11 -12.75 -23.56
N ARG B 166 -0.58 -13.15 -24.62
CA ARG B 166 0.04 -13.25 -25.93
C ARG B 166 0.14 -11.89 -26.60
N ASN B 167 -0.87 -11.04 -26.42
CA ASN B 167 -0.88 -9.69 -26.97
C ASN B 167 -1.40 -8.71 -25.92
N PRO B 168 -0.52 -8.23 -25.03
CA PRO B 168 -0.97 -7.26 -24.01
C PRO B 168 -1.25 -5.87 -24.54
N CYS B 169 -0.84 -5.57 -25.77
CA CYS B 169 -1.08 -4.29 -26.41
C CYS B 169 -2.57 -4.16 -26.73
N PRO B 170 -3.03 -2.97 -27.18
CA PRO B 170 -4.39 -2.89 -27.74
C PRO B 170 -4.57 -3.82 -28.94
N ASN B 171 -5.81 -4.30 -29.10
CA ASN B 171 -6.10 -5.43 -29.99
C ASN B 171 -5.77 -5.18 -31.45
N LYS B 172 -5.72 -3.92 -31.87
CA LYS B 172 -5.36 -3.62 -33.24
C LYS B 172 -3.86 -3.74 -33.49
N GLU B 173 -3.05 -3.55 -32.44
CA GLU B 173 -1.61 -3.71 -32.56
C GLU B 173 -1.22 -5.17 -32.67
N LYS B 174 -0.35 -5.50 -33.64
CA LYS B 174 0.22 -6.83 -33.79
C LYS B 174 1.72 -6.72 -34.09
N GLU B 175 2.41 -5.78 -33.45
CA GLU B 175 3.86 -5.80 -33.38
C GLU B 175 4.24 -5.77 -31.91
N CYS B 176 3.61 -6.65 -31.15
CA CYS B 176 3.63 -6.60 -29.69
C CYS B 176 4.28 -7.85 -29.12
N GLN B 177 5.01 -7.67 -28.02
CA GLN B 177 5.72 -8.65 -27.22
C GLN B 177 4.91 -8.99 -25.98
N PRO B 178 4.97 -10.26 -25.54
CA PRO B 178 4.32 -10.61 -24.27
C PRO B 178 4.95 -9.88 -23.10
N PRO B 179 4.21 -9.70 -22.00
CA PRO B 179 4.77 -8.99 -20.85
C PRO B 179 5.90 -9.77 -20.19
N PHE B 180 6.81 -9.02 -19.58
CA PHE B 180 8.04 -9.57 -19.03
C PHE B 180 8.55 -8.62 -17.96
N ALA B 181 9.28 -9.16 -16.99
CA ALA B 181 9.75 -8.31 -15.90
C ALA B 181 11.00 -7.54 -16.32
N PHE B 182 12.07 -8.25 -16.64
CA PHE B 182 13.32 -7.63 -17.04
C PHE B 182 14.00 -8.52 -18.08
N ARG B 183 14.43 -7.90 -19.17
CA ARG B 183 15.21 -8.57 -20.21
C ARG B 183 16.52 -7.82 -20.40
N HIS B 184 17.63 -8.53 -20.24
CA HIS B 184 18.93 -7.99 -20.60
C HIS B 184 19.16 -8.23 -22.09
N VAL B 185 19.22 -7.15 -22.85
CA VAL B 185 19.23 -7.21 -24.30
C VAL B 185 20.64 -7.12 -24.87
N LEU B 186 21.39 -6.08 -24.50
CA LEU B 186 22.70 -5.85 -25.07
C LEU B 186 23.74 -5.72 -23.96
N LYS B 187 24.76 -6.57 -24.02
CA LYS B 187 25.93 -6.45 -23.17
C LYS B 187 26.72 -5.21 -23.57
N LEU B 188 27.42 -4.60 -22.60
CA LEU B 188 28.10 -3.31 -22.81
C LEU B 188 29.19 -3.42 -23.88
N THR B 189 29.03 -2.63 -24.95
CA THR B 189 29.91 -2.69 -26.11
C THR B 189 30.09 -1.28 -26.69
N ASN B 190 31.25 -1.07 -27.31
CA ASN B 190 31.50 0.12 -28.10
C ASN B 190 31.00 -0.02 -29.53
N ASN B 191 30.42 -1.18 -29.87
CA ASN B 191 29.92 -1.44 -31.22
C ASN B 191 28.47 -0.98 -31.27
N SER B 192 28.25 0.17 -31.91
CA SER B 192 26.90 0.69 -32.10
C SER B 192 26.07 -0.17 -33.05
N ASN B 193 26.73 -0.98 -33.89
CA ASN B 193 26.01 -1.78 -34.87
C ASN B 193 25.29 -2.95 -34.22
N GLN B 194 25.88 -3.54 -33.17
CA GLN B 194 25.20 -4.60 -32.44
C GLN B 194 24.04 -4.04 -31.64
N PHE B 195 24.14 -2.79 -31.20
CA PHE B 195 23.06 -2.12 -30.51
C PHE B 195 21.83 -1.98 -31.41
N GLN B 196 22.05 -1.59 -32.67
CA GLN B 196 20.94 -1.33 -33.58
C GLN B 196 20.20 -2.61 -33.92
N THR B 197 20.92 -3.71 -34.12
CA THR B 197 20.30 -4.97 -34.49
C THR B 197 19.61 -5.65 -33.30
N GLU B 198 20.21 -5.59 -32.12
CA GLU B 198 19.63 -6.30 -30.97
C GLU B 198 18.47 -5.54 -30.35
N VAL B 199 18.56 -4.22 -30.26
CA VAL B 199 17.42 -3.42 -29.79
C VAL B 199 16.33 -3.42 -30.86
N GLY B 200 16.71 -3.52 -32.13
CA GLY B 200 15.75 -3.51 -33.22
C GLY B 200 14.82 -4.71 -33.24
N LYS B 201 15.27 -5.86 -32.72
CA LYS B 201 14.43 -7.03 -32.63
C LYS B 201 13.40 -6.95 -31.50
N GLN B 202 13.56 -6.02 -30.57
CA GLN B 202 12.69 -5.96 -29.41
C GLN B 202 11.37 -5.31 -29.78
N LEU B 203 10.27 -5.94 -29.38
CA LEU B 203 8.94 -5.47 -29.69
C LEU B 203 8.34 -4.73 -28.50
N ILE B 204 7.40 -3.83 -28.78
CA ILE B 204 6.72 -3.12 -27.71
C ILE B 204 5.80 -4.10 -26.96
N SER B 205 5.41 -3.73 -25.74
CA SER B 205 4.60 -4.61 -24.91
C SER B 205 3.51 -3.78 -24.27
N GLY B 206 2.82 -4.37 -23.29
CA GLY B 206 1.79 -3.65 -22.55
C GLY B 206 1.65 -4.28 -21.18
N ASN B 207 1.02 -3.54 -20.29
CA ASN B 207 0.56 -4.08 -19.01
C ASN B 207 -0.75 -3.40 -18.62
N LEU B 208 -1.19 -3.78 -17.42
CA LEU B 208 -2.52 -3.43 -16.90
C LEU B 208 -2.54 -2.18 -16.01
N ASP B 209 -1.74 -2.16 -14.94
CA ASP B 209 -1.75 -1.01 -14.06
C ASP B 209 -0.70 0.02 -14.48
N ALA B 210 -0.94 1.26 -14.05
CA ALA B 210 0.00 2.35 -14.37
C ALA B 210 1.38 2.18 -13.73
N PRO B 211 1.55 1.86 -12.43
CA PRO B 211 2.91 1.62 -11.93
C PRO B 211 3.49 0.34 -12.50
N GLU B 212 4.81 0.32 -12.63
CA GLU B 212 5.50 -0.76 -13.31
C GLU B 212 6.66 -1.25 -12.45
N GLY B 213 7.31 -2.31 -12.90
CA GLY B 213 8.35 -2.95 -12.10
C GLY B 213 9.76 -2.55 -12.48
N GLY B 214 9.97 -1.26 -12.74
CA GLY B 214 11.29 -0.78 -13.15
C GLY B 214 12.34 -0.88 -12.07
N LEU B 215 11.95 -0.66 -10.81
CA LEU B 215 12.87 -0.81 -9.69
C LEU B 215 13.31 -2.25 -9.50
N ASP B 216 12.44 -3.20 -9.85
CA ASP B 216 12.82 -4.60 -9.79
C ASP B 216 13.88 -4.92 -10.83
N ALA B 217 13.79 -4.29 -12.00
CA ALA B 217 14.80 -4.44 -13.04
C ALA B 217 16.11 -3.75 -12.67
N MET B 218 16.03 -2.60 -11.99
CA MET B 218 17.24 -1.90 -11.56
C MET B 218 18.02 -2.69 -10.53
N MET B 219 17.33 -3.46 -9.69
CA MET B 219 18.01 -4.35 -8.76
C MET B 219 18.78 -5.44 -9.50
N GLN B 220 18.19 -5.99 -10.57
CA GLN B 220 18.86 -7.03 -11.34
C GLN B 220 20.05 -6.50 -12.12
N VAL B 221 19.98 -5.25 -12.59
CA VAL B 221 21.13 -4.62 -13.24
C VAL B 221 22.28 -4.47 -12.25
N ALA B 222 21.97 -4.05 -11.02
CA ALA B 222 23.01 -3.85 -10.03
C ALA B 222 23.50 -5.16 -9.40
N ALA B 223 22.66 -6.20 -9.36
CA ALA B 223 23.05 -7.45 -8.74
C ALA B 223 23.68 -8.44 -9.71
N CYS B 224 23.74 -8.14 -11.01
CA CYS B 224 24.30 -9.04 -12.01
C CYS B 224 25.40 -8.33 -12.79
N PRO B 225 26.56 -8.09 -12.17
CA PRO B 225 27.60 -7.32 -12.87
C PRO B 225 28.27 -8.09 -13.99
N GLU B 226 28.31 -9.42 -13.94
CA GLU B 226 28.95 -10.19 -15.00
C GLU B 226 28.08 -10.24 -16.26
N GLU B 227 26.76 -10.37 -16.09
CA GLU B 227 25.87 -10.42 -17.25
C GLU B 227 25.73 -9.06 -17.91
N ILE B 228 25.60 -8.00 -17.11
CA ILE B 228 25.58 -6.64 -17.67
C ILE B 228 26.95 -6.28 -18.23
N GLY B 229 28.01 -6.72 -17.55
CA GLY B 229 29.35 -6.43 -18.00
C GLY B 229 29.88 -5.09 -17.55
N TRP B 230 29.60 -4.69 -16.31
CA TRP B 230 30.00 -3.39 -15.79
C TRP B 230 31.51 -3.33 -15.65
N ARG B 231 32.16 -2.50 -16.48
CA ARG B 231 33.50 -2.05 -16.14
C ARG B 231 33.40 -1.13 -14.93
N ASN B 232 34.46 -1.10 -14.13
CA ASN B 232 34.43 -0.37 -12.86
C ASN B 232 34.30 1.14 -13.07
N VAL B 233 34.82 1.63 -14.18
CA VAL B 233 34.89 3.05 -14.44
C VAL B 233 33.54 3.60 -14.91
N THR B 234 33.04 4.63 -14.19
CA THR B 234 31.86 5.45 -14.49
C THR B 234 30.64 4.61 -14.90
N ARG B 235 30.11 3.92 -13.89
CA ARG B 235 28.88 3.16 -14.09
C ARG B 235 27.69 4.10 -14.07
N LEU B 236 26.87 4.04 -15.12
CA LEU B 236 25.67 4.88 -15.24
C LEU B 236 24.50 4.07 -15.76
N LEU B 237 23.33 4.31 -15.18
CA LEU B 237 22.12 3.55 -15.47
C LEU B 237 21.00 4.50 -15.87
N VAL B 238 20.72 4.58 -17.18
CA VAL B 238 19.62 5.39 -17.68
C VAL B 238 18.32 4.62 -17.50
N PHE B 239 17.32 5.28 -16.92
CA PHE B 239 16.03 4.70 -16.55
C PHE B 239 14.93 5.50 -17.25
N ALA B 240 14.48 5.05 -18.42
CA ALA B 240 13.50 5.81 -19.19
C ALA B 240 12.13 5.19 -19.07
N THR B 241 11.16 5.99 -18.62
CA THR B 241 9.80 5.55 -18.43
C THR B 241 8.88 6.76 -18.46
N ASP B 242 7.59 6.49 -18.62
CA ASP B 242 6.56 7.52 -18.54
C ASP B 242 5.51 7.22 -17.47
N ASP B 243 5.83 6.34 -16.53
CA ASP B 243 4.88 5.93 -15.50
C ASP B 243 5.58 5.85 -14.16
N GLY B 244 4.78 5.56 -13.14
CA GLY B 244 5.29 5.30 -11.81
C GLY B 244 5.91 3.92 -11.70
N PHE B 245 6.35 3.61 -10.49
CA PHE B 245 7.08 2.39 -10.22
C PHE B 245 6.51 1.69 -9.00
N HIS B 246 6.42 0.36 -9.09
CA HIS B 246 6.15 -0.41 -7.90
C HIS B 246 7.41 -0.54 -7.07
N PHE B 247 7.22 -0.87 -5.79
CA PHE B 247 8.29 -0.90 -4.81
C PHE B 247 7.77 -1.85 -3.72
N ALA B 248 8.54 -2.06 -2.66
CA ALA B 248 8.27 -3.16 -1.73
C ALA B 248 6.93 -3.00 -1.03
N GLY B 249 6.19 -4.12 -0.92
CA GLY B 249 4.87 -4.16 -0.37
C GLY B 249 3.76 -4.22 -1.42
N ASP B 250 4.05 -3.79 -2.65
CA ASP B 250 3.03 -3.83 -3.71
C ASP B 250 2.75 -5.27 -4.14
N GLY B 251 3.71 -6.17 -3.96
CA GLY B 251 3.55 -7.55 -4.38
C GLY B 251 2.51 -8.33 -3.60
N LYS B 252 2.06 -7.80 -2.46
CA LYS B 252 1.02 -8.45 -1.67
C LYS B 252 -0.29 -8.60 -2.44
N LEU B 253 -0.58 -7.65 -3.34
CA LEU B 253 -1.78 -7.73 -4.17
C LEU B 253 -1.74 -8.94 -5.10
N GLY B 254 -0.55 -9.36 -5.53
CA GLY B 254 -0.40 -10.55 -6.33
C GLY B 254 0.04 -11.75 -5.52
N ALA B 255 -0.18 -11.68 -4.20
CA ALA B 255 0.19 -12.72 -3.23
C ALA B 255 1.68 -13.05 -3.27
N ILE B 256 2.49 -12.02 -3.49
CA ILE B 256 3.95 -12.16 -3.52
C ILE B 256 4.49 -11.51 -2.25
N LEU B 257 4.91 -12.33 -1.29
CA LEU B 257 5.24 -11.84 0.03
C LEU B 257 6.70 -12.06 0.42
N THR B 258 7.48 -12.72 -0.43
CA THR B 258 8.89 -12.89 -0.14
C THR B 258 9.66 -11.63 -0.55
N PRO B 259 10.44 -11.03 0.36
CA PRO B 259 11.17 -9.80 0.02
C PRO B 259 12.26 -10.07 -1.01
N ASN B 260 12.63 -9.01 -1.72
CA ASN B 260 13.75 -9.07 -2.67
C ASN B 260 15.04 -9.33 -1.91
N ASP B 261 15.79 -10.33 -2.38
CA ASP B 261 16.99 -10.81 -1.71
C ASP B 261 18.26 -10.10 -2.17
N GLY B 262 18.15 -9.19 -3.14
CA GLY B 262 19.34 -8.52 -3.65
C GLY B 262 20.27 -9.40 -4.45
N ARG B 263 19.80 -10.56 -4.91
CA ARG B 263 20.63 -11.49 -5.65
C ARG B 263 20.35 -11.41 -7.15
N CYS B 264 21.27 -11.99 -7.92
CA CYS B 264 21.12 -12.08 -9.36
C CYS B 264 20.22 -13.26 -9.71
N HIS B 265 19.20 -13.00 -10.52
CA HIS B 265 18.32 -14.08 -10.96
C HIS B 265 18.08 -14.03 -12.46
N LEU B 266 19.07 -13.55 -13.22
CA LEU B 266 18.99 -13.60 -14.67
C LEU B 266 19.21 -15.03 -15.15
N GLU B 267 18.16 -15.61 -15.72
CA GLU B 267 18.21 -16.91 -16.38
C GLU B 267 17.73 -16.70 -17.80
N ASP B 268 18.59 -17.03 -18.77
CA ASP B 268 18.39 -16.74 -20.20
C ASP B 268 18.21 -15.24 -20.44
N ASN B 269 18.94 -14.43 -19.66
CA ASN B 269 18.88 -12.96 -19.66
C ASN B 269 17.48 -12.42 -19.34
N LEU B 270 16.69 -13.22 -18.61
CA LEU B 270 15.34 -12.86 -18.20
C LEU B 270 15.17 -13.07 -16.71
N TYR B 271 14.47 -12.15 -16.06
CA TYR B 271 14.13 -12.30 -14.65
C TYR B 271 12.79 -13.02 -14.57
N LYS B 272 12.84 -14.33 -14.83
CA LYS B 272 11.72 -15.25 -14.76
C LYS B 272 11.27 -15.49 -13.32
N ARG B 273 12.07 -15.06 -12.35
CA ARG B 273 11.83 -15.27 -10.93
C ARG B 273 11.14 -14.06 -10.30
N SER B 274 10.57 -13.16 -11.11
CA SER B 274 9.90 -11.97 -10.58
C SER B 274 8.62 -12.31 -9.83
N ASN B 275 7.93 -13.37 -10.23
CA ASN B 275 6.73 -13.75 -9.50
C ASN B 275 7.06 -14.31 -8.13
N GLU B 276 8.28 -14.81 -7.93
CA GLU B 276 8.67 -15.38 -6.65
C GLU B 276 9.02 -14.32 -5.61
N PHE B 277 9.58 -13.17 -6.01
CA PHE B 277 10.01 -12.16 -5.05
C PHE B 277 9.29 -10.84 -5.23
N ASP B 278 9.13 -10.12 -4.12
CA ASP B 278 8.51 -8.80 -4.12
C ASP B 278 9.46 -7.78 -4.76
N TYR B 279 8.91 -6.62 -5.07
CA TYR B 279 9.70 -5.49 -5.55
C TYR B 279 10.65 -5.01 -4.45
N PRO B 280 11.79 -4.42 -4.81
CA PRO B 280 12.68 -3.87 -3.79
C PRO B 280 12.12 -2.60 -3.18
N SER B 281 12.62 -2.27 -1.98
CA SER B 281 12.33 -0.95 -1.44
C SER B 281 13.31 0.07 -2.02
N VAL B 282 13.03 1.35 -1.76
CA VAL B 282 13.91 2.41 -2.24
C VAL B 282 15.27 2.35 -1.55
N GLY B 283 15.26 2.17 -0.22
CA GLY B 283 16.52 2.06 0.51
C GLY B 283 17.30 0.80 0.19
N GLN B 284 16.61 -0.30 -0.11
CA GLN B 284 17.29 -1.53 -0.52
C GLN B 284 18.01 -1.34 -1.84
N LEU B 285 17.37 -0.66 -2.80
CA LEU B 285 18.01 -0.39 -4.07
C LEU B 285 19.13 0.64 -3.91
N ALA B 286 18.91 1.65 -3.06
CA ALA B 286 19.91 2.70 -2.85
C ALA B 286 21.18 2.15 -2.20
N HIS B 287 21.05 1.13 -1.35
CA HIS B 287 22.22 0.48 -0.78
C HIS B 287 23.02 -0.28 -1.83
N LYS B 288 22.32 -1.04 -2.69
CA LYS B 288 23.01 -1.83 -3.71
C LYS B 288 23.64 -0.94 -4.78
N LEU B 289 23.01 0.19 -5.10
CA LEU B 289 23.58 1.13 -6.07
C LEU B 289 24.86 1.78 -5.52
N ALA B 290 24.90 2.08 -4.23
CA ALA B 290 26.08 2.70 -3.64
C ALA B 290 27.24 1.72 -3.51
N GLU B 291 26.94 0.43 -3.30
CA GLU B 291 28.00 -0.58 -3.23
C GLU B 291 28.68 -0.76 -4.58
N ASN B 292 27.89 -0.93 -5.64
CA ASN B 292 28.43 -1.19 -6.97
C ASN B 292 28.75 0.09 -7.74
N ASN B 293 28.60 1.25 -7.10
CA ASN B 293 28.98 2.57 -7.64
C ASN B 293 28.23 2.89 -8.93
N ILE B 294 26.96 2.50 -8.99
CA ILE B 294 26.12 2.74 -10.16
C ILE B 294 25.26 3.96 -9.89
N GLN B 295 25.36 4.97 -10.76
CA GLN B 295 24.65 6.22 -10.54
C GLN B 295 23.49 6.31 -11.52
N PRO B 296 22.25 6.27 -11.05
CA PRO B 296 21.11 6.27 -11.98
C PRO B 296 20.86 7.64 -12.61
N ILE B 297 20.39 7.61 -13.85
CA ILE B 297 19.87 8.77 -14.53
C ILE B 297 18.42 8.48 -14.88
N PHE B 298 17.50 9.18 -14.21
CA PHE B 298 16.08 8.93 -14.38
C PHE B 298 15.53 9.84 -15.47
N ALA B 299 15.26 9.27 -16.64
CA ALA B 299 14.72 10.01 -17.78
C ALA B 299 13.22 9.78 -17.82
N VAL B 300 12.48 10.58 -17.07
CA VAL B 300 11.04 10.40 -16.92
C VAL B 300 10.33 11.60 -17.50
N THR B 301 9.06 11.41 -17.85
CA THR B 301 8.28 12.48 -18.45
C THR B 301 7.88 13.51 -17.40
N SER B 302 7.25 14.59 -17.89
CA SER B 302 7.06 15.81 -17.11
C SER B 302 6.16 15.60 -15.90
N ARG B 303 5.11 14.79 -16.05
CA ARG B 303 4.22 14.48 -14.94
C ARG B 303 4.88 13.59 -13.88
N MET B 304 6.03 13.00 -14.18
CA MET B 304 6.74 12.15 -13.24
C MET B 304 7.99 12.81 -12.67
N VAL B 305 8.30 14.05 -13.09
CA VAL B 305 9.57 14.68 -12.72
C VAL B 305 9.63 14.97 -11.23
N LYS B 306 8.58 15.60 -10.69
CA LYS B 306 8.59 15.93 -9.27
C LYS B 306 8.48 14.70 -8.38
N THR B 307 7.87 13.63 -8.90
CA THR B 307 7.85 12.37 -8.14
C THR B 307 9.23 11.75 -8.06
N TYR B 308 9.95 11.64 -9.18
CA TYR B 308 11.26 11.01 -9.08
C TYR B 308 12.32 11.98 -8.57
N GLU B 309 12.01 13.27 -8.48
CA GLU B 309 12.94 14.23 -7.87
C GLU B 309 13.12 13.95 -6.39
N LYS B 310 12.10 13.36 -5.74
CA LYS B 310 12.17 13.01 -4.33
C LYS B 310 13.21 11.92 -4.06
N LEU B 311 13.59 11.13 -5.07
CA LEU B 311 14.53 10.04 -4.88
C LEU B 311 15.96 10.51 -4.64
N THR B 312 16.28 11.76 -4.99
CA THR B 312 17.64 12.25 -4.87
C THR B 312 18.09 12.45 -3.42
N GLU B 313 17.16 12.52 -2.46
CA GLU B 313 17.55 12.52 -1.05
C GLU B 313 17.98 11.13 -0.57
N ILE B 314 17.34 10.07 -1.08
CA ILE B 314 17.73 8.73 -0.65
C ILE B 314 18.86 8.17 -1.51
N ILE B 315 18.87 8.48 -2.80
CA ILE B 315 19.99 8.10 -3.65
C ILE B 315 20.76 9.40 -3.94
N PRO B 316 21.87 9.65 -3.22
CA PRO B 316 22.57 10.93 -3.41
C PRO B 316 23.18 11.10 -4.80
N LYS B 317 23.67 10.01 -5.39
CA LYS B 317 24.28 10.08 -6.72
C LYS B 317 23.26 9.62 -7.77
N SER B 318 22.28 10.49 -7.99
CA SER B 318 21.23 10.23 -8.98
C SER B 318 20.80 11.56 -9.58
N ALA B 319 20.16 11.47 -10.75
CA ALA B 319 19.73 12.67 -11.46
C ALA B 319 18.43 12.37 -12.20
N VAL B 320 17.65 13.42 -12.44
CA VAL B 320 16.32 13.33 -13.04
C VAL B 320 16.29 14.24 -14.27
N GLY B 321 15.81 13.72 -15.39
CA GLY B 321 15.67 14.51 -16.60
C GLY B 321 14.32 14.30 -17.25
N GLU B 322 13.83 15.37 -17.89
CA GLU B 322 12.52 15.34 -18.51
C GLU B 322 12.56 14.60 -19.86
N LEU B 323 11.63 13.66 -20.04
CA LEU B 323 11.50 12.89 -21.28
C LEU B 323 10.37 13.47 -22.11
N SER B 324 10.54 13.43 -23.43
CA SER B 324 9.64 14.14 -24.35
C SER B 324 8.50 13.28 -24.90
N GLU B 325 8.20 12.13 -24.28
CA GLU B 325 7.15 11.17 -24.64
C GLU B 325 7.35 10.52 -26.01
N ASP B 326 8.47 10.78 -26.70
CA ASP B 326 8.82 10.04 -27.90
C ASP B 326 10.30 9.70 -27.94
N SER B 327 11.03 9.93 -26.84
CA SER B 327 12.49 9.81 -26.72
C SER B 327 13.23 10.63 -27.77
N SER B 328 12.61 11.68 -28.29
CA SER B 328 13.28 12.69 -29.09
C SER B 328 14.00 13.71 -28.22
N ASN B 329 13.89 13.55 -26.90
CA ASN B 329 14.63 14.34 -25.93
C ASN B 329 16.12 14.30 -26.23
N VAL B 330 16.79 15.44 -26.02
CA VAL B 330 18.22 15.53 -26.25
C VAL B 330 18.96 14.59 -25.31
N VAL B 331 20.01 13.96 -25.84
CA VAL B 331 21.00 13.28 -25.01
C VAL B 331 21.88 14.28 -24.27
N HIS B 332 21.74 15.57 -24.60
CA HIS B 332 22.20 16.66 -23.76
C HIS B 332 21.61 16.61 -22.35
N LEU B 333 20.35 16.18 -22.18
CA LEU B 333 19.83 15.95 -20.82
C LEU B 333 20.59 14.83 -20.13
N ILE B 334 20.91 13.75 -20.85
CA ILE B 334 21.75 12.70 -20.28
C ILE B 334 23.15 13.25 -20.04
N LYS B 335 23.62 14.12 -20.93
CA LYS B 335 24.92 14.76 -20.76
C LYS B 335 24.89 15.77 -19.60
N ASN B 336 23.83 16.56 -19.48
CA ASN B 336 23.74 17.51 -18.37
C ASN B 336 23.52 16.80 -17.04
N ALA B 337 22.90 15.61 -17.05
CA ALA B 337 22.76 14.82 -15.83
C ALA B 337 24.11 14.37 -15.31
N TYR B 338 25.00 13.93 -16.21
CA TYR B 338 26.37 13.58 -15.83
C TYR B 338 27.12 14.80 -15.30
N ASN B 339 26.87 15.98 -15.88
CA ASN B 339 27.51 17.18 -15.38
C ASN B 339 26.98 17.58 -14.00
N LYS B 340 25.69 17.35 -13.74
CA LYS B 340 25.16 17.59 -12.41
C LYS B 340 25.69 16.57 -11.41
N LEU B 341 25.84 15.31 -11.84
CA LEU B 341 26.44 14.29 -11.00
C LEU B 341 27.91 14.59 -10.71
N SER B 342 28.64 15.11 -11.70
CA SER B 342 30.06 15.37 -11.52
C SER B 342 30.35 16.69 -10.80
N SER B 343 29.39 17.62 -10.77
CA SER B 343 29.58 18.82 -9.98
C SER B 343 29.25 18.62 -8.51
N ARG B 344 28.55 17.55 -8.18
CA ARG B 344 28.18 17.25 -6.80
C ARG B 344 29.09 16.15 -6.27
N VAL B 345 29.81 16.45 -5.19
CA VAL B 345 30.62 15.46 -4.50
C VAL B 345 30.16 15.40 -3.05
N PHE B 346 29.88 14.19 -2.58
CA PHE B 346 29.45 13.96 -1.20
C PHE B 346 30.55 13.20 -0.48
N LEU B 347 30.92 13.68 0.71
CA LEU B 347 31.92 13.03 1.53
C LEU B 347 31.22 12.56 2.80
N ASP B 348 31.16 11.24 3.00
CA ASP B 348 30.40 10.67 4.09
C ASP B 348 31.17 9.49 4.67
N HIS B 349 30.74 9.04 5.84
CA HIS B 349 31.34 7.91 6.54
C HIS B 349 30.32 6.81 6.75
N ASN B 350 30.80 5.62 7.08
CA ASN B 350 29.95 4.47 7.35
C ASN B 350 29.38 4.57 8.77
N ALA B 351 28.78 3.48 9.24
CA ALA B 351 28.13 3.47 10.55
C ALA B 351 29.16 3.61 11.67
N LEU B 352 28.82 4.44 12.65
CA LEU B 352 29.69 4.73 13.77
C LEU B 352 28.98 4.41 15.09
N PRO B 353 29.74 4.08 16.14
CA PRO B 353 29.12 3.92 17.45
C PRO B 353 28.66 5.26 18.00
N ASP B 354 27.83 5.19 19.05
CA ASP B 354 27.30 6.39 19.70
C ASP B 354 28.37 7.18 20.45
N THR B 355 29.54 6.59 20.68
CA THR B 355 30.63 7.28 21.35
C THR B 355 31.34 8.30 20.46
N LEU B 356 31.31 8.11 19.14
CA LEU B 356 32.03 8.97 18.21
C LEU B 356 31.07 9.92 17.50
N LYS B 357 31.52 11.16 17.32
CA LYS B 357 30.76 12.19 16.61
C LYS B 357 31.65 12.77 15.52
N VAL B 358 31.10 12.97 14.32
CA VAL B 358 31.88 13.43 13.17
C VAL B 358 31.12 14.56 12.48
N THR B 359 31.80 15.69 12.26
CA THR B 359 31.27 16.82 11.50
C THR B 359 32.13 17.03 10.26
N TYR B 360 31.56 17.66 9.23
CA TYR B 360 32.38 18.02 8.07
C TYR B 360 32.18 19.51 7.79
N ASP B 361 33.30 20.21 7.62
CA ASP B 361 33.30 21.56 7.08
C ASP B 361 33.73 21.47 5.62
N SER B 362 33.00 22.12 4.72
CA SER B 362 33.19 21.94 3.29
C SER B 362 33.62 23.26 2.65
N PHE B 363 34.83 23.28 2.10
CA PHE B 363 35.35 24.45 1.40
C PHE B 363 35.33 24.11 -0.09
N CYS B 364 34.60 24.90 -0.88
CA CYS B 364 34.25 24.52 -2.23
C CYS B 364 34.67 25.61 -3.21
N SER B 365 34.92 25.21 -4.45
CA SER B 365 35.17 26.15 -5.54
C SER B 365 33.83 26.53 -6.14
N ASN B 366 33.38 27.77 -5.88
CA ASN B 366 32.11 28.37 -6.29
C ASN B 366 30.90 27.64 -5.68
N GLY B 367 31.10 26.86 -4.62
CA GLY B 367 30.01 26.17 -3.98
C GLY B 367 29.82 26.53 -2.52
N VAL B 368 30.51 27.61 -2.11
CA VAL B 368 30.42 28.34 -0.84
C VAL B 368 30.98 27.48 0.30
N THR B 369 31.10 28.05 1.50
CA THR B 369 31.72 27.37 2.64
C THR B 369 30.64 26.92 3.62
N HIS B 370 30.67 25.64 3.97
CA HIS B 370 29.74 25.03 4.91
C HIS B 370 30.53 24.57 6.13
N ARG B 371 29.89 24.57 7.30
CA ARG B 371 30.53 24.09 8.51
C ARG B 371 29.55 23.27 9.35
N ASN B 372 30.12 22.33 10.11
CA ASN B 372 29.39 21.45 11.04
C ASN B 372 28.30 20.65 10.33
N GLN B 373 28.66 20.09 9.16
CA GLN B 373 27.66 19.39 8.38
C GLN B 373 27.73 17.89 8.65
N PRO B 374 26.58 17.18 8.55
CA PRO B 374 26.61 15.72 8.69
C PRO B 374 27.39 15.02 7.59
N ARG B 375 27.43 15.60 6.39
CA ARG B 375 28.21 15.05 5.29
C ARG B 375 28.82 16.21 4.51
N GLY B 376 29.94 15.93 3.84
CA GLY B 376 30.54 16.92 2.97
C GLY B 376 29.66 17.21 1.77
N ASP B 377 29.61 18.49 1.38
CA ASP B 377 28.67 18.92 0.35
C ASP B 377 29.29 20.10 -0.39
N CYS B 378 29.72 19.85 -1.63
CA CYS B 378 30.24 20.88 -2.52
C CYS B 378 29.57 20.80 -3.88
N ASP B 379 29.37 21.96 -4.49
CA ASP B 379 28.82 22.06 -5.83
C ASP B 379 29.73 22.94 -6.66
N GLY B 380 29.61 22.82 -7.98
CA GLY B 380 30.50 23.54 -8.87
C GLY B 380 31.92 23.01 -8.90
N VAL B 381 32.09 21.70 -8.71
CA VAL B 381 33.42 21.10 -8.71
C VAL B 381 33.93 20.99 -10.14
N GLN B 382 35.15 21.45 -10.37
CA GLN B 382 35.75 21.48 -11.69
C GLN B 382 36.93 20.51 -11.76
N ILE B 383 37.28 20.11 -12.98
CA ILE B 383 38.37 19.17 -13.21
C ILE B 383 39.70 19.82 -12.84
N ASN B 384 40.51 19.09 -12.07
CA ASN B 384 41.85 19.51 -11.62
C ASN B 384 41.79 20.79 -10.79
N VAL B 385 40.71 20.97 -10.04
CA VAL B 385 40.55 22.08 -9.11
C VAL B 385 40.39 21.49 -7.71
N PRO B 386 41.38 21.63 -6.83
CA PRO B 386 41.27 21.04 -5.50
C PRO B 386 40.23 21.74 -4.63
N ILE B 387 39.50 20.95 -3.86
CA ILE B 387 38.59 21.43 -2.83
C ILE B 387 38.93 20.69 -1.54
N THR B 388 38.49 21.24 -0.43
CA THR B 388 39.01 20.84 0.88
C THR B 388 37.85 20.62 1.85
N PHE B 389 37.89 19.50 2.58
CA PHE B 389 36.85 19.12 3.54
C PHE B 389 37.46 18.89 4.91
N GLN B 390 37.00 19.62 5.92
CA GLN B 390 37.55 19.51 7.28
C GLN B 390 36.69 18.57 8.10
N VAL B 391 37.27 17.43 8.48
CA VAL B 391 36.59 16.46 9.33
C VAL B 391 37.00 16.69 10.77
N LYS B 392 36.03 16.82 11.66
CA LYS B 392 36.26 16.94 13.10
C LYS B 392 35.63 15.75 13.79
N VAL B 393 36.43 14.99 14.54
CA VAL B 393 35.98 13.78 15.21
C VAL B 393 36.14 13.97 16.72
N THR B 394 35.07 13.70 17.46
CA THR B 394 35.06 13.86 18.91
C THR B 394 34.52 12.59 19.57
N ALA B 395 35.26 12.08 20.55
CA ALA B 395 34.81 10.95 21.35
C ALA B 395 34.27 11.44 22.69
N THR B 396 33.24 10.76 23.19
CA THR B 396 32.61 11.13 24.44
C THR B 396 33.06 10.28 25.63
N GLU B 397 33.79 9.18 25.40
CA GLU B 397 34.36 8.40 26.48
C GLU B 397 35.71 7.86 26.04
N CYS B 398 36.35 7.11 26.93
CA CYS B 398 37.58 6.39 26.58
C CYS B 398 37.18 5.25 25.64
N ILE B 399 37.35 5.48 24.35
CA ILE B 399 36.84 4.57 23.35
C ILE B 399 37.78 3.37 23.19
N GLN B 400 37.20 2.23 22.87
CA GLN B 400 37.99 1.08 22.46
C GLN B 400 38.46 1.30 21.02
N GLU B 401 39.57 0.65 20.67
CA GLU B 401 40.25 0.89 19.40
C GLU B 401 39.38 0.44 18.23
N GLN B 402 39.34 1.25 17.17
CA GLN B 402 38.36 1.05 16.12
C GLN B 402 38.86 1.78 14.88
N SER B 403 38.31 1.40 13.73
CA SER B 403 38.61 2.05 12.45
C SER B 403 37.33 2.17 11.64
N PHE B 404 37.24 3.26 10.87
CA PHE B 404 36.14 3.47 9.94
C PHE B 404 36.69 4.10 8.68
N VAL B 405 35.89 4.08 7.61
CA VAL B 405 36.32 4.57 6.32
C VAL B 405 35.48 5.79 5.92
N ILE B 406 36.14 6.77 5.33
CA ILE B 406 35.48 7.91 4.70
C ILE B 406 35.62 7.75 3.19
N ARG B 407 34.51 7.85 2.48
CA ARG B 407 34.45 7.57 1.06
C ARG B 407 33.71 8.71 0.36
N ALA B 408 34.23 9.11 -0.80
CA ALA B 408 33.58 10.11 -1.64
C ALA B 408 32.56 9.39 -2.51
N LEU B 409 31.29 9.73 -2.35
CA LEU B 409 30.21 9.01 -3.01
C LEU B 409 30.27 9.21 -4.52
N GLY B 410 30.00 8.15 -5.26
CA GLY B 410 30.24 8.14 -6.69
C GLY B 410 31.62 7.69 -7.09
N PHE B 411 32.49 7.36 -6.12
CA PHE B 411 33.87 6.97 -6.41
C PHE B 411 34.29 5.84 -5.48
N THR B 412 35.32 5.10 -5.90
CA THR B 412 35.81 3.95 -5.15
C THR B 412 36.84 4.33 -4.10
N ASP B 413 37.25 5.59 -4.04
CA ASP B 413 38.33 6.01 -3.15
C ASP B 413 37.88 6.00 -1.70
N ILE B 414 38.83 5.71 -0.81
CA ILE B 414 38.57 5.49 0.61
C ILE B 414 39.65 6.19 1.43
N VAL B 415 39.25 6.87 2.49
CA VAL B 415 40.16 7.36 3.52
C VAL B 415 39.94 6.51 4.76
N THR B 416 40.89 5.63 5.06
CA THR B 416 40.79 4.78 6.24
C THR B 416 41.25 5.55 7.47
N VAL B 417 40.38 5.69 8.45
CA VAL B 417 40.62 6.51 9.63
C VAL B 417 40.58 5.59 10.84
N GLN B 418 41.75 5.31 11.40
CA GLN B 418 41.86 4.48 12.60
C GLN B 418 41.84 5.38 13.83
N VAL B 419 41.01 5.00 14.82
CA VAL B 419 40.79 5.80 16.01
C VAL B 419 41.32 5.03 17.21
N LEU B 420 42.23 5.65 17.96
CA LEU B 420 42.86 5.14 19.16
C LEU B 420 42.51 6.06 20.33
N PRO B 421 42.48 5.56 21.56
CA PRO B 421 42.15 6.43 22.70
C PRO B 421 43.35 7.18 23.26
N GLN B 422 43.05 8.31 23.90
CA GLN B 422 44.03 9.09 24.65
C GLN B 422 43.42 9.40 26.02
N CYS B 423 43.53 8.43 26.93
CA CYS B 423 43.10 8.59 28.31
C CYS B 423 44.21 8.36 29.31
N GLU B 424 45.28 7.71 28.91
CA GLU B 424 46.43 7.52 29.78
C GLU B 424 47.25 8.79 29.82
N CYS B 425 47.63 9.21 31.03
CA CYS B 425 48.59 10.29 31.21
C CYS B 425 49.99 9.88 30.79
N ARG B 426 50.19 8.56 30.56
CA ARG B 426 51.43 7.99 30.04
C ARG B 426 52.58 8.17 31.01
N CYS B 427 52.26 8.21 32.31
CA CYS B 427 53.21 8.45 33.40
C CYS B 427 54.35 7.44 33.40
N ARG B 428 55.42 7.81 34.09
CA ARG B 428 56.65 7.06 34.03
C ARG B 428 56.60 5.86 34.95
N ASP B 429 57.09 4.72 34.45
CA ASP B 429 57.06 3.47 35.19
C ASP B 429 57.95 3.57 36.42
N GLN B 430 57.42 3.17 37.58
CA GLN B 430 58.33 3.14 38.72
C GLN B 430 58.49 1.72 39.24
N SER B 431 57.50 1.26 40.02
CA SER B 431 57.44 -0.03 40.71
C SER B 431 58.79 -0.57 41.21
N ARG B 432 59.59 0.25 41.90
CA ARG B 432 60.95 -0.11 42.29
C ARG B 432 61.08 -0.19 43.81
N ASP B 433 62.15 -0.86 44.25
CA ASP B 433 62.47 -0.95 45.67
C ASP B 433 62.82 0.41 46.26
N ARG B 434 63.55 1.23 45.50
CA ARG B 434 63.86 2.59 45.95
C ARG B 434 62.60 3.44 46.03
N SER B 435 61.65 3.21 45.12
CA SER B 435 60.40 3.96 45.11
C SER B 435 59.29 3.17 45.80
N LEU B 436 59.45 3.00 47.12
CA LEU B 436 58.43 2.38 47.96
C LEU B 436 58.08 3.35 49.09
N CYS B 437 56.84 3.84 49.08
CA CYS B 437 56.34 4.76 50.09
C CYS B 437 55.90 3.94 51.30
N HIS B 438 56.62 4.07 52.43
CA HIS B 438 56.34 3.29 53.66
C HIS B 438 56.39 1.79 53.37
N GLY B 439 57.24 1.38 52.43
CA GLY B 439 57.41 0.00 52.05
C GLY B 439 56.34 -0.58 51.14
N LYS B 440 55.33 0.18 50.75
CA LYS B 440 54.24 -0.35 49.93
C LYS B 440 53.91 0.63 48.81
N GLY B 441 53.34 0.09 47.73
CA GLY B 441 52.93 0.92 46.63
C GLY B 441 54.09 1.32 45.73
N PHE B 442 53.79 2.24 44.84
CA PHE B 442 54.77 2.80 43.92
C PHE B 442 54.35 4.23 43.64
N LEU B 443 55.20 4.98 42.94
CA LEU B 443 55.04 6.43 42.90
C LEU B 443 53.76 6.85 42.19
N GLU B 444 53.51 6.28 41.00
CA GLU B 444 52.24 6.37 40.23
C GLU B 444 51.74 7.81 40.16
N CYS B 445 52.57 8.64 39.53
CA CYS B 445 52.35 10.07 39.33
C CYS B 445 52.17 10.80 40.68
N GLY B 446 52.85 10.31 41.72
CA GLY B 446 52.77 10.90 43.04
C GLY B 446 51.73 10.30 43.97
N ILE B 447 51.10 9.18 43.62
CA ILE B 447 50.13 8.51 44.48
C ILE B 447 50.67 7.14 44.86
N CYS B 448 50.84 6.91 46.15
CA CYS B 448 51.25 5.59 46.62
C CYS B 448 49.98 4.74 46.74
N ARG B 449 49.78 3.85 45.77
CA ARG B 449 48.57 3.03 45.69
C ARG B 449 48.73 1.78 46.53
N CYS B 450 47.67 1.43 47.26
CA CYS B 450 47.71 0.32 48.20
C CYS B 450 47.79 -1.00 47.45
N ASP B 451 48.63 -1.92 47.94
CA ASP B 451 48.80 -3.21 47.29
C ASP B 451 47.88 -4.26 47.90
N THR B 452 46.59 -3.90 48.04
CA THR B 452 45.57 -4.65 48.78
C THR B 452 46.06 -5.03 50.18
N GLY B 453 46.71 -4.08 50.85
CA GLY B 453 47.26 -4.27 52.17
C GLY B 453 46.31 -3.95 53.31
N TYR B 454 45.10 -3.48 52.97
CA TYR B 454 44.01 -3.16 53.91
C TYR B 454 44.48 -2.07 54.85
N ILE B 455 44.55 -2.27 56.17
CA ILE B 455 44.93 -1.19 57.07
C ILE B 455 46.41 -0.84 56.89
N GLY B 456 46.70 0.45 56.82
CA GLY B 456 48.06 0.90 56.62
C GLY B 456 48.11 2.38 56.29
N LYS B 457 49.31 2.81 55.86
CA LYS B 457 49.58 4.20 55.50
C LYS B 457 49.45 4.40 54.00
N ASN B 458 49.02 5.61 53.61
CA ASN B 458 48.75 6.02 52.22
C ASN B 458 47.73 5.12 51.51
N CYS B 459 46.92 4.39 52.25
CA CYS B 459 46.04 3.38 51.67
C CYS B 459 44.58 3.79 51.85
N MET C 1 -36.98 8.87 -53.82
CA MET C 1 -37.63 7.57 -53.75
C MET C 1 -38.09 7.20 -55.17
N GLN C 2 -37.79 5.99 -55.62
CA GLN C 2 -38.21 5.52 -56.94
C GLN C 2 -38.90 4.17 -56.80
N VAL C 3 -40.21 4.13 -57.05
CA VAL C 3 -41.01 2.91 -57.00
C VAL C 3 -41.76 2.79 -58.33
N GLN C 4 -41.71 1.61 -58.94
CA GLN C 4 -42.35 1.35 -60.22
C GLN C 4 -43.33 0.18 -60.05
N LEU C 5 -44.53 0.32 -60.61
CA LEU C 5 -45.59 -0.67 -60.43
C LEU C 5 -45.97 -1.30 -61.77
N VAL C 6 -46.08 -2.63 -61.80
CA VAL C 6 -46.44 -3.38 -63.00
C VAL C 6 -47.58 -4.35 -62.68
N GLU C 7 -48.66 -4.31 -63.45
CA GLU C 7 -49.81 -5.16 -63.23
C GLU C 7 -49.68 -6.47 -64.01
N THR C 8 -49.95 -7.59 -63.34
CA THR C 8 -49.85 -8.92 -63.94
C THR C 8 -51.11 -9.71 -63.62
N GLY C 9 -51.91 -10.01 -64.64
CA GLY C 9 -53.05 -10.88 -64.44
C GLY C 9 -54.31 -10.52 -65.21
N GLY C 10 -54.32 -9.37 -65.88
CA GLY C 10 -55.50 -8.93 -66.58
C GLY C 10 -55.77 -9.72 -67.85
N GLY C 11 -57.01 -9.64 -68.31
CA GLY C 11 -57.41 -10.32 -69.52
C GLY C 11 -58.91 -10.43 -69.63
N LEU C 12 -59.33 -11.31 -70.54
CA LEU C 12 -60.74 -11.55 -70.81
C LEU C 12 -61.23 -12.72 -69.96
N VAL C 13 -62.43 -12.57 -69.40
CA VAL C 13 -62.97 -13.56 -68.47
C VAL C 13 -64.49 -13.63 -68.65
N GLN C 14 -65.04 -14.83 -68.53
CA GLN C 14 -66.48 -15.03 -68.69
C GLN C 14 -67.19 -14.64 -67.40
N ALA C 15 -68.45 -14.22 -67.53
CA ALA C 15 -69.24 -13.89 -66.35
C ALA C 15 -69.52 -15.13 -65.51
N GLY C 16 -69.40 -14.99 -64.20
CA GLY C 16 -69.42 -16.11 -63.30
C GLY C 16 -68.07 -16.74 -63.07
N GLY C 17 -67.07 -16.39 -63.88
CA GLY C 17 -65.72 -16.92 -63.73
C GLY C 17 -64.93 -16.13 -62.71
N SER C 18 -63.62 -16.34 -62.74
CA SER C 18 -62.73 -15.74 -61.75
C SER C 18 -61.41 -15.34 -62.38
N LEU C 19 -60.71 -14.44 -61.71
CA LEU C 19 -59.44 -13.92 -62.19
C LEU C 19 -58.65 -13.40 -61.00
N ARG C 20 -57.34 -13.62 -61.01
CA ARG C 20 -56.46 -13.11 -59.98
C ARG C 20 -55.49 -12.10 -60.59
N LEU C 21 -55.45 -10.91 -60.00
CA LEU C 21 -54.52 -9.87 -60.40
C LEU C 21 -53.36 -9.83 -59.41
N SER C 22 -52.17 -9.55 -59.94
CA SER C 22 -50.96 -9.50 -59.12
C SER C 22 -50.14 -8.30 -59.58
N CYS C 23 -49.27 -7.83 -58.70
CA CYS C 23 -48.38 -6.74 -59.06
C CYS C 23 -47.17 -6.70 -58.14
N ALA C 24 -45.99 -6.58 -58.74
CA ALA C 24 -44.74 -6.41 -58.01
C ALA C 24 -44.36 -4.92 -58.02
N ALA C 25 -43.77 -4.47 -56.92
CA ALA C 25 -43.25 -3.11 -56.84
C ALA C 25 -41.74 -3.14 -57.04
N SER C 26 -41.25 -2.32 -57.97
CA SER C 26 -39.84 -2.28 -58.33
C SER C 26 -39.13 -1.24 -57.46
N GLY C 27 -38.82 -1.65 -56.23
CA GLY C 27 -38.11 -0.75 -55.34
C GLY C 27 -37.97 -1.32 -53.94
N ASN C 28 -37.60 -0.45 -53.02
CA ASN C 28 -37.39 -0.83 -51.63
C ASN C 28 -38.74 -1.00 -50.95
N ILE C 29 -38.93 -2.14 -50.29
CA ILE C 29 -40.14 -2.41 -49.50
C ILE C 29 -40.28 -1.42 -48.34
N ASN C 30 -39.16 -0.88 -47.85
CA ASN C 30 -39.21 0.15 -46.82
C ASN C 30 -39.72 1.48 -47.34
N SER C 31 -39.71 1.69 -48.67
CA SER C 31 -40.02 2.98 -49.27
C SER C 31 -41.50 3.11 -49.68
N PHE C 32 -42.33 2.14 -49.35
CA PHE C 32 -43.78 2.22 -49.56
C PHE C 32 -44.46 1.33 -48.53
N ASN C 33 -45.66 1.73 -48.11
CA ASN C 33 -46.39 0.95 -47.11
C ASN C 33 -47.76 0.46 -47.55
N ALA C 34 -48.70 1.36 -47.82
CA ALA C 34 -50.07 0.93 -48.06
C ALA C 34 -50.29 0.68 -49.55
N MET C 35 -51.06 -0.35 -49.88
CA MET C 35 -51.30 -0.71 -51.26
C MET C 35 -52.80 -0.88 -51.46
N GLY C 36 -53.25 -0.64 -52.69
CA GLY C 36 -54.65 -0.75 -53.01
C GLY C 36 -54.85 -0.99 -54.49
N TRP C 37 -56.09 -1.32 -54.83
CA TRP C 37 -56.49 -1.57 -56.22
C TRP C 37 -57.60 -0.59 -56.60
N PHE C 38 -57.39 0.17 -57.67
CA PHE C 38 -58.49 0.95 -58.22
C PHE C 38 -58.97 0.31 -59.51
N ARG C 39 -60.17 0.69 -59.94
CA ARG C 39 -60.66 0.31 -61.26
C ARG C 39 -61.34 1.51 -61.90
N GLN C 40 -61.23 1.61 -63.22
CA GLN C 40 -61.85 2.70 -64.00
C GLN C 40 -62.70 2.08 -65.11
N ALA C 41 -64.01 2.07 -64.89
CA ALA C 41 -64.98 1.62 -65.89
C ALA C 41 -65.14 2.71 -66.97
N PRO C 42 -65.68 2.37 -68.14
CA PRO C 42 -65.89 3.40 -69.18
C PRO C 42 -66.82 4.51 -68.74
N GLY C 43 -66.39 5.75 -69.00
CA GLY C 43 -67.13 6.94 -68.61
C GLY C 43 -66.89 7.40 -67.19
N LYS C 44 -66.16 6.63 -66.40
CA LYS C 44 -66.09 6.80 -64.95
C LYS C 44 -64.66 7.14 -64.54
N GLN C 45 -64.52 7.64 -63.31
CA GLN C 45 -63.23 7.92 -62.72
C GLN C 45 -62.75 6.71 -61.93
N ARG C 46 -61.51 6.79 -61.44
CA ARG C 46 -60.88 5.66 -60.77
C ARG C 46 -61.53 5.43 -59.41
N GLU C 47 -62.02 4.21 -59.19
CA GLU C 47 -62.76 3.85 -57.97
C GLU C 47 -61.91 2.89 -57.15
N LEU C 48 -61.66 3.25 -55.90
CA LEU C 48 -61.01 2.33 -54.98
C LEU C 48 -61.97 1.22 -54.58
N VAL C 49 -61.63 -0.01 -54.92
CA VAL C 49 -62.47 -1.16 -54.60
C VAL C 49 -61.87 -2.04 -53.50
N ALA C 50 -60.56 -2.03 -53.30
CA ALA C 50 -59.93 -2.79 -52.24
C ALA C 50 -58.60 -2.15 -51.91
N ALA C 51 -58.32 -2.01 -50.62
CA ALA C 51 -57.06 -1.46 -50.15
C ALA C 51 -56.61 -2.26 -48.93
N ILE C 52 -55.30 -2.34 -48.74
CA ILE C 52 -54.74 -3.12 -47.66
C ILE C 52 -53.58 -2.35 -47.03
N THR C 53 -53.51 -2.37 -45.71
CA THR C 53 -52.36 -1.85 -45.00
C THR C 53 -51.19 -2.83 -45.10
N PHE C 54 -50.03 -2.41 -44.58
CA PHE C 54 -48.87 -3.30 -44.62
C PHE C 54 -49.05 -4.49 -43.70
N GLY C 55 -49.70 -4.29 -42.56
CA GLY C 55 -50.00 -5.34 -41.62
C GLY C 55 -51.19 -6.20 -41.93
N GLY C 56 -51.93 -5.89 -42.99
CA GLY C 56 -53.00 -6.75 -43.46
C GLY C 56 -54.42 -6.32 -43.16
N ARG C 57 -54.63 -5.13 -42.59
CA ARG C 57 -55.98 -4.63 -42.44
C ARG C 57 -56.55 -4.24 -43.80
N THR C 58 -57.78 -4.64 -44.08
CA THR C 58 -58.39 -4.45 -45.39
C THR C 58 -59.63 -3.59 -45.28
N ASN C 59 -59.95 -2.94 -46.41
CA ASN C 59 -61.22 -2.26 -46.61
C ASN C 59 -61.68 -2.55 -48.02
N TYR C 60 -62.97 -2.82 -48.18
CA TYR C 60 -63.55 -3.11 -49.49
C TYR C 60 -64.67 -2.15 -49.80
N ALA C 61 -64.81 -1.82 -51.09
CA ALA C 61 -66.02 -1.15 -51.54
C ALA C 61 -67.21 -2.10 -51.44
N ASP C 62 -68.40 -1.53 -51.24
CA ASP C 62 -69.61 -2.33 -51.07
C ASP C 62 -69.96 -3.10 -52.33
N SER C 63 -69.58 -2.57 -53.50
CA SER C 63 -69.89 -3.22 -54.78
C SER C 63 -69.10 -4.50 -55.02
N VAL C 64 -68.05 -4.77 -54.23
CA VAL C 64 -67.21 -5.94 -54.43
C VAL C 64 -67.12 -6.83 -53.20
N LYS C 65 -67.82 -6.49 -52.12
CA LYS C 65 -67.75 -7.28 -50.89
C LYS C 65 -68.37 -8.66 -51.08
N GLY C 66 -67.70 -9.67 -50.52
CA GLY C 66 -68.11 -11.05 -50.68
C GLY C 66 -67.66 -11.69 -51.97
N ARG C 67 -67.08 -10.93 -52.89
CA ARG C 67 -66.62 -11.45 -54.17
C ARG C 67 -65.13 -11.26 -54.40
N PHE C 68 -64.58 -10.13 -53.98
CA PHE C 68 -63.16 -9.85 -54.20
C PHE C 68 -62.41 -9.99 -52.88
N THR C 69 -61.18 -10.46 -52.97
CA THR C 69 -60.30 -10.58 -51.81
C THR C 69 -58.94 -9.98 -52.14
N ILE C 70 -58.49 -9.05 -51.31
CA ILE C 70 -57.17 -8.44 -51.45
C ILE C 70 -56.23 -9.09 -50.43
N SER C 71 -55.02 -9.40 -50.87
CA SER C 71 -54.04 -10.05 -50.03
C SER C 71 -52.64 -9.66 -50.51
N ARG C 72 -51.67 -9.78 -49.62
CA ARG C 72 -50.32 -9.33 -49.93
C ARG C 72 -49.29 -10.30 -49.36
N ASP C 73 -48.10 -10.28 -49.95
CA ASP C 73 -46.95 -11.05 -49.51
C ASP C 73 -45.78 -10.07 -49.48
N ASN C 74 -45.41 -9.62 -48.28
CA ASN C 74 -44.37 -8.62 -48.13
C ASN C 74 -42.99 -9.17 -48.44
N THR C 75 -42.81 -10.50 -48.33
CA THR C 75 -41.53 -11.11 -48.68
C THR C 75 -41.27 -11.08 -50.17
N LYS C 76 -42.30 -10.89 -51.00
CA LYS C 76 -42.16 -10.77 -52.44
C LYS C 76 -42.46 -9.36 -52.94
N GLY C 77 -42.79 -8.44 -52.04
CA GLY C 77 -43.14 -7.08 -52.42
C GLY C 77 -44.39 -6.99 -53.27
N SER C 78 -45.38 -7.84 -53.01
CA SER C 78 -46.50 -8.04 -53.91
C SER C 78 -47.81 -7.90 -53.15
N VAL C 79 -48.86 -7.47 -53.87
CA VAL C 79 -50.22 -7.51 -53.38
C VAL C 79 -51.08 -8.13 -54.48
N TYR C 80 -52.14 -8.82 -54.07
CA TYR C 80 -52.92 -9.66 -54.97
C TYR C 80 -54.40 -9.29 -54.85
N LEU C 81 -55.14 -9.52 -55.92
CA LEU C 81 -56.59 -9.31 -55.93
C LEU C 81 -57.25 -10.54 -56.56
N GLN C 82 -57.86 -11.38 -55.73
CA GLN C 82 -58.62 -12.53 -56.21
C GLN C 82 -60.05 -12.10 -56.43
N MET C 83 -60.48 -12.09 -57.69
CA MET C 83 -61.81 -11.63 -58.09
C MET C 83 -62.66 -12.84 -58.43
N ASN C 84 -63.63 -13.14 -57.57
CA ASN C 84 -64.55 -14.25 -57.82
C ASN C 84 -65.93 -13.71 -58.18
N SER C 85 -66.71 -14.57 -58.84
CA SER C 85 -68.10 -14.29 -59.24
C SER C 85 -68.21 -13.03 -60.08
N LEU C 86 -67.37 -12.94 -61.11
CA LEU C 86 -67.26 -11.74 -61.92
C LEU C 86 -68.52 -11.50 -62.75
N LYS C 87 -68.82 -10.21 -62.92
CA LYS C 87 -70.01 -9.67 -63.55
C LYS C 87 -69.59 -8.73 -64.66
N PRO C 88 -70.42 -8.52 -65.68
CA PRO C 88 -70.06 -7.56 -66.74
C PRO C 88 -69.86 -6.13 -66.25
N GLU C 89 -70.48 -5.77 -65.11
CA GLU C 89 -70.28 -4.47 -64.48
C GLU C 89 -68.89 -4.31 -63.87
N ASP C 90 -68.13 -5.40 -63.73
CA ASP C 90 -66.75 -5.35 -63.25
C ASP C 90 -65.75 -5.05 -64.35
N THR C 91 -66.21 -4.88 -65.59
CA THR C 91 -65.32 -4.54 -66.70
C THR C 91 -64.76 -3.12 -66.51
N ALA C 92 -63.43 -3.04 -66.45
CA ALA C 92 -62.72 -1.80 -66.15
C ALA C 92 -61.25 -2.05 -66.45
N VAL C 93 -60.48 -0.96 -66.51
CA VAL C 93 -59.03 -1.04 -66.39
C VAL C 93 -58.73 -0.99 -64.90
N TYR C 94 -58.03 -1.99 -64.38
CA TYR C 94 -57.74 -2.00 -62.95
C TYR C 94 -56.33 -1.51 -62.73
N TYR C 95 -56.17 -0.57 -61.80
CA TYR C 95 -54.85 -0.08 -61.42
C TYR C 95 -54.51 -0.59 -60.03
N CYS C 96 -53.23 -0.87 -59.81
CA CYS C 96 -52.71 -0.93 -58.46
C CYS C 96 -52.09 0.41 -58.09
N ALA C 97 -52.26 0.79 -56.84
CA ALA C 97 -51.64 1.99 -56.30
C ALA C 97 -50.93 1.64 -55.01
N ALA C 98 -49.88 2.41 -54.71
CA ALA C 98 -49.17 2.27 -53.46
C ALA C 98 -48.87 3.66 -52.91
N SER C 99 -48.76 3.74 -51.59
CA SER C 99 -48.44 4.99 -50.92
C SER C 99 -47.13 4.82 -50.15
N GLU C 100 -46.41 5.93 -50.02
CA GLU C 100 -45.29 5.98 -49.08
C GLU C 100 -45.77 5.82 -47.65
N ASN C 101 -46.99 6.26 -47.36
CA ASN C 101 -47.56 6.23 -46.03
C ASN C 101 -48.49 5.04 -45.89
N ASN C 102 -49.04 4.86 -44.69
CA ASN C 102 -49.78 3.65 -44.36
C ASN C 102 -51.29 3.89 -44.21
N LEU C 103 -51.82 4.92 -44.85
CA LEU C 103 -53.24 5.19 -44.75
C LEU C 103 -53.99 4.56 -45.92
N LEU C 104 -55.23 4.18 -45.67
CA LEU C 104 -56.08 3.51 -46.66
C LEU C 104 -56.82 4.48 -47.56
N THR C 105 -56.77 5.78 -47.28
CA THR C 105 -57.53 6.76 -48.05
C THR C 105 -56.69 7.97 -48.45
N GLY C 106 -55.38 7.89 -48.35
CA GLY C 106 -54.54 9.04 -48.52
C GLY C 106 -53.35 8.77 -49.43
N VAL C 107 -52.97 9.84 -50.15
CA VAL C 107 -51.76 10.09 -50.96
C VAL C 107 -51.35 8.89 -51.79
N TRP C 108 -52.14 8.53 -52.80
CA TRP C 108 -51.77 7.38 -53.64
C TRP C 108 -51.00 7.89 -54.86
N HIS C 109 -49.76 8.30 -54.60
CA HIS C 109 -48.88 8.85 -55.63
C HIS C 109 -48.41 7.78 -56.60
N TYR C 110 -47.96 6.64 -56.09
CA TYR C 110 -47.46 5.60 -56.98
C TYR C 110 -48.63 4.87 -57.61
N TRP C 111 -48.60 4.78 -58.94
CA TRP C 111 -49.67 4.17 -59.72
C TRP C 111 -49.06 3.24 -60.76
N GLY C 112 -49.70 2.09 -60.96
CA GLY C 112 -49.39 1.29 -62.11
C GLY C 112 -50.01 1.85 -63.37
N ARG C 113 -49.61 1.31 -64.51
CA ARG C 113 -50.19 1.77 -65.77
C ARG C 113 -51.53 1.09 -66.06
N GLY C 114 -51.91 0.10 -65.26
CA GLY C 114 -53.21 -0.53 -65.39
C GLY C 114 -53.19 -1.72 -66.32
N THR C 115 -54.18 -2.60 -66.11
CA THR C 115 -54.40 -3.73 -66.98
C THR C 115 -55.90 -3.86 -67.23
N GLN C 116 -56.25 -4.28 -68.45
CA GLN C 116 -57.65 -4.37 -68.84
C GLN C 116 -58.25 -5.69 -68.36
N VAL C 117 -59.40 -5.60 -67.70
CA VAL C 117 -60.23 -6.76 -67.37
C VAL C 117 -61.58 -6.54 -68.02
N THR C 118 -61.95 -7.43 -68.94
CA THR C 118 -63.22 -7.36 -69.64
C THR C 118 -64.02 -8.61 -69.33
N VAL C 119 -65.21 -8.43 -68.79
CA VAL C 119 -66.08 -9.53 -68.41
C VAL C 119 -67.23 -9.59 -69.39
N SER C 120 -67.35 -10.70 -70.10
CA SER C 120 -68.36 -10.88 -71.14
C SER C 120 -69.57 -11.60 -70.58
N SER C 121 -70.76 -11.18 -71.02
CA SER C 121 -72.02 -11.73 -70.52
C SER C 121 -72.23 -13.18 -70.94
#